data_8BL6
# 
_entry.id   8BL6 
# 
_audit_conform.dict_name       mmcif_pdbx.dic 
_audit_conform.dict_version    5.379 
_audit_conform.dict_location   http://mmcif.pdb.org/dictionaries/ascii/mmcif_pdbx.dic 
# 
loop_
_database_2.database_id 
_database_2.database_code 
_database_2.pdbx_database_accession 
_database_2.pdbx_DOI 
PDB   8BL6         pdb_00008bl6 10.2210/pdb8bl6/pdb 
WWPDB D_1292126616 ?            ?                   
# 
_pdbx_database_related.db_name        PDB 
_pdbx_database_related.details        . 
_pdbx_database_related.db_id          8BL3 
_pdbx_database_related.content_type   unspecified 
# 
_pdbx_database_status.status_code                     REL 
_pdbx_database_status.status_code_sf                  REL 
_pdbx_database_status.status_code_mr                  ? 
_pdbx_database_status.entry_id                        8BL6 
_pdbx_database_status.recvd_initial_deposition_date   2022-11-09 
_pdbx_database_status.SG_entry                        N 
_pdbx_database_status.deposit_site                    PDBE 
_pdbx_database_status.process_site                    PDBE 
_pdbx_database_status.status_code_cs                  ? 
_pdbx_database_status.status_code_nmr_data            ? 
_pdbx_database_status.methods_development_category    ? 
_pdbx_database_status.pdb_format_compatible           Y 
# 
loop_
_audit_author.name 
_audit_author.pdbx_ordinal 
_audit_author.identifier_ORCID 
'Nadal, M.'       1 0000-0002-5033-9761 
'Roel-Touris, J.' 2 0000-0002-6588-624X 
'Marcos, E.'      3 0000-0001-8736-4082 
# 
_citation.abstract                  ? 
_citation.abstract_id_CAS           ? 
_citation.book_id_ISBN              ? 
_citation.book_publisher            ? 
_citation.book_publisher_city       ? 
_citation.book_title                ? 
_citation.coordinate_linkage        ? 
_citation.country                   UK 
_citation.database_id_Medline       ? 
_citation.details                   ? 
_citation.id                        primary 
_citation.journal_abbrev            'Nat Commun' 
_citation.journal_id_ASTM           ? 
_citation.journal_id_CSD            ? 
_citation.journal_id_ISSN           2041-1723 
_citation.journal_full              ? 
_citation.journal_issue             ? 
_citation.journal_volume            14 
_citation.language                  ? 
_citation.page_first                5939 
_citation.page_last                 5939 
_citation.title                     
'Single-chain dimers from de novo immunoglobulins as robust scaffolds for multiple binding loops.' 
_citation.year                      2023 
_citation.database_id_CSD           ? 
_citation.pdbx_database_id_DOI      10.1038/s41467-023-41717-5 
_citation.pdbx_database_id_PubMed   37741853 
_citation.pdbx_database_id_patent   ? 
_citation.unpublished_flag          ? 
# 
loop_
_citation_author.citation_id 
_citation_author.name 
_citation_author.ordinal 
_citation_author.identifier_ORCID 
primary 'Roel-Touris, J.' 1 ?                   
primary 'Nadal, M.'       2 0000-0002-5033-9761 
primary 'Marcos, E.'      3 0000-0001-8736-4082 
# 
_cell.angle_alpha                  90.00 
_cell.angle_alpha_esd              ? 
_cell.angle_beta                   90.00 
_cell.angle_beta_esd               ? 
_cell.angle_gamma                  90.00 
_cell.angle_gamma_esd              ? 
_cell.entry_id                     8BL6 
_cell.details                      ? 
_cell.formula_units_Z              ? 
_cell.length_a                     73.841 
_cell.length_a_esd                 ? 
_cell.length_b                     73.841 
_cell.length_b_esd                 ? 
_cell.length_c                     96.245 
_cell.length_c_esd                 ? 
_cell.volume                       ? 
_cell.volume_esd                   ? 
_cell.Z_PDB                        8 
_cell.reciprocal_angle_alpha       ? 
_cell.reciprocal_angle_beta        ? 
_cell.reciprocal_angle_gamma       ? 
_cell.reciprocal_angle_alpha_esd   ? 
_cell.reciprocal_angle_beta_esd    ? 
_cell.reciprocal_angle_gamma_esd   ? 
_cell.reciprocal_length_a          ? 
_cell.reciprocal_length_b          ? 
_cell.reciprocal_length_c          ? 
_cell.reciprocal_length_a_esd      ? 
_cell.reciprocal_length_b_esd      ? 
_cell.reciprocal_length_c_esd      ? 
_cell.pdbx_unique_axis             ? 
_cell.pdbx_esd_method              ? 
# 
_symmetry.entry_id                         8BL6 
_symmetry.cell_setting                     ? 
_symmetry.Int_Tables_number                96 
_symmetry.space_group_name_Hall            ? 
_symmetry.space_group_name_H-M             'P 43 21 2' 
_symmetry.pdbx_full_space_group_name_H-M   ? 
# 
loop_
_entity.id 
_entity.type 
_entity.src_method 
_entity.pdbx_description 
_entity.formula_weight 
_entity.pdbx_number_of_molecules 
_entity.pdbx_ec 
_entity.pdbx_mutation 
_entity.pdbx_fragment 
_entity.details 
1 polymer     syn dIG14-scdim-EF62   20141.209 1 ? ? ? ? 
2 non-polymer syn GLYCEROL           92.094    1 ? ? ? ? 
3 non-polymer syn 'TERBIUM(III) ION' 158.925   3 ? ? ? ? 
# 
_entity_poly.entity_id                      1 
_entity_poly.type                           'polypeptide(L)' 
_entity_poly.nstd_linkage                   no 
_entity_poly.nstd_monomer                   no 
_entity_poly.pdbx_seq_one_letter_code       
;MGSSHHHHHHSSGENLYFQGHMGSGRVEVRVEFEGDKMRVRLRNDSSTPVEVHIKVGDEKRTVTVNPGEEVEVTFSANDP
HKFNRPQFTIEWKDDKDGDGYISAAEKGRVEVRVEFEGDKMRVRLRNDSSTPVEVHIKVGDEKRTVTVNPGEEVEVTFSA
NDPHKFNRPQFTIEWG
;
_entity_poly.pdbx_seq_one_letter_code_can   
;MGSSHHHHHHSSGENLYFQGHMGSGRVEVRVEFEGDKMRVRLRNDSSTPVEVHIKVGDEKRTVTVNPGEEVEVTFSANDP
HKFNRPQFTIEWKDDKDGDGYISAAEKGRVEVRVEFEGDKMRVRLRNDSSTPVEVHIKVGDEKRTVTVNPGEEVEVTFSA
NDPHKFNRPQFTIEWG
;
_entity_poly.pdbx_strand_id                 A 
_entity_poly.pdbx_target_identifier         ? 
# 
loop_
_entity_poly_seq.entity_id 
_entity_poly_seq.num 
_entity_poly_seq.mon_id 
_entity_poly_seq.hetero 
1 1   MET n 
1 2   GLY n 
1 3   SER n 
1 4   SER n 
1 5   HIS n 
1 6   HIS n 
1 7   HIS n 
1 8   HIS n 
1 9   HIS n 
1 10  HIS n 
1 11  SER n 
1 12  SER n 
1 13  GLY n 
1 14  GLU n 
1 15  ASN n 
1 16  LEU n 
1 17  TYR n 
1 18  PHE n 
1 19  GLN n 
1 20  GLY n 
1 21  HIS n 
1 22  MET n 
1 23  GLY n 
1 24  SER n 
1 25  GLY n 
1 26  ARG n 
1 27  VAL n 
1 28  GLU n 
1 29  VAL n 
1 30  ARG n 
1 31  VAL n 
1 32  GLU n 
1 33  PHE n 
1 34  GLU n 
1 35  GLY n 
1 36  ASP n 
1 37  LYS n 
1 38  MET n 
1 39  ARG n 
1 40  VAL n 
1 41  ARG n 
1 42  LEU n 
1 43  ARG n 
1 44  ASN n 
1 45  ASP n 
1 46  SER n 
1 47  SER n 
1 48  THR n 
1 49  PRO n 
1 50  VAL n 
1 51  GLU n 
1 52  VAL n 
1 53  HIS n 
1 54  ILE n 
1 55  LYS n 
1 56  VAL n 
1 57  GLY n 
1 58  ASP n 
1 59  GLU n 
1 60  LYS n 
1 61  ARG n 
1 62  THR n 
1 63  VAL n 
1 64  THR n 
1 65  VAL n 
1 66  ASN n 
1 67  PRO n 
1 68  GLY n 
1 69  GLU n 
1 70  GLU n 
1 71  VAL n 
1 72  GLU n 
1 73  VAL n 
1 74  THR n 
1 75  PHE n 
1 76  SER n 
1 77  ALA n 
1 78  ASN n 
1 79  ASP n 
1 80  PRO n 
1 81  HIS n 
1 82  LYS n 
1 83  PHE n 
1 84  ASN n 
1 85  ARG n 
1 86  PRO n 
1 87  GLN n 
1 88  PHE n 
1 89  THR n 
1 90  ILE n 
1 91  GLU n 
1 92  TRP n 
1 93  LYS n 
1 94  ASP n 
1 95  ASP n 
1 96  LYS n 
1 97  ASP n 
1 98  GLY n 
1 99  ASP n 
1 100 GLY n 
1 101 TYR n 
1 102 ILE n 
1 103 SER n 
1 104 ALA n 
1 105 ALA n 
1 106 GLU n 
1 107 LYS n 
1 108 GLY n 
1 109 ARG n 
1 110 VAL n 
1 111 GLU n 
1 112 VAL n 
1 113 ARG n 
1 114 VAL n 
1 115 GLU n 
1 116 PHE n 
1 117 GLU n 
1 118 GLY n 
1 119 ASP n 
1 120 LYS n 
1 121 MET n 
1 122 ARG n 
1 123 VAL n 
1 124 ARG n 
1 125 LEU n 
1 126 ARG n 
1 127 ASN n 
1 128 ASP n 
1 129 SER n 
1 130 SER n 
1 131 THR n 
1 132 PRO n 
1 133 VAL n 
1 134 GLU n 
1 135 VAL n 
1 136 HIS n 
1 137 ILE n 
1 138 LYS n 
1 139 VAL n 
1 140 GLY n 
1 141 ASP n 
1 142 GLU n 
1 143 LYS n 
1 144 ARG n 
1 145 THR n 
1 146 VAL n 
1 147 THR n 
1 148 VAL n 
1 149 ASN n 
1 150 PRO n 
1 151 GLY n 
1 152 GLU n 
1 153 GLU n 
1 154 VAL n 
1 155 GLU n 
1 156 VAL n 
1 157 THR n 
1 158 PHE n 
1 159 SER n 
1 160 ALA n 
1 161 ASN n 
1 162 ASP n 
1 163 PRO n 
1 164 HIS n 
1 165 LYS n 
1 166 PHE n 
1 167 ASN n 
1 168 ARG n 
1 169 PRO n 
1 170 GLN n 
1 171 PHE n 
1 172 THR n 
1 173 ILE n 
1 174 GLU n 
1 175 TRP n 
1 176 GLY n 
# 
_pdbx_entity_src_syn.entity_id              1 
_pdbx_entity_src_syn.pdbx_src_id            1 
_pdbx_entity_src_syn.pdbx_alt_source_flag   sample 
_pdbx_entity_src_syn.pdbx_beg_seq_num       1 
_pdbx_entity_src_syn.pdbx_end_seq_num       176 
_pdbx_entity_src_syn.organism_scientific    'synthetic construct' 
_pdbx_entity_src_syn.organism_common_name   ? 
_pdbx_entity_src_syn.ncbi_taxonomy_id       32630 
_pdbx_entity_src_syn.details                ? 
# 
_struct_ref.id                         1 
_struct_ref.db_name                    PDB 
_struct_ref.db_code                    8BL6 
_struct_ref.pdbx_db_accession          8BL6 
_struct_ref.pdbx_db_isoform            ? 
_struct_ref.entity_id                  1 
_struct_ref.pdbx_seq_one_letter_code   ? 
_struct_ref.pdbx_align_begin           1 
# 
_struct_ref_seq.align_id                      1 
_struct_ref_seq.ref_id                        1 
_struct_ref_seq.pdbx_PDB_id_code              8BL6 
_struct_ref_seq.pdbx_strand_id                A 
_struct_ref_seq.seq_align_beg                 1 
_struct_ref_seq.pdbx_seq_align_beg_ins_code   ? 
_struct_ref_seq.seq_align_end                 176 
_struct_ref_seq.pdbx_seq_align_end_ins_code   ? 
_struct_ref_seq.pdbx_db_accession             8BL6 
_struct_ref_seq.db_align_beg                  -23 
_struct_ref_seq.pdbx_db_align_beg_ins_code    ? 
_struct_ref_seq.db_align_end                  152 
_struct_ref_seq.pdbx_db_align_end_ins_code    ? 
_struct_ref_seq.pdbx_auth_seq_align_beg       -23 
_struct_ref_seq.pdbx_auth_seq_align_end       152 
# 
loop_
_chem_comp.id 
_chem_comp.type 
_chem_comp.mon_nstd_flag 
_chem_comp.name 
_chem_comp.pdbx_synonyms 
_chem_comp.formula 
_chem_comp.formula_weight 
ALA 'L-peptide linking' y ALANINE            ?                               'C3 H7 N O2'     89.093  
ARG 'L-peptide linking' y ARGININE           ?                               'C6 H15 N4 O2 1' 175.209 
ASN 'L-peptide linking' y ASPARAGINE         ?                               'C4 H8 N2 O3'    132.118 
ASP 'L-peptide linking' y 'ASPARTIC ACID'    ?                               'C4 H7 N O4'     133.103 
GLN 'L-peptide linking' y GLUTAMINE          ?                               'C5 H10 N2 O3'   146.144 
GLU 'L-peptide linking' y 'GLUTAMIC ACID'    ?                               'C5 H9 N O4'     147.129 
GLY 'peptide linking'   y GLYCINE            ?                               'C2 H5 N O2'     75.067  
GOL non-polymer         . GLYCEROL           'GLYCERIN; PROPANE-1,2,3-TRIOL' 'C3 H8 O3'       92.094  
HIS 'L-peptide linking' y HISTIDINE          ?                               'C6 H10 N3 O2 1' 156.162 
ILE 'L-peptide linking' y ISOLEUCINE         ?                               'C6 H13 N O2'    131.173 
LEU 'L-peptide linking' y LEUCINE            ?                               'C6 H13 N O2'    131.173 
LYS 'L-peptide linking' y LYSINE             ?                               'C6 H15 N2 O2 1' 147.195 
MET 'L-peptide linking' y METHIONINE         ?                               'C5 H11 N O2 S'  149.211 
PHE 'L-peptide linking' y PHENYLALANINE      ?                               'C9 H11 N O2'    165.189 
PRO 'L-peptide linking' y PROLINE            ?                               'C5 H9 N O2'     115.130 
SER 'L-peptide linking' y SERINE             ?                               'C3 H7 N O3'     105.093 
TB  non-polymer         . 'TERBIUM(III) ION' ?                               'Tb 3'           158.925 
THR 'L-peptide linking' y THREONINE          ?                               'C4 H9 N O3'     119.119 
TRP 'L-peptide linking' y TRYPTOPHAN         ?                               'C11 H12 N2 O2'  204.225 
TYR 'L-peptide linking' y TYROSINE           ?                               'C9 H11 N O3'    181.189 
VAL 'L-peptide linking' y VALINE             ?                               'C5 H11 N O2'    117.146 
# 
_exptl.absorpt_coefficient_mu     ? 
_exptl.absorpt_correction_T_max   ? 
_exptl.absorpt_correction_T_min   ? 
_exptl.absorpt_correction_type    ? 
_exptl.absorpt_process_details    ? 
_exptl.entry_id                   8BL6 
_exptl.crystals_number            1 
_exptl.details                    ? 
_exptl.method                     'X-RAY DIFFRACTION' 
_exptl.method_details             ? 
# 
_exptl_crystal.colour                       ? 
_exptl_crystal.density_diffrn               ? 
_exptl_crystal.density_Matthews             4.07 
_exptl_crystal.density_method               ? 
_exptl_crystal.density_percent_sol          69.78 
_exptl_crystal.description                  ? 
_exptl_crystal.F_000                        ? 
_exptl_crystal.id                           1 
_exptl_crystal.preparation                  ? 
_exptl_crystal.size_max                     ? 
_exptl_crystal.size_mid                     ? 
_exptl_crystal.size_min                     ? 
_exptl_crystal.size_rad                     ? 
_exptl_crystal.colour_lustre                ? 
_exptl_crystal.colour_modifier              ? 
_exptl_crystal.colour_primary               ? 
_exptl_crystal.density_meas                 ? 
_exptl_crystal.density_meas_esd             ? 
_exptl_crystal.density_meas_gt              ? 
_exptl_crystal.density_meas_lt              ? 
_exptl_crystal.density_meas_temp            ? 
_exptl_crystal.density_meas_temp_esd        ? 
_exptl_crystal.density_meas_temp_gt         ? 
_exptl_crystal.density_meas_temp_lt         ? 
_exptl_crystal.pdbx_crystal_image_url       ? 
_exptl_crystal.pdbx_crystal_image_format    ? 
_exptl_crystal.pdbx_mosaicity               ? 
_exptl_crystal.pdbx_mosaicity_esd           ? 
_exptl_crystal.pdbx_mosaic_method           ? 
_exptl_crystal.pdbx_mosaic_block_size       ? 
_exptl_crystal.pdbx_mosaic_block_size_esd   ? 
# 
_exptl_crystal_grow.apparatus       ? 
_exptl_crystal_grow.atmosphere      ? 
_exptl_crystal_grow.crystal_id      1 
_exptl_crystal_grow.details         ? 
_exptl_crystal_grow.method          'VAPOR DIFFUSION, SITTING DROP' 
_exptl_crystal_grow.method_ref      ? 
_exptl_crystal_grow.pH              7.0 
_exptl_crystal_grow.pressure        ? 
_exptl_crystal_grow.pressure_esd    ? 
_exptl_crystal_grow.seeding         ? 
_exptl_crystal_grow.seeding_ref     ? 
_exptl_crystal_grow.temp_details    ? 
_exptl_crystal_grow.temp_esd        ? 
_exptl_crystal_grow.time            ? 
_exptl_crystal_grow.pdbx_details    'PEG MME 2000 20.0%w/v, TRIS 0.1M pH 7.0' 
_exptl_crystal_grow.pdbx_pH_range   ? 
_exptl_crystal_grow.temp            293 
# 
_diffrn.ambient_environment              ? 
_diffrn.ambient_temp                     100 
_diffrn.ambient_temp_details             ? 
_diffrn.ambient_temp_esd                 ? 
_diffrn.crystal_id                       1 
_diffrn.crystal_support                  ? 
_diffrn.crystal_treatment                ? 
_diffrn.details                          ? 
_diffrn.id                               1 
_diffrn.ambient_pressure                 ? 
_diffrn.ambient_pressure_esd             ? 
_diffrn.ambient_pressure_gt              ? 
_diffrn.ambient_pressure_lt              ? 
_diffrn.ambient_temp_gt                  ? 
_diffrn.ambient_temp_lt                  ? 
_diffrn.pdbx_serial_crystal_experiment   N 
# 
_diffrn_detector.details                      ? 
_diffrn_detector.detector                     PIXEL 
_diffrn_detector.diffrn_id                    1 
_diffrn_detector.type                         'DECTRIS PILATUS 6M' 
_diffrn_detector.area_resol_mean              ? 
_diffrn_detector.dtime                        ? 
_diffrn_detector.pdbx_frames_total            ? 
_diffrn_detector.pdbx_collection_time_total   ? 
_diffrn_detector.pdbx_collection_date         2022-10-20 
_diffrn_detector.pdbx_frequency               ? 
_diffrn_detector.id                           ? 
_diffrn_detector.number_of_axes               ? 
# 
_diffrn_radiation.collimation                      ? 
_diffrn_radiation.diffrn_id                        1 
_diffrn_radiation.filter_edge                      ? 
_diffrn_radiation.inhomogeneity                    ? 
_diffrn_radiation.monochromator                    1.50102 
_diffrn_radiation.polarisn_norm                    ? 
_diffrn_radiation.polarisn_ratio                   ? 
_diffrn_radiation.probe                            ? 
_diffrn_radiation.type                             ? 
_diffrn_radiation.xray_symbol                      ? 
_diffrn_radiation.wavelength_id                    1 
_diffrn_radiation.pdbx_monochromatic_or_laue_m_l   M 
_diffrn_radiation.pdbx_wavelength_list             ? 
_diffrn_radiation.pdbx_wavelength                  ? 
_diffrn_radiation.pdbx_diffrn_protocol             'SINGLE WAVELENGTH' 
_diffrn_radiation.pdbx_analyzer                    ? 
_diffrn_radiation.pdbx_scattering_type             x-ray 
# 
_diffrn_radiation_wavelength.id           1 
_diffrn_radiation_wavelength.wavelength   1.50102 
_diffrn_radiation_wavelength.wt           1.0 
# 
_diffrn_source.current                     ? 
_diffrn_source.details                     ? 
_diffrn_source.diffrn_id                   1 
_diffrn_source.power                       ? 
_diffrn_source.size                        ? 
_diffrn_source.source                      SYNCHROTRON 
_diffrn_source.target                      ? 
_diffrn_source.type                        'ALBA BEAMLINE XALOC' 
_diffrn_source.voltage                     ? 
_diffrn_source.take-off_angle              ? 
_diffrn_source.pdbx_wavelength_list        1.50102 
_diffrn_source.pdbx_wavelength             ? 
_diffrn_source.pdbx_synchrotron_beamline   XALOC 
_diffrn_source.pdbx_synchrotron_site       ALBA 
# 
_reflns.B_iso_Wilson_estimate                          ? 
_reflns.entry_id                                       8BL6 
_reflns.data_reduction_details                         ? 
_reflns.data_reduction_method                          ? 
_reflns.d_resolution_high                              2.8 
_reflns.d_resolution_low                               58.59 
_reflns.details                                        ? 
_reflns.limit_h_max                                    ? 
_reflns.limit_h_min                                    ? 
_reflns.limit_k_max                                    ? 
_reflns.limit_k_min                                    ? 
_reflns.limit_l_max                                    ? 
_reflns.limit_l_min                                    ? 
_reflns.number_all                                     ? 
_reflns.number_obs                                     7030 
_reflns.observed_criterion                             ? 
_reflns.observed_criterion_F_max                       ? 
_reflns.observed_criterion_F_min                       ? 
_reflns.observed_criterion_I_max                       ? 
_reflns.observed_criterion_I_min                       ? 
_reflns.observed_criterion_sigma_F                     ? 
_reflns.observed_criterion_sigma_I                     ? 
_reflns.percent_possible_obs                           100 
_reflns.R_free_details                                 ? 
_reflns.Rmerge_F_all                                   ? 
_reflns.Rmerge_F_obs                                   ? 
_reflns.Friedel_coverage                               ? 
_reflns.number_gt                                      ? 
_reflns.threshold_expression                           ? 
_reflns.pdbx_redundancy                                16.2 
_reflns.pdbx_netI_over_av_sigmaI                       ? 
_reflns.pdbx_netI_over_sigmaI                          15.4 
_reflns.pdbx_res_netI_over_av_sigmaI_2                 ? 
_reflns.pdbx_res_netI_over_sigmaI_2                    ? 
_reflns.pdbx_chi_squared                               ? 
_reflns.pdbx_scaling_rejects                           ? 
_reflns.pdbx_d_res_high_opt                            ? 
_reflns.pdbx_d_res_low_opt                             ? 
_reflns.pdbx_d_res_opt_method                          ? 
_reflns.phase_calculation_details                      ? 
_reflns.pdbx_Rrim_I_all                                ? 
_reflns.pdbx_Rpim_I_all                                ? 
_reflns.pdbx_d_opt                                     ? 
_reflns.pdbx_number_measured_all                       ? 
_reflns.pdbx_diffrn_id                                 1 
_reflns.pdbx_ordinal                                   1 
_reflns.pdbx_CC_half                                   0.944 
_reflns.pdbx_CC_star                                   ? 
_reflns.pdbx_R_split                                   ? 
_reflns.pdbx_Rmerge_I_obs                              0.016 
_reflns.pdbx_Rmerge_I_all                              ? 
_reflns.pdbx_Rsym_value                                ? 
_reflns.pdbx_CC_split_method                           ? 
_reflns.pdbx_aniso_diffraction_limit_axis_1_ortho[1]   ? 
_reflns.pdbx_aniso_diffraction_limit_axis_1_ortho[2]   ? 
_reflns.pdbx_aniso_diffraction_limit_axis_1_ortho[3]   ? 
_reflns.pdbx_aniso_diffraction_limit_axis_2_ortho[1]   ? 
_reflns.pdbx_aniso_diffraction_limit_axis_2_ortho[2]   ? 
_reflns.pdbx_aniso_diffraction_limit_axis_2_ortho[3]   ? 
_reflns.pdbx_aniso_diffraction_limit_axis_3_ortho[1]   ? 
_reflns.pdbx_aniso_diffraction_limit_axis_3_ortho[2]   ? 
_reflns.pdbx_aniso_diffraction_limit_axis_3_ortho[3]   ? 
_reflns.pdbx_aniso_diffraction_limit_1                 ? 
_reflns.pdbx_aniso_diffraction_limit_2                 ? 
_reflns.pdbx_aniso_diffraction_limit_3                 ? 
_reflns.pdbx_aniso_B_tensor_eigenvector_1_ortho[1]     ? 
_reflns.pdbx_aniso_B_tensor_eigenvector_1_ortho[2]     ? 
_reflns.pdbx_aniso_B_tensor_eigenvector_1_ortho[3]     ? 
_reflns.pdbx_aniso_B_tensor_eigenvector_2_ortho[1]     ? 
_reflns.pdbx_aniso_B_tensor_eigenvector_2_ortho[2]     ? 
_reflns.pdbx_aniso_B_tensor_eigenvector_2_ortho[3]     ? 
_reflns.pdbx_aniso_B_tensor_eigenvector_3_ortho[1]     ? 
_reflns.pdbx_aniso_B_tensor_eigenvector_3_ortho[2]     ? 
_reflns.pdbx_aniso_B_tensor_eigenvector_3_ortho[3]     ? 
_reflns.pdbx_aniso_B_tensor_eigenvalue_1               ? 
_reflns.pdbx_aniso_B_tensor_eigenvalue_2               ? 
_reflns.pdbx_aniso_B_tensor_eigenvalue_3               ? 
_reflns.pdbx_orthogonalization_convention              ? 
_reflns.pdbx_percent_possible_ellipsoidal              ? 
_reflns.pdbx_percent_possible_spherical                ? 
_reflns.pdbx_percent_possible_ellipsoidal_anomalous    ? 
_reflns.pdbx_percent_possible_spherical_anomalous      ? 
_reflns.pdbx_redundancy_anomalous                      ? 
_reflns.pdbx_CC_half_anomalous                         ? 
_reflns.pdbx_absDiff_over_sigma_anomalous              ? 
_reflns.pdbx_percent_possible_anomalous                ? 
_reflns.pdbx_observed_signal_threshold                 ? 
_reflns.pdbx_signal_type                               ? 
_reflns.pdbx_signal_details                            ? 
_reflns.pdbx_signal_software_id                        ? 
# 
_reflns_shell.d_res_high                                    2.8 
_reflns_shell.d_res_low                                     2.95 
_reflns_shell.meanI_over_sigI_all                           ? 
_reflns_shell.meanI_over_sigI_obs                           ? 
_reflns_shell.number_measured_all                           ? 
_reflns_shell.number_measured_obs                           ? 
_reflns_shell.number_possible                               ? 
_reflns_shell.number_unique_all                             ? 
_reflns_shell.number_unique_obs                             1001 
_reflns_shell.percent_possible_obs                          ? 
_reflns_shell.Rmerge_F_all                                  ? 
_reflns_shell.Rmerge_F_obs                                  ? 
_reflns_shell.meanI_over_sigI_gt                            ? 
_reflns_shell.meanI_over_uI_all                             ? 
_reflns_shell.meanI_over_uI_gt                              ? 
_reflns_shell.number_measured_gt                            ? 
_reflns_shell.number_unique_gt                              ? 
_reflns_shell.percent_possible_gt                           ? 
_reflns_shell.Rmerge_F_gt                                   ? 
_reflns_shell.Rmerge_I_gt                                   ? 
_reflns_shell.pdbx_redundancy                               ? 
_reflns_shell.pdbx_chi_squared                              ? 
_reflns_shell.pdbx_netI_over_sigmaI_all                     ? 
_reflns_shell.pdbx_netI_over_sigmaI_obs                     ? 
_reflns_shell.pdbx_Rrim_I_all                               ? 
_reflns_shell.pdbx_Rpim_I_all                               ? 
_reflns_shell.pdbx_rejects                                  ? 
_reflns_shell.pdbx_ordinal                                  1 
_reflns_shell.pdbx_diffrn_id                                1 
_reflns_shell.pdbx_CC_half                                  0.876 
_reflns_shell.pdbx_CC_star                                  ? 
_reflns_shell.pdbx_R_split                                  ? 
_reflns_shell.percent_possible_all                          ? 
_reflns_shell.Rmerge_I_all                                  ? 
_reflns_shell.Rmerge_I_obs                                  ? 
_reflns_shell.pdbx_Rsym_value                               ? 
_reflns_shell.pdbx_percent_possible_ellipsoidal             ? 
_reflns_shell.pdbx_percent_possible_spherical               ? 
_reflns_shell.pdbx_percent_possible_ellipsoidal_anomalous   ? 
_reflns_shell.pdbx_percent_possible_spherical_anomalous     ? 
_reflns_shell.pdbx_redundancy_anomalous                     ? 
_reflns_shell.pdbx_CC_half_anomalous                        ? 
_reflns_shell.pdbx_absDiff_over_sigma_anomalous             ? 
_reflns_shell.pdbx_percent_possible_anomalous               ? 
# 
_refine.aniso_B[1][1]                            0.60 
_refine.aniso_B[1][2]                            -0.00 
_refine.aniso_B[1][3]                            0.00 
_refine.aniso_B[2][2]                            0.60 
_refine.aniso_B[2][3]                            0.00 
_refine.aniso_B[3][3]                            -1.19 
_refine.B_iso_max                                ? 
_refine.B_iso_mean                               94.072 
_refine.B_iso_min                                ? 
_refine.correlation_coeff_Fo_to_Fc               0.947 
_refine.correlation_coeff_Fo_to_Fc_free          0.934 
_refine.details                                  'HYDROGENS HAVE BEEN ADDED IN THE RIDING POSITIONS' 
_refine.diff_density_max                         ? 
_refine.diff_density_max_esd                     ? 
_refine.diff_density_min                         ? 
_refine.diff_density_min_esd                     ? 
_refine.diff_density_rms                         ? 
_refine.diff_density_rms_esd                     ? 
_refine.entry_id                                 8BL6 
_refine.pdbx_refine_id                           'X-RAY DIFFRACTION' 
_refine.ls_abs_structure_details                 ? 
_refine.ls_abs_structure_Flack                   ? 
_refine.ls_abs_structure_Flack_esd               ? 
_refine.ls_abs_structure_Rogers                  ? 
_refine.ls_abs_structure_Rogers_esd              ? 
_refine.ls_d_res_high                            2.80 
_refine.ls_d_res_low                             58.59 
_refine.ls_extinction_coef                       ? 
_refine.ls_extinction_coef_esd                   ? 
_refine.ls_extinction_expression                 ? 
_refine.ls_extinction_method                     ? 
_refine.ls_goodness_of_fit_all                   ? 
_refine.ls_goodness_of_fit_all_esd               ? 
_refine.ls_goodness_of_fit_obs                   ? 
_refine.ls_goodness_of_fit_obs_esd               ? 
_refine.ls_hydrogen_treatment                    ? 
_refine.ls_matrix_type                           ? 
_refine.ls_number_constraints                    ? 
_refine.ls_number_parameters                     ? 
_refine.ls_number_reflns_all                     ? 
_refine.ls_number_reflns_obs                     6261 
_refine.ls_number_reflns_R_free                  724 
_refine.ls_number_reflns_R_work                  ? 
_refine.ls_number_restraints                     ? 
_refine.ls_percent_reflns_obs                    99.90 
_refine.ls_percent_reflns_R_free                 10.4 
_refine.ls_R_factor_all                          ? 
_refine.ls_R_factor_obs                          0.20744 
_refine.ls_R_factor_R_free                       0.25711 
_refine.ls_R_factor_R_free_error                 ? 
_refine.ls_R_factor_R_free_error_details         ? 
_refine.ls_R_factor_R_work                       0.20182 
_refine.ls_R_Fsqd_factor_obs                     ? 
_refine.ls_R_I_factor_obs                        ? 
_refine.ls_redundancy_reflns_all                 ? 
_refine.ls_redundancy_reflns_obs                 ? 
_refine.ls_restrained_S_all                      ? 
_refine.ls_restrained_S_obs                      ? 
_refine.ls_shift_over_esd_max                    ? 
_refine.ls_shift_over_esd_mean                   ? 
_refine.ls_structure_factor_coef                 ? 
_refine.ls_weighting_details                     ? 
_refine.ls_weighting_scheme                      ? 
_refine.ls_wR_factor_all                         ? 
_refine.ls_wR_factor_obs                         ? 
_refine.ls_wR_factor_R_free                      ? 
_refine.ls_wR_factor_R_work                      ? 
_refine.occupancy_max                            ? 
_refine.occupancy_min                            ? 
_refine.solvent_model_details                    MASK 
_refine.solvent_model_param_bsol                 ? 
_refine.solvent_model_param_ksol                 ? 
_refine.pdbx_R_complete                          ? 
_refine.ls_R_factor_gt                           ? 
_refine.ls_goodness_of_fit_gt                    ? 
_refine.ls_goodness_of_fit_ref                   ? 
_refine.ls_shift_over_su_max                     ? 
_refine.ls_shift_over_su_max_lt                  ? 
_refine.ls_shift_over_su_mean                    ? 
_refine.ls_shift_over_su_mean_lt                 ? 
_refine.pdbx_ls_sigma_I                          ? 
_refine.pdbx_ls_sigma_F                          ? 
_refine.pdbx_ls_sigma_Fsqd                       ? 
_refine.pdbx_data_cutoff_high_absF               ? 
_refine.pdbx_data_cutoff_high_rms_absF           ? 
_refine.pdbx_data_cutoff_low_absF                ? 
_refine.pdbx_isotropic_thermal_model             ? 
_refine.pdbx_ls_cross_valid_method               THROUGHOUT 
_refine.pdbx_method_to_determine_struct          'MOLECULAR REPLACEMENT' 
_refine.pdbx_starting_model                      'Model prediction' 
_refine.pdbx_stereochemistry_target_values       'MAXIMUM LIKELIHOOD' 
_refine.pdbx_R_Free_selection_details            RANDOM 
_refine.pdbx_stereochem_target_val_spec_case     ? 
_refine.pdbx_overall_ESU_R                       0.483 
_refine.pdbx_overall_ESU_R_Free                  0.319 
_refine.pdbx_solvent_vdw_probe_radii             1.20 
_refine.pdbx_solvent_ion_probe_radii             0.80 
_refine.pdbx_solvent_shrinkage_radii             0.80 
_refine.pdbx_real_space_R                        ? 
_refine.pdbx_density_correlation                 ? 
_refine.pdbx_pd_number_of_powder_patterns        ? 
_refine.pdbx_pd_number_of_points                 ? 
_refine.pdbx_pd_meas_number_of_points            ? 
_refine.pdbx_pd_proc_ls_prof_R_factor            ? 
_refine.pdbx_pd_proc_ls_prof_wR_factor           ? 
_refine.pdbx_pd_Marquardt_correlation_coeff      ? 
_refine.pdbx_pd_Fsqrd_R_factor                   ? 
_refine.pdbx_pd_ls_matrix_band_width             ? 
_refine.pdbx_overall_phase_error                 ? 
_refine.pdbx_overall_SU_R_free_Cruickshank_DPI   ? 
_refine.pdbx_overall_SU_R_free_Blow_DPI          ? 
_refine.pdbx_overall_SU_R_Blow_DPI               ? 
_refine.pdbx_TLS_residual_ADP_flag               ? 
_refine.pdbx_diffrn_id                           1 
_refine.overall_SU_B                             12.006 
_refine.overall_SU_ML                            0.234 
_refine.overall_SU_R_Cruickshank_DPI             ? 
_refine.overall_SU_R_free                        ? 
_refine.overall_FOM_free_R_set                   ? 
_refine.overall_FOM_work_R_set                   ? 
_refine.pdbx_average_fsc_overall                 ? 
_refine.pdbx_average_fsc_work                    ? 
_refine.pdbx_average_fsc_free                    ? 
# 
_refine_hist.pdbx_refine_id                   'X-RAY DIFFRACTION' 
_refine_hist.cycle_id                         1 
_refine_hist.details                          ? 
_refine_hist.d_res_high                       2.80 
_refine_hist.d_res_low                        58.59 
_refine_hist.number_atoms_solvent             0 
_refine_hist.number_atoms_total               1144 
_refine_hist.number_reflns_all                ? 
_refine_hist.number_reflns_obs                ? 
_refine_hist.number_reflns_R_free             ? 
_refine_hist.number_reflns_R_work             ? 
_refine_hist.R_factor_all                     ? 
_refine_hist.R_factor_obs                     ? 
_refine_hist.R_factor_R_free                  ? 
_refine_hist.R_factor_R_work                  ? 
_refine_hist.pdbx_number_residues_total       ? 
_refine_hist.pdbx_B_iso_mean_ligand           ? 
_refine_hist.pdbx_B_iso_mean_solvent          ? 
_refine_hist.pdbx_number_atoms_protein        1135 
_refine_hist.pdbx_number_atoms_nucleic_acid   0 
_refine_hist.pdbx_number_atoms_ligand         9 
_refine_hist.pdbx_number_atoms_lipid          ? 
_refine_hist.pdbx_number_atoms_carb           ? 
_refine_hist.pdbx_pseudo_atom_details         ? 
# 
loop_
_refine_ls_restr.pdbx_refine_id 
_refine_ls_restr.criterion 
_refine_ls_restr.dev_ideal 
_refine_ls_restr.dev_ideal_target 
_refine_ls_restr.number 
_refine_ls_restr.rejects 
_refine_ls_restr.type 
_refine_ls_restr.weight 
_refine_ls_restr.pdbx_restraint_function 
'X-RAY DIFFRACTION' ? 0.008  0.013  1162 ? r_bond_refined_d             ? ? 
'X-RAY DIFFRACTION' ? 0.001  0.017  1081 ? r_bond_other_d               ? ? 
'X-RAY DIFFRACTION' ? 1.675  1.667  1566 ? r_angle_refined_deg          ? ? 
'X-RAY DIFFRACTION' ? 1.122  1.590  2505 ? r_angle_other_deg            ? ? 
'X-RAY DIFFRACTION' ? 8.836  5.000  137  ? r_dihedral_angle_1_deg       ? ? 
'X-RAY DIFFRACTION' ? 35.563 21.026 78   ? r_dihedral_angle_2_deg       ? ? 
'X-RAY DIFFRACTION' ? 21.366 15.000 208  ? r_dihedral_angle_3_deg       ? ? 
'X-RAY DIFFRACTION' ? 19.151 15.000 14   ? r_dihedral_angle_4_deg       ? ? 
'X-RAY DIFFRACTION' ? 0.063  0.200  144  ? r_chiral_restr               ? ? 
'X-RAY DIFFRACTION' ? 0.007  0.020  1303 ? r_gen_planes_refined         ? ? 
'X-RAY DIFFRACTION' ? 0.001  0.020  259  ? r_gen_planes_other           ? ? 
'X-RAY DIFFRACTION' ? ?      ?      ?    ? r_nbd_refined                ? ? 
'X-RAY DIFFRACTION' ? ?      ?      ?    ? r_nbd_other                  ? ? 
'X-RAY DIFFRACTION' ? ?      ?      ?    ? r_nbtor_refined              ? ? 
'X-RAY DIFFRACTION' ? ?      ?      ?    ? r_nbtor_other                ? ? 
'X-RAY DIFFRACTION' ? ?      ?      ?    ? r_xyhbond_nbd_refined        ? ? 
'X-RAY DIFFRACTION' ? ?      ?      ?    ? r_xyhbond_nbd_other          ? ? 
'X-RAY DIFFRACTION' ? ?      ?      ?    ? r_metal_ion_refined          ? ? 
'X-RAY DIFFRACTION' ? ?      ?      ?    ? r_metal_ion_other            ? ? 
'X-RAY DIFFRACTION' ? ?      ?      ?    ? r_symmetry_vdw_refined       ? ? 
'X-RAY DIFFRACTION' ? ?      ?      ?    ? r_symmetry_vdw_other         ? ? 
'X-RAY DIFFRACTION' ? ?      ?      ?    ? r_symmetry_hbond_refined     ? ? 
'X-RAY DIFFRACTION' ? ?      ?      ?    ? r_symmetry_hbond_other       ? ? 
'X-RAY DIFFRACTION' ? ?      ?      ?    ? r_symmetry_metal_ion_refined ? ? 
'X-RAY DIFFRACTION' ? ?      ?      ?    ? r_symmetry_metal_ion_other   ? ? 
'X-RAY DIFFRACTION' ? 8.380  9.239  554  ? r_mcbond_it                  ? ? 
'X-RAY DIFFRACTION' ? 8.270  9.220  552  ? r_mcbond_other               ? ? 
'X-RAY DIFFRACTION' ? 12.055 13.853 689  ? r_mcangle_it                 ? ? 
'X-RAY DIFFRACTION' ? 11.969 13.858 689  ? r_mcangle_other              ? ? 
'X-RAY DIFFRACTION' ? 10.719 10.713 605  ? r_scbond_it                  ? ? 
'X-RAY DIFFRACTION' ? 10.715 10.718 606  ? r_scbond_other               ? ? 
'X-RAY DIFFRACTION' ? ?      ?      ?    ? r_scangle_it                 ? ? 
'X-RAY DIFFRACTION' ? 15.814 15.537 875  ? r_scangle_other              ? ? 
'X-RAY DIFFRACTION' ? ?      ?      ?    ? r_rigid_bond_restr           ? ? 
'X-RAY DIFFRACTION' ? ?      ?      ?    ? r_sphericity_free            ? ? 
'X-RAY DIFFRACTION' ? ?      ?      ?    ? r_sphericity_bonded          ? ? 
# 
_refine_ls_shell.pdbx_refine_id                   'X-RAY DIFFRACTION' 
_refine_ls_shell.d_res_high                       2.800 
_refine_ls_shell.d_res_low                        2.873 
_refine_ls_shell.number_reflns_all                ? 
_refine_ls_shell.number_reflns_obs                ? 
_refine_ls_shell.number_reflns_R_free             55 
_refine_ls_shell.number_reflns_R_work             441 
_refine_ls_shell.percent_reflns_obs               99.60 
_refine_ls_shell.percent_reflns_R_free            ? 
_refine_ls_shell.R_factor_all                     ? 
_refine_ls_shell.R_factor_obs                     ? 
_refine_ls_shell.R_factor_R_free_error            ? 
_refine_ls_shell.R_factor_R_work                  0.381 
_refine_ls_shell.redundancy_reflns_all            ? 
_refine_ls_shell.redundancy_reflns_obs            ? 
_refine_ls_shell.wR_factor_all                    ? 
_refine_ls_shell.wR_factor_obs                    ? 
_refine_ls_shell.wR_factor_R_free                 ? 
_refine_ls_shell.wR_factor_R_work                 ? 
_refine_ls_shell.pdbx_R_complete                  ? 
_refine_ls_shell.pdbx_total_number_of_bins_used   20 
_refine_ls_shell.pdbx_phase_error                 ? 
_refine_ls_shell.pdbx_fsc_work                    ? 
_refine_ls_shell.pdbx_fsc_free                    ? 
_refine_ls_shell.R_factor_R_free                  0.411 
# 
_struct.entry_id                     8BL6 
_struct.title                        'De novo single-chain immunoglobulin dimer scIg12+EF3a' 
_struct.pdbx_model_details           ? 
_struct.pdbx_formula_weight          ? 
_struct.pdbx_formula_weight_method   ? 
_struct.pdbx_model_type_details      ? 
_struct.pdbx_CASP_flag               N 
# 
_struct_keywords.entry_id        8BL6 
_struct_keywords.text            'de novo, immunoglobulin, single-chain dimer, sandwich, beta, EF-hand, DE NOVO PROTEIN' 
_struct_keywords.pdbx_keywords   'DE NOVO PROTEIN' 
# 
loop_
_struct_asym.id 
_struct_asym.pdbx_blank_PDB_chainid_flag 
_struct_asym.pdbx_modified 
_struct_asym.entity_id 
_struct_asym.details 
A N N 1 ? 
B N N 2 ? 
C N N 3 ? 
D N N 3 ? 
E N N 3 ? 
# 
_struct_conf.conf_type_id            HELX_P 
_struct_conf.id                      HELX_P1 
_struct_conf.pdbx_PDB_helix_id       AA1 
_struct_conf.beg_label_comp_id       ASP 
_struct_conf.beg_label_asym_id       A 
_struct_conf.beg_label_seq_id        79 
_struct_conf.pdbx_beg_PDB_ins_code   ? 
_struct_conf.end_label_comp_id       ASN 
_struct_conf.end_label_asym_id       A 
_struct_conf.end_label_seq_id        84 
_struct_conf.pdbx_end_PDB_ins_code   ? 
_struct_conf.beg_auth_comp_id        ASP 
_struct_conf.beg_auth_asym_id        A 
_struct_conf.beg_auth_seq_id         55 
_struct_conf.end_auth_comp_id        ASN 
_struct_conf.end_auth_asym_id        A 
_struct_conf.end_auth_seq_id         60 
_struct_conf.pdbx_PDB_helix_class    5 
_struct_conf.details                 ? 
_struct_conf.pdbx_PDB_helix_length   6 
# 
_struct_conf_type.id          HELX_P 
_struct_conf_type.criteria    ? 
_struct_conf_type.reference   ? 
# 
loop_
_struct_conn.id 
_struct_conn.conn_type_id 
_struct_conn.pdbx_leaving_atom_flag 
_struct_conn.pdbx_PDB_id 
_struct_conn.ptnr1_label_asym_id 
_struct_conn.ptnr1_label_comp_id 
_struct_conn.ptnr1_label_seq_id 
_struct_conn.ptnr1_label_atom_id 
_struct_conn.pdbx_ptnr1_label_alt_id 
_struct_conn.pdbx_ptnr1_PDB_ins_code 
_struct_conn.pdbx_ptnr1_standard_comp_id 
_struct_conn.ptnr1_symmetry 
_struct_conn.ptnr2_label_asym_id 
_struct_conn.ptnr2_label_comp_id 
_struct_conn.ptnr2_label_seq_id 
_struct_conn.ptnr2_label_atom_id 
_struct_conn.pdbx_ptnr2_label_alt_id 
_struct_conn.pdbx_ptnr2_PDB_ins_code 
_struct_conn.ptnr1_auth_asym_id 
_struct_conn.ptnr1_auth_comp_id 
_struct_conn.ptnr1_auth_seq_id 
_struct_conn.ptnr2_auth_asym_id 
_struct_conn.ptnr2_auth_comp_id 
_struct_conn.ptnr2_auth_seq_id 
_struct_conn.ptnr2_symmetry 
_struct_conn.pdbx_ptnr3_label_atom_id 
_struct_conn.pdbx_ptnr3_label_seq_id 
_struct_conn.pdbx_ptnr3_label_comp_id 
_struct_conn.pdbx_ptnr3_label_asym_id 
_struct_conn.pdbx_ptnr3_label_alt_id 
_struct_conn.pdbx_ptnr3_PDB_ins_code 
_struct_conn.details 
_struct_conn.pdbx_dist_value 
_struct_conn.pdbx_value_order 
_struct_conn.pdbx_role 
metalc1 metalc ? ? A GLU 32  OE1 ? ? ? 1_555 C TB . TB ? ? A GLU 8   A TB 202 1_555 ? ? ? ? ? ? ? 2.634 ? ? 
metalc2 metalc ? ? A GLU 34  OE1 ? ? ? 1_555 C TB . TB ? ? A GLU 10  A TB 202 1_555 ? ? ? ? ? ? ? 2.564 ? ? 
metalc3 metalc ? ? A GLU 34  OE2 ? ? ? 1_555 C TB . TB ? ? A GLU 10  A TB 202 1_555 ? ? ? ? ? ? ? 2.693 ? ? 
metalc4 metalc ? ? A GLU 72  OE1 ? ? ? 1_555 C TB . TB ? ? A GLU 48  A TB 202 7_555 ? ? ? ? ? ? ? 2.554 ? ? 
metalc5 metalc ? ? A GLU 72  OE2 ? ? ? 1_555 C TB . TB ? ? A GLU 48  A TB 202 7_555 ? ? ? ? ? ? ? 3.346 ? ? 
metalc6 metalc ? ? A GLU 91  OE1 ? ? ? 1_555 E TB . TB ? ? A GLU 67  A TB 204 1_555 ? ? ? ? ? ? ? 2.983 ? ? 
metalc7 metalc ? ? A ARG 168 NH2 ? ? ? 1_555 C TB . TB ? ? A ARG 144 A TB 202 1_555 ? ? ? ? ? ? ? 3.158 ? ? 
# 
_struct_conn_type.id          metalc 
_struct_conn_type.criteria    ? 
_struct_conn_type.reference   ? 
# 
loop_
_struct_sheet.id 
_struct_sheet.type 
_struct_sheet.number_strands 
_struct_sheet.details 
AA1 ? 6 ? 
AA2 ? 6 ? 
# 
loop_
_struct_sheet_order.sheet_id 
_struct_sheet_order.range_id_1 
_struct_sheet_order.range_id_2 
_struct_sheet_order.offset 
_struct_sheet_order.sense 
AA1 1 2 ? anti-parallel 
AA1 2 3 ? anti-parallel 
AA1 3 4 ? anti-parallel 
AA1 4 5 ? anti-parallel 
AA1 5 6 ? anti-parallel 
AA2 1 2 ? anti-parallel 
AA2 2 3 ? anti-parallel 
AA2 3 4 ? anti-parallel 
AA2 4 5 ? anti-parallel 
AA2 5 6 ? anti-parallel 
# 
loop_
_struct_sheet_range.sheet_id 
_struct_sheet_range.id 
_struct_sheet_range.beg_label_comp_id 
_struct_sheet_range.beg_label_asym_id 
_struct_sheet_range.beg_label_seq_id 
_struct_sheet_range.pdbx_beg_PDB_ins_code 
_struct_sheet_range.end_label_comp_id 
_struct_sheet_range.end_label_asym_id 
_struct_sheet_range.end_label_seq_id 
_struct_sheet_range.pdbx_end_PDB_ins_code 
_struct_sheet_range.beg_auth_comp_id 
_struct_sheet_range.beg_auth_asym_id 
_struct_sheet_range.beg_auth_seq_id 
_struct_sheet_range.end_auth_comp_id 
_struct_sheet_range.end_auth_asym_id 
_struct_sheet_range.end_auth_seq_id 
AA1 1 GLU A 70  ? SER A 76  ? GLU A 46  SER A 52  
AA1 2 LYS A 37  ? ASN A 44  ? LYS A 13  ASN A 20  
AA1 3 ARG A 26  ? GLU A 32  ? ARG A 2   GLU A 8   
AA1 4 GLN A 170 ? GLU A 174 ? GLN A 146 GLU A 150 
AA1 5 VAL A 133 ? VAL A 139 ? VAL A 109 VAL A 115 
AA1 6 GLU A 142 ? VAL A 148 ? GLU A 118 VAL A 124 
AA2 1 GLU A 59  ? VAL A 65  ? GLU A 35  VAL A 41  
AA2 2 VAL A 50  ? VAL A 56  ? VAL A 26  VAL A 32  
AA2 3 GLN A 87  ? TRP A 92  ? GLN A 63  TRP A 68  
AA2 4 ARG A 109 ? GLU A 117 ? ARG A 85  GLU A 93  
AA2 5 LYS A 120 ? ASP A 128 ? LYS A 96  ASP A 104 
AA2 6 GLU A 153 ? SER A 159 ? GLU A 129 SER A 135 
# 
loop_
_pdbx_struct_sheet_hbond.sheet_id 
_pdbx_struct_sheet_hbond.range_id_1 
_pdbx_struct_sheet_hbond.range_id_2 
_pdbx_struct_sheet_hbond.range_1_label_atom_id 
_pdbx_struct_sheet_hbond.range_1_label_comp_id 
_pdbx_struct_sheet_hbond.range_1_label_asym_id 
_pdbx_struct_sheet_hbond.range_1_label_seq_id 
_pdbx_struct_sheet_hbond.range_1_PDB_ins_code 
_pdbx_struct_sheet_hbond.range_1_auth_atom_id 
_pdbx_struct_sheet_hbond.range_1_auth_comp_id 
_pdbx_struct_sheet_hbond.range_1_auth_asym_id 
_pdbx_struct_sheet_hbond.range_1_auth_seq_id 
_pdbx_struct_sheet_hbond.range_2_label_atom_id 
_pdbx_struct_sheet_hbond.range_2_label_comp_id 
_pdbx_struct_sheet_hbond.range_2_label_asym_id 
_pdbx_struct_sheet_hbond.range_2_label_seq_id 
_pdbx_struct_sheet_hbond.range_2_PDB_ins_code 
_pdbx_struct_sheet_hbond.range_2_auth_atom_id 
_pdbx_struct_sheet_hbond.range_2_auth_comp_id 
_pdbx_struct_sheet_hbond.range_2_auth_asym_id 
_pdbx_struct_sheet_hbond.range_2_auth_seq_id 
AA1 1 2 O VAL A 73  ? O VAL A 49  N VAL A 40  ? N VAL A 16  
AA1 2 3 O ARG A 41  ? O ARG A 17  N ARG A 30  ? N ARG A 6   
AA1 3 4 N VAL A 29  ? N VAL A 5   O PHE A 171 ? O PHE A 147 
AA1 4 5 O GLU A 174 ? O GLU A 150 N GLU A 134 ? N GLU A 110 
AA1 5 6 N ILE A 137 ? N ILE A 113 O ARG A 144 ? O ARG A 120 
AA2 1 2 O ARG A 61  ? O ARG A 37  N ILE A 54  ? N ILE A 30  
AA2 2 3 N GLU A 51  ? N GLU A 27  O GLU A 91  ? O GLU A 67  
AA2 3 4 N PHE A 88  ? N PHE A 64  O VAL A 112 ? O VAL A 88  
AA2 4 5 N ARG A 113 ? N ARG A 89  O ARG A 124 ? O ARG A 100 
AA2 5 6 N LEU A 125 ? N LEU A 101 O VAL A 154 ? O VAL A 130 
# 
_atom_sites.entry_id                    8BL6 
_atom_sites.Cartn_transf_matrix[1][1]   ? 
_atom_sites.Cartn_transf_matrix[1][2]   ? 
_atom_sites.Cartn_transf_matrix[1][3]   ? 
_atom_sites.Cartn_transf_matrix[2][1]   ? 
_atom_sites.Cartn_transf_matrix[2][2]   ? 
_atom_sites.Cartn_transf_matrix[2][3]   ? 
_atom_sites.Cartn_transf_matrix[3][1]   ? 
_atom_sites.Cartn_transf_matrix[3][2]   ? 
_atom_sites.Cartn_transf_matrix[3][3]   ? 
_atom_sites.Cartn_transf_vector[1]      ? 
_atom_sites.Cartn_transf_vector[2]      ? 
_atom_sites.Cartn_transf_vector[3]      ? 
_atom_sites.fract_transf_matrix[1][1]   0.01219963 
_atom_sites.fract_transf_matrix[1][2]   0.00122321 
_atom_sites.fract_transf_matrix[1][3]   0.00575202 
_atom_sites.fract_transf_matrix[2][1]   0.00230258 
_atom_sites.fract_transf_matrix[2][2]   -0.01318270 
_atom_sites.fract_transf_matrix[2][3]   -0.00208021 
_atom_sites.fract_transf_matrix[3][1]   0.00415132 
_atom_sites.fract_transf_matrix[3][2]   0.00218788 
_atom_sites.fract_transf_matrix[3][3]   -0.00926994 
_atom_sites.fract_transf_vector[1]      -0.350286 
_atom_sites.fract_transf_vector[2]      -0.116324 
_atom_sites.fract_transf_vector[3]      -0.076134 
_atom_sites.solution_primary            ? 
_atom_sites.solution_secondary          ? 
_atom_sites.solution_hydrogens          ? 
_atom_sites.special_details             ? 
# 
loop_
_atom_type.symbol 
C  
N  
O  
S  
TB 
# 
loop_
_atom_site.group_PDB 
_atom_site.id 
_atom_site.type_symbol 
_atom_site.label_atom_id 
_atom_site.label_alt_id 
_atom_site.label_comp_id 
_atom_site.label_asym_id 
_atom_site.label_entity_id 
_atom_site.label_seq_id 
_atom_site.pdbx_PDB_ins_code 
_atom_site.Cartn_x 
_atom_site.Cartn_y 
_atom_site.Cartn_z 
_atom_site.occupancy 
_atom_site.B_iso_or_equiv 
_atom_site.pdbx_formal_charge 
_atom_site.auth_seq_id 
_atom_site.auth_comp_id 
_atom_site.auth_asym_id 
_atom_site.auth_atom_id 
_atom_site.pdbx_PDB_model_num 
ATOM   1    N  N   . GLY A 1 25  ? 16.271  -5.597  0.608   1.00 97.50  ? 1   GLY A N   1 
ATOM   2    C  CA  . GLY A 1 25  ? 15.210  -4.904  -0.188  1.00 104.49 ? 1   GLY A CA  1 
ATOM   3    C  C   . GLY A 1 25  ? 14.172  -4.183  0.670   1.00 90.75  ? 1   GLY A C   1 
ATOM   4    O  O   . GLY A 1 25  ? 13.931  -4.601  1.800   1.00 107.94 ? 1   GLY A O   1 
ATOM   5    N  N   . ARG A 1 26  ? 13.574  -3.125  0.126   1.00 82.07  ? 2   ARG A N   1 
ATOM   6    C  CA  . ARG A 1 26  ? 12.481  -2.320  0.725   1.00 81.75  ? 2   ARG A CA  1 
ATOM   7    C  C   . ARG A 1 26  ? 11.708  -1.663  -0.424  1.00 87.53  ? 2   ARG A C   1 
ATOM   8    O  O   . ARG A 1 26  ? 12.377  -1.118  -1.330  1.00 88.37  ? 2   ARG A O   1 
ATOM   9    C  CB  . ARG A 1 26  ? 13.019  -1.203  1.623   1.00 92.32  ? 2   ARG A CB  1 
ATOM   10   C  CG  . ARG A 1 26  ? 13.170  -1.531  3.105   1.00 106.16 ? 2   ARG A CG  1 
ATOM   11   C  CD  . ARG A 1 26  ? 13.874  -0.418  3.880   1.00 113.01 ? 2   ARG A CD  1 
ATOM   12   N  NE  . ARG A 1 26  ? 13.009  0.748   4.077   1.00 122.90 ? 2   ARG A NE  1 
ATOM   13   C  CZ  . ARG A 1 26  ? 12.905  1.809   3.259   1.00 133.44 ? 2   ARG A CZ  1 
ATOM   14   N  NH1 . ARG A 1 26  ? 13.640  1.902   2.159   1.00 147.17 ? 2   ARG A NH1 1 
ATOM   15   N  NH2 . ARG A 1 26  ? 12.052  2.784   3.550   1.00 118.86 ? 2   ARG A NH2 1 
ATOM   16   N  N   . VAL A 1 27  ? 10.368  -1.729  -0.408  1.00 82.88  ? 3   VAL A N   1 
ATOM   17   C  CA  . VAL A 1 27  ? 9.486   -0.895  -1.277  1.00 66.45  ? 3   VAL A CA  1 
ATOM   18   C  C   . VAL A 1 27  ? 8.579   -0.103  -0.351  1.00 70.59  ? 3   VAL A C   1 
ATOM   19   O  O   . VAL A 1 27  ? 7.903   -0.736  0.476   1.00 75.77  ? 3   VAL A O   1 
ATOM   20   C  CB  . VAL A 1 27  ? 8.706   -1.729  -2.299  1.00 68.42  ? 3   VAL A CB  1 
ATOM   21   C  CG1 . VAL A 1 27  ? 7.824   -0.863  -3.169  1.00 79.34  ? 3   VAL A CG1 1 
ATOM   22   C  CG2 . VAL A 1 27  ? 9.639   -2.541  -3.176  1.00 79.28  ? 3   VAL A CG2 1 
ATOM   23   N  N   . GLU A 1 28  ? 8.689   1.229   -0.405  1.00 79.34  ? 4   GLU A N   1 
ATOM   24   C  CA  . GLU A 1 28  ? 7.963   2.175   0.478   1.00 76.73  ? 4   GLU A CA  1 
ATOM   25   C  C   . GLU A 1 28  ? 6.781   2.703   -0.329  1.00 71.72  ? 4   GLU A C   1 
ATOM   26   O  O   . GLU A 1 28  ? 6.972   3.149   -1.464  1.00 81.92  ? 4   GLU A O   1 
ATOM   27   C  CB  . GLU A 1 28  ? 8.865   3.310   0.973   1.00 99.93  ? 4   GLU A CB  1 
ATOM   28   C  CG  . GLU A 1 28  ? 8.133   4.333   1.846   1.00 126.25 ? 4   GLU A CG  1 
ATOM   29   C  CD  . GLU A 1 28  ? 8.334   5.821   1.544   1.00 136.45 ? 4   GLU A CD  1 
ATOM   30   O  OE1 . GLU A 1 28  ? 8.892   6.519   2.438   1.00 100.30 ? 4   GLU A OE1 1 
ATOM   31   O  OE2 . GLU A 1 28  ? 7.874   6.309   0.450   1.00 128.16 ? 4   GLU A OE2 1 
ATOM   32   N  N   . VAL A 1 29  ? 5.592   2.592   0.236   1.00 76.17  ? 5   VAL A N   1 
ATOM   33   C  CA  . VAL A 1 29  ? 4.343   3.121   -0.359  1.00 82.03  ? 5   VAL A CA  1 
ATOM   34   C  C   . VAL A 1 29  ? 3.740   4.102   0.641   1.00 81.12  ? 5   VAL A C   1 
ATOM   35   O  O   . VAL A 1 29  ? 3.348   3.643   1.732   1.00 86.45  ? 5   VAL A O   1 
ATOM   36   C  CB  . VAL A 1 29  ? 3.371   1.974   -0.679  1.00 75.59  ? 5   VAL A CB  1 
ATOM   37   C  CG1 . VAL A 1 29  ? 2.082   2.514   -1.280  1.00 79.99  ? 5   VAL A CG1 1 
ATOM   38   C  CG2 . VAL A 1 29  ? 4.012   0.944   -1.594  1.00 75.15  ? 5   VAL A CG2 1 
ATOM   39   N  N   . ARG A 1 30  ? 3.680   5.384   0.284   1.00 73.85  ? 6   ARG A N   1 
ATOM   40   C  CA  . ARG A 1 30  ? 3.055   6.434   1.125   1.00 77.65  ? 6   ARG A CA  1 
ATOM   41   C  C   . ARG A 1 30  ? 1.800   6.889   0.391   1.00 73.99  ? 6   ARG A C   1 
ATOM   42   O  O   . ARG A 1 30  ? 1.892   7.166   -0.800  1.00 82.44  ? 6   ARG A O   1 
ATOM   43   C  CB  . ARG A 1 30  ? 3.991   7.623   1.385   1.00 85.60  ? 6   ARG A CB  1 
ATOM   44   C  CG  . ARG A 1 30  ? 5.150   7.372   2.341   1.00 93.46  ? 6   ARG A CG  1 
ATOM   45   C  CD  . ARG A 1 30  ? 6.262   8.419   2.231   1.00 103.81 ? 6   ARG A CD  1 
ATOM   46   N  NE  . ARG A 1 30  ? 7.315   8.225   3.232   1.00 107.49 ? 6   ARG A NE  1 
ATOM   47   C  CZ  . ARG A 1 30  ? 7.379   8.820   4.436   1.00 129.31 ? 6   ARG A CZ  1 
ATOM   48   N  NH1 . ARG A 1 30  ? 6.448   9.682   4.821   1.00 128.28 ? 6   ARG A NH1 1 
ATOM   49   N  NH2 . ARG A 1 30  ? 8.389   8.551   5.257   1.00 118.90 ? 6   ARG A NH2 1 
ATOM   50   N  N   . VAL A 1 31  ? 0.685   6.983   1.100   1.00 75.54  ? 7   VAL A N   1 
ATOM   51   C  CA  . VAL A 1 31  ? -0.603  7.486   0.560   1.00 86.44  ? 7   VAL A CA  1 
ATOM   52   C  C   . VAL A 1 31  ? -0.918  8.794   1.276   1.00 86.06  ? 7   VAL A C   1 
ATOM   53   O  O   . VAL A 1 31  ? -0.697  8.823   2.474   1.00 90.32  ? 7   VAL A O   1 
ATOM   54   C  CB  . VAL A 1 31  ? -1.701  6.436   0.786   1.00 88.40  ? 7   VAL A CB  1 
ATOM   55   C  CG1 . VAL A 1 31  ? -3.025  6.854   0.157   1.00 89.16  ? 7   VAL A CG1 1 
ATOM   56   C  CG2 . VAL A 1 31  ? -1.244  5.079   0.275   1.00 83.57  ? 7   VAL A CG2 1 
ATOM   57   N  N   . GLU A 1 32  ? -1.401  9.812   0.557   1.00 92.97  ? 8   GLU A N   1 
ATOM   58   C  CA  . GLU A 1 32  ? -2.002  11.051  1.136   1.00 97.06  ? 8   GLU A CA  1 
ATOM   59   C  C   . GLU A 1 32  ? -3.371  11.206  0.461   1.00 95.76  ? 8   GLU A C   1 
ATOM   60   O  O   . GLU A 1 32  ? -3.447  10.988  -0.763  1.00 86.87  ? 8   GLU A O   1 
ATOM   61   C  CB  . GLU A 1 32  ? -1.090  12.289  0.981   1.00 104.45 ? 8   GLU A CB  1 
ATOM   62   C  CG  . GLU A 1 32  ? 0.315   11.988  0.424   1.00 131.62 ? 8   GLU A CG  1 
ATOM   63   C  CD  . GLU A 1 32  ? 1.547   12.437  1.215   1.00 140.76 ? 8   GLU A CD  1 
ATOM   64   O  OE1 . GLU A 1 32  ? 1.770   13.667  1.333   1.00 133.93 ? 8   GLU A OE1 1 
ATOM   65   O  OE2 . GLU A 1 32  ? 2.319   11.547  1.687   1.00 127.39 ? 8   GLU A OE2 1 
ATOM   66   N  N   . PHE A 1 33  ? -4.419  11.517  1.229   1.00 101.68 ? 9   PHE A N   1 
ATOM   67   C  CA  . PHE A 1 33  ? -5.786  11.791  0.711   1.00 104.47 ? 9   PHE A CA  1 
ATOM   68   C  C   . PHE A 1 33  ? -6.133  13.299  0.794   1.00 113.51 ? 9   PHE A C   1 
ATOM   69   O  O   . PHE A 1 33  ? -7.315  13.638  1.015   1.00 118.44 ? 9   PHE A O   1 
ATOM   70   C  CB  . PHE A 1 33  ? -6.805  10.938  1.464   1.00 94.07  ? 9   PHE A CB  1 
ATOM   71   C  CG  . PHE A 1 33  ? -6.758  9.450   1.222   1.00 86.51  ? 9   PHE A CG  1 
ATOM   72   C  CD1 . PHE A 1 33  ? -7.492  8.870   0.201   1.00 102.34 ? 9   PHE A CD1 1 
ATOM   73   C  CD2 . PHE A 1 33  ? -6.076  8.608   2.090   1.00 94.56  ? 9   PHE A CD2 1 
ATOM   74   C  CE1 . PHE A 1 33  ? -7.495  7.493   0.021   1.00 100.32 ? 9   PHE A CE1 1 
ATOM   75   C  CE2 . PHE A 1 33  ? -6.074  7.231   1.908   1.00 84.00  ? 9   PHE A CE2 1 
ATOM   76   C  CZ  . PHE A 1 33  ? -6.789  6.676   0.874   1.00 93.16  ? 9   PHE A CZ  1 
ATOM   77   N  N   . GLU A 1 34  ? -5.159  14.187  0.548   1.00 112.80 ? 10  GLU A N   1 
ATOM   78   C  CA  . GLU A 1 34  ? -5.346  15.665  0.434   1.00 113.71 ? 10  GLU A CA  1 
ATOM   79   C  C   . GLU A 1 34  ? -6.368  16.007  -0.657  1.00 104.42 ? 10  GLU A C   1 
ATOM   80   O  O   . GLU A 1 34  ? -5.946  16.343  -1.785  1.00 108.17 ? 10  GLU A O   1 
ATOM   81   C  CB  . GLU A 1 34  ? -4.035  16.373  0.073   1.00 127.03 ? 10  GLU A CB  1 
ATOM   82   C  CG  . GLU A 1 34  ? -3.013  16.421  1.196   1.00 130.74 ? 10  GLU A CG  1 
ATOM   83   C  CD  . GLU A 1 34  ? -1.592  16.588  0.702   1.00 116.43 ? 10  GLU A CD  1 
ATOM   84   O  OE1 . GLU A 1 34  ? -1.147  15.754  -0.110  1.00 120.34 ? 10  GLU A OE1 1 
ATOM   85   O  OE2 . GLU A 1 34  ? -0.951  17.564  1.102   1.00 121.56 ? 10  GLU A OE2 1 
ATOM   86   N  N   . GLY A 1 35  ? -7.655  15.961  -0.324  1.00 98.67  ? 11  GLY A N   1 
ATOM   87   C  CA  . GLY A 1 35  ? -8.714  16.593  -1.132  1.00 103.72 ? 11  GLY A CA  1 
ATOM   88   C  C   . GLY A 1 35  ? -9.532  15.578  -1.896  1.00 115.44 ? 11  GLY A C   1 
ATOM   89   O  O   . GLY A 1 35  ? -9.909  14.547  -1.312  1.00 132.63 ? 11  GLY A O   1 
ATOM   90   N  N   . ASP A 1 36  ? -9.806  15.879  -3.164  1.00 122.20 ? 12  ASP A N   1 
ATOM   91   C  CA  . ASP A 1 36  ? -10.415 14.944  -4.152  1.00 131.74 ? 12  ASP A CA  1 
ATOM   92   C  C   . ASP A 1 36  ? -9.319  14.041  -4.745  1.00 117.89 ? 12  ASP A C   1 
ATOM   93   O  O   . ASP A 1 36  ? -9.585  13.371  -5.757  1.00 105.15 ? 12  ASP A O   1 
ATOM   94   C  CB  . ASP A 1 36  ? -11.114 15.727  -5.270  1.00 129.53 ? 12  ASP A CB  1 
ATOM   95   C  CG  . ASP A 1 36  ? -10.195 16.745  -5.924  1.00 128.99 ? 12  ASP A CG  1 
ATOM   96   O  OD1 . ASP A 1 36  ? -9.585  17.538  -5.168  1.00 141.78 ? 12  ASP A OD1 1 
ATOM   97   O  OD2 . ASP A 1 36  ? -10.056 16.707  -7.168  1.00 115.29 ? 12  ASP A OD2 1 
ATOM   98   N  N   . LYS A 1 37  ? -8.121  14.043  -4.158  1.00 110.22 ? 13  LYS A N   1 
ATOM   99   C  CA  . LYS A 1 37  ? -6.933  13.351  -4.711  1.00 113.93 ? 13  LYS A CA  1 
ATOM   100  C  C   . LYS A 1 37  ? -6.449  12.290  -3.719  1.00 108.78 ? 13  LYS A C   1 
ATOM   101  O  O   . LYS A 1 37  ? -6.386  12.589  -2.515  1.00 123.99 ? 13  LYS A O   1 
ATOM   102  C  CB  . LYS A 1 37  ? -5.856  14.385  -5.051  1.00 108.83 ? 13  LYS A CB  1 
ATOM   103  C  CG  . LYS A 1 37  ? -6.142  15.155  -6.331  1.00 115.90 ? 13  LYS A CG  1 
ATOM   104  C  CD  . LYS A 1 37  ? -5.031  16.103  -6.738  1.00 133.77 ? 13  LYS A CD  1 
ATOM   105  C  CE  . LYS A 1 37  ? -5.199  16.633  -8.144  1.00 129.19 ? 13  LYS A CE  1 
ATOM   106  N  NZ  . LYS A 1 37  ? -6.629  16.882  -8.451  1.00 134.79 ? 13  LYS A NZ  1 
ATOM   107  N  N   . MET A 1 38  ? -6.174  11.083  -4.221  1.00 91.39  ? 14  MET A N   1 
ATOM   108  C  CA  . MET A 1 38  ? -5.261  10.109  -3.572  1.00 87.52  ? 14  MET A CA  1 
ATOM   109  C  C   . MET A 1 38  ? -3.888  10.179  -4.259  1.00 82.62  ? 14  MET A C   1 
ATOM   110  O  O   . MET A 1 38  ? -3.776  9.749   -5.424  1.00 76.48  ? 14  MET A O   1 
ATOM   111  C  CB  . MET A 1 38  ? -5.828  8.691   -3.660  1.00 91.00  ? 14  MET A CB  1 
ATOM   112  C  CG  . MET A 1 38  ? -5.166  7.745   -2.684  1.00 91.27  ? 14  MET A CG  1 
ATOM   113  S  SD  . MET A 1 38  ? -5.700  6.037   -2.829  1.00 88.72  ? 14  MET A SD  1 
ATOM   114  C  CE  . MET A 1 38  ? -5.194  5.715   -4.515  1.00 89.64  ? 14  MET A CE  1 
ATOM   115  N  N   . ARG A 1 39  ? -2.905  10.800  -3.601  1.00 81.91  ? 15  ARG A N   1 
ATOM   116  C  CA  . ARG A 1 39  ? -1.478  10.728  -3.996  1.00 78.59  ? 15  ARG A CA  1 
ATOM   117  C  C   . ARG A 1 39  ? -0.886  9.472   -3.360  1.00 76.03  ? 15  ARG A C   1 
ATOM   118  O  O   . ARG A 1 39  ? -1.097  9.256   -2.148  1.00 82.84  ? 15  ARG A O   1 
ATOM   119  C  CB  . ARG A 1 39  ? -0.672  11.934  -3.510  1.00 91.33  ? 15  ARG A CB  1 
ATOM   120  C  CG  . ARG A 1 39  ? -0.747  13.152  -4.412  1.00 104.83 ? 15  ARG A CG  1 
ATOM   121  C  CD  . ARG A 1 39  ? -1.036  14.388  -3.591  1.00 110.48 ? 15  ARG A CD  1 
ATOM   122  N  NE  . ARG A 1 39  ? -1.329  15.520  -4.448  1.00 117.92 ? 15  ARG A NE  1 
ATOM   123  C  CZ  . ARG A 1 39  ? -1.863  16.653  -4.019  1.00 145.15 ? 15  ARG A CZ  1 
ATOM   124  N  NH1 . ARG A 1 39  ? -2.165  16.800  -2.738  1.00 150.51 ? 15  ARG A NH1 1 
ATOM   125  N  NH2 . ARG A 1 39  ? -2.089  17.637  -4.873  1.00 147.43 ? 15  ARG A NH2 1 
ATOM   126  N  N   . VAL A 1 40  ? -0.164  8.692   -4.156  1.00 76.27  ? 16  VAL A N   1 
ATOM   127  C  CA  . VAL A 1 40  ? 0.674   7.544   -3.707  1.00 75.47  ? 16  VAL A CA  1 
ATOM   128  C  C   . VAL A 1 40  ? 2.114   7.810   -4.121  1.00 70.57  ? 16  VAL A C   1 
ATOM   129  O  O   . VAL A 1 40  ? 2.334   8.067   -5.297  1.00 80.58  ? 16  VAL A O   1 
ATOM   130  C  CB  . VAL A 1 40  ? 0.171   6.243   -4.345  1.00 79.79  ? 16  VAL A CB  1 
ATOM   131  C  CG1 . VAL A 1 40  ? 0.980   5.047   -3.889  1.00 80.72  ? 16  VAL A CG1 1 
ATOM   132  C  CG2 . VAL A 1 40  ? -1.292  6.041   -4.048  1.00 76.80  ? 16  VAL A CG2 1 
ATOM   133  N  N   . ARG A 1 41  ? 3.046   7.805   -3.177  1.00 82.90  ? 17  ARG A N   1 
ATOM   134  C  CA  . ARG A 1 41  ? 4.501   7.928   -3.459  1.00 79.14  ? 17  ARG A CA  1 
ATOM   135  C  C   . ARG A 1 41  ? 5.074   6.525   -3.295  1.00 80.07  ? 17  ARG A C   1 
ATOM   136  O  O   . ARG A 1 41  ? 4.790   5.900   -2.244  1.00 80.68  ? 17  ARG A O   1 
ATOM   137  C  CB  . ARG A 1 41  ? 5.200   8.903   -2.504  1.00 93.47  ? 17  ARG A CB  1 
ATOM   138  C  CG  . ARG A 1 41  ? 5.143   10.380  -2.881  1.00 105.35 ? 17  ARG A CG  1 
ATOM   139  C  CD  . ARG A 1 41  ? 6.092   11.155  -1.989  1.00 119.24 ? 17  ARG A CD  1 
ATOM   140  N  NE  . ARG A 1 41  ? 5.479   12.349  -1.408  1.00 167.41 ? 17  ARG A NE  1 
ATOM   141  C  CZ  . ARG A 1 41  ? 5.760   12.858  -0.201  1.00 154.00 ? 17  ARG A CZ  1 
ATOM   142  N  NH1 . ARG A 1 41  ? 6.661   12.289  0.588   1.00 134.18 ? 17  ARG A NH1 1 
ATOM   143  N  NH2 . ARG A 1 41  ? 5.125   13.940  0.212   1.00 142.00 ? 17  ARG A NH2 1 
ATOM   144  N  N   . LEU A 1 42  ? 5.832   6.050   -4.289  1.00 75.47  ? 18  LEU A N   1 
ATOM   145  C  CA  . LEU A 1 42  ? 6.417   4.690   -4.296  1.00 67.73  ? 18  LEU A CA  1 
ATOM   146  C  C   . LEU A 1 42  ? 7.932   4.813   -4.381  1.00 71.31  ? 18  LEU A C   1 
ATOM   147  O  O   . LEU A 1 42  ? 8.397   5.303   -5.412  1.00 84.40  ? 18  LEU A O   1 
ATOM   148  C  CB  . LEU A 1 42  ? 5.891   3.942   -5.520  1.00 80.62  ? 18  LEU A CB  1 
ATOM   149  C  CG  . LEU A 1 42  ? 4.379   3.814   -5.641  1.00 77.80  ? 18  LEU A CG  1 
ATOM   150  C  CD1 . LEU A 1 42  ? 3.995   3.530   -7.080  1.00 80.09  ? 18  LEU A CD1 1 
ATOM   151  C  CD2 . LEU A 1 42  ? 3.853   2.735   -4.712  1.00 80.80  ? 18  LEU A CD2 1 
ATOM   152  N  N   . ARG A 1 43  ? 8.664   4.317   -3.386  1.00 77.88  ? 19  ARG A N   1 
ATOM   153  C  CA  . ARG A 1 43  ? 10.150  4.280   -3.395  1.00 78.89  ? 19  ARG A CA  1 
ATOM   154  C  C   . ARG A 1 43  ? 10.602  2.826   -3.457  1.00 74.38  ? 19  ARG A C   1 
ATOM   155  O  O   . ARG A 1 43  ? 10.161  2.047   -2.614  1.00 79.09  ? 19  ARG A O   1 
ATOM   156  C  CB  . ARG A 1 43  ? 10.734  4.952   -2.149  1.00 85.09  ? 19  ARG A CB  1 
ATOM   157  C  CG  . ARG A 1 43  ? 12.240  5.174   -2.208  1.00 92.21  ? 19  ARG A CG  1 
ATOM   158  C  CD  . ARG A 1 43  ? 12.873  5.422   -0.851  1.00 115.06 ? 19  ARG A CD  1 
ATOM   159  N  NE  . ARG A 1 43  ? 12.215  6.495   -0.101  1.00 149.76 ? 19  ARG A NE  1 
ATOM   160  C  CZ  . ARG A 1 43  ? 12.502  6.859   1.153   1.00 135.53 ? 19  ARG A CZ  1 
ATOM   161  N  NH1 . ARG A 1 43  ? 13.484  6.273   1.824   1.00 127.18 ? 19  ARG A NH1 1 
ATOM   162  N  NH2 . ARG A 1 43  ? 11.818  7.839   1.716   1.00 116.37 ? 19  ARG A NH2 1 
ATOM   163  N  N   . ASN A 1 44  ? 11.479  2.498   -4.403  1.00 75.64  ? 20  ASN A N   1 
ATOM   164  C  CA  . ASN A 1 44  ? 12.128  1.169   -4.525  1.00 79.03  ? 20  ASN A CA  1 
ATOM   165  C  C   . ASN A 1 44  ? 13.575  1.268   -4.017  1.00 90.38  ? 20  ASN A C   1 
ATOM   166  O  O   . ASN A 1 44  ? 14.453  1.554   -4.844  1.00 93.39  ? 20  ASN A O   1 
ATOM   167  C  CB  . ASN A 1 44  ? 12.089  0.711   -5.985  1.00 80.08  ? 20  ASN A CB  1 
ATOM   168  C  CG  . ASN A 1 44  ? 12.692  -0.659  -6.225  1.00 79.08  ? 20  ASN A CG  1 
ATOM   169  O  OD1 . ASN A 1 44  ? 12.999  -1.393  -5.290  1.00 75.03  ? 20  ASN A OD1 1 
ATOM   170  N  ND2 . ASN A 1 44  ? 12.858  -1.017  -7.488  1.00 75.70  ? 20  ASN A ND2 1 
ATOM   171  N  N   . ASP A 1 45  ? 13.810  1.081   -2.710  1.00 94.87  ? 21  ASP A N   1 
ATOM   172  C  CA  . ASP A 1 45  ? 15.166  0.930   -2.109  1.00 86.41  ? 21  ASP A CA  1 
ATOM   173  C  C   . ASP A 1 45  ? 15.503  -0.560  -2.150  1.00 85.72  ? 21  ASP A C   1 
ATOM   174  O  O   . ASP A 1 45  ? 15.612  -1.158  -1.089  1.00 93.28  ? 21  ASP A O   1 
ATOM   175  C  CB  . ASP A 1 45  ? 15.281  1.515   -0.691  1.00 87.13  ? 21  ASP A CB  1 
ATOM   176  C  CG  . ASP A 1 45  ? 16.242  2.697   -0.576  1.00 113.86 ? 21  ASP A CG  1 
ATOM   177  O  OD1 . ASP A 1 45  ? 15.876  3.782   -1.064  1.00 133.60 ? 21  ASP A OD1 1 
ATOM   178  O  OD2 . ASP A 1 45  ? 17.361  2.537   0.008   1.00 126.13 ? 21  ASP A OD2 1 
ATOM   179  N  N   . SER A 1 46  ? 15.602  -1.140  -3.345  1.00 82.60  ? 22  SER A N   1 
ATOM   180  C  CA  . SER A 1 46  ? 16.058  -2.535  -3.583  1.00 90.26  ? 22  SER A CA  1 
ATOM   181  C  C   . SER A 1 46  ? 16.835  -2.543  -4.900  1.00 94.14  ? 22  SER A C   1 
ATOM   182  O  O   . SER A 1 46  ? 16.871  -1.488  -5.535  1.00 95.09  ? 22  SER A O   1 
ATOM   183  C  CB  . SER A 1 46  ? 14.906  -3.512  -3.622  1.00 102.48 ? 22  SER A CB  1 
ATOM   184  O  OG  . SER A 1 46  ? 14.407  -3.680  -4.955  1.00 103.28 ? 22  SER A OG  1 
ATOM   185  N  N   . SER A 1 47  ? 17.385  -3.689  -5.309  1.00 105.17 ? 23  SER A N   1 
ATOM   186  C  CA  . SER A 1 47  ? 18.321  -3.816  -6.457  1.00 113.11 ? 23  SER A CA  1 
ATOM   187  C  C   . SER A 1 47  ? 17.598  -4.318  -7.711  1.00 103.21 ? 23  SER A C   1 
ATOM   188  O  O   . SER A 1 47  ? 18.238  -4.422  -8.767  1.00 105.70 ? 23  SER A O   1 
ATOM   189  C  CB  . SER A 1 47  ? 19.482  -4.706  -6.098  1.00 118.81 ? 23  SER A CB  1 
ATOM   190  O  OG  . SER A 1 47  ? 20.286  -4.090  -5.101  1.00 127.37 ? 23  SER A OG  1 
ATOM   191  N  N   . THR A 1 48  ? 16.315  -4.634  -7.613  1.00 106.02 ? 24  THR A N   1 
ATOM   192  C  CA  . THR A 1 48  ? 15.544  -5.094  -8.789  1.00 109.00 ? 24  THR A CA  1 
ATOM   193  C  C   . THR A 1 48  ? 14.398  -4.123  -9.057  1.00 103.56 ? 24  THR A C   1 
ATOM   194  O  O   . THR A 1 48  ? 13.757  -3.653  -8.110  1.00 90.78  ? 24  THR A O   1 
ATOM   195  C  CB  . THR A 1 48  ? 15.097  -6.547  -8.605  1.00 114.77 ? 24  THR A CB  1 
ATOM   196  O  OG1 . THR A 1 48  ? 14.966  -7.034  -9.940  1.00 118.83 ? 24  THR A OG1 1 
ATOM   197  C  CG2 . THR A 1 48  ? 13.812  -6.708  -7.821  1.00 105.80 ? 24  THR A CG2 1 
ATOM   198  N  N   . PRO A 1 49  ? 14.117  -3.806  -10.349 1.00 91.55  ? 25  PRO A N   1 
ATOM   199  C  CA  . PRO A 1 49  ? 12.925  -3.051  -10.729 1.00 89.97  ? 25  PRO A CA  1 
ATOM   200  C  C   . PRO A 1 49  ? 11.665  -3.766  -10.236 1.00 83.55  ? 25  PRO A C   1 
ATOM   201  O  O   . PRO A 1 49  ? 11.612  -4.990  -10.368 1.00 99.09  ? 25  PRO A O   1 
ATOM   202  C  CB  . PRO A 1 49  ? 12.927  -3.008  -12.271 1.00 92.34  ? 25  PRO A CB  1 
ATOM   203  C  CG  . PRO A 1 49  ? 13.964  -4.018  -12.710 1.00 86.71  ? 25  PRO A CG  1 
ATOM   204  C  CD  . PRO A 1 49  ? 14.904  -4.191  -11.528 1.00 90.19  ? 25  PRO A CD  1 
ATOM   205  N  N   . VAL A 1 50  ? 10.737  -3.009  -9.642  1.00 87.31  ? 26  VAL A N   1 
ATOM   206  C  CA  . VAL A 1 50  ? 9.363   -3.475  -9.266  1.00 82.75  ? 26  VAL A CA  1 
ATOM   207  C  C   . VAL A 1 50  ? 8.336   -2.786  -10.170 1.00 77.19  ? 26  VAL A C   1 
ATOM   208  O  O   . VAL A 1 50  ? 8.552   -1.630  -10.581 1.00 69.06  ? 26  VAL A O   1 
ATOM   209  C  CB  . VAL A 1 50  ? 9.036   -3.226  -7.786  1.00 83.79  ? 26  VAL A CB  1 
ATOM   210  C  CG1 . VAL A 1 50  ? 10.157  -3.700  -6.884  1.00 91.35  ? 26  VAL A CG1 1 
ATOM   211  C  CG2 . VAL A 1 50  ? 8.715   -1.765  -7.509  1.00 90.78  ? 26  VAL A CG2 1 
ATOM   212  N  N   . GLU A 1 51  ? 7.268   -3.507  -10.488 1.00 76.81  ? 27  GLU A N   1 
ATOM   213  C  CA  . GLU A 1 51  ? 6.078   -2.980  -11.194 1.00 76.47  ? 27  GLU A CA  1 
ATOM   214  C  C   . GLU A 1 51  ? 5.004   -2.822  -10.123 1.00 75.92  ? 27  GLU A C   1 
ATOM   215  O  O   . GLU A 1 51  ? 4.894   -3.726  -9.276  1.00 75.45  ? 27  GLU A O   1 
ATOM   216  C  CB  . GLU A 1 51  ? 5.715   -3.942  -12.318 1.00 81.24  ? 27  GLU A CB  1 
ATOM   217  C  CG  . GLU A 1 51  ? 4.493   -3.553  -13.103 1.00 92.21  ? 27  GLU A CG  1 
ATOM   218  C  CD  . GLU A 1 51  ? 4.790   -3.463  -14.581 1.00 112.24 ? 27  GLU A CD  1 
ATOM   219  O  OE1 . GLU A 1 51  ? 5.422   -2.459  -14.996 1.00 135.42 ? 27  GLU A OE1 1 
ATOM   220  O  OE2 . GLU A 1 51  ? 4.418   -4.409  -15.302 1.00 135.45 ? 27  GLU A OE2 1 
ATOM   221  N  N   . VAL A 1 52  ? 4.314   -1.688  -10.089 1.00 71.41  ? 28  VAL A N   1 
ATOM   222  C  CA  . VAL A 1 52  ? 3.310   -1.395  -9.026  1.00 70.18  ? 28  VAL A CA  1 
ATOM   223  C  C   . VAL A 1 52  ? 1.994   -1.112  -9.731  1.00 65.45  ? 28  VAL A C   1 
ATOM   224  O  O   . VAL A 1 52  ? 1.993   -0.270  -10.654 1.00 66.04  ? 28  VAL A O   1 
ATOM   225  C  CB  . VAL A 1 52  ? 3.731   -0.225  -8.116  1.00 66.40  ? 28  VAL A CB  1 
ATOM   226  C  CG1 . VAL A 1 52  ? 2.691   0.092   -7.060  1.00 68.55  ? 28  VAL A CG1 1 
ATOM   227  C  CG2 . VAL A 1 52  ? 5.055   -0.507  -7.449  1.00 72.89  ? 28  VAL A CG2 1 
ATOM   228  N  N   . HIS A 1 53  ? 0.941   -1.790  -9.290  1.00 64.26  ? 29  HIS A N   1 
ATOM   229  C  CA  . HIS A 1 53  ? -0.441  -1.602  -9.783  1.00 68.47  ? 29  HIS A CA  1 
ATOM   230  C  C   . HIS A 1 53  ? -1.242  -0.997  -8.646  1.00 60.37  ? 29  HIS A C   1 
ATOM   231  O  O   . HIS A 1 53  ? -1.178  -1.524  -7.540  1.00 67.52  ? 29  HIS A O   1 
ATOM   232  C  CB  . HIS A 1 53  ? -1.071  -2.932  -10.251 1.00 75.25  ? 29  HIS A CB  1 
ATOM   233  C  CG  . HIS A 1 53  ? -0.266  -3.652  -11.273 1.00 85.40  ? 29  HIS A CG  1 
ATOM   234  N  ND1 . HIS A 1 53  ? -0.418  -3.416  -12.618 1.00 93.05  ? 29  HIS A ND1 1 
ATOM   235  C  CD2 . HIS A 1 53  ? 0.729   -4.562  -11.151 1.00 86.51  ? 29  HIS A CD2 1 
ATOM   236  C  CE1 . HIS A 1 53  ? 0.424   -4.180  -13.289 1.00 98.02  ? 29  HIS A CE1 1 
ATOM   237  N  NE2 . HIS A 1 53  ? 1.139   -4.900  -12.409 1.00 81.68  ? 29  HIS A NE2 1 
ATOM   238  N  N   . ILE A 1 54  ? -2.030  0.024   -8.928  1.00 63.62  ? 30  ILE A N   1 
ATOM   239  C  CA  . ILE A 1 54  ? -3.014  0.557   -7.947  1.00 66.68  ? 30  ILE A CA  1 
ATOM   240  C  C   . ILE A 1 54  ? -4.391  0.619   -8.596  1.00 62.52  ? 30  ILE A C   1 
ATOM   241  O  O   . ILE A 1 54  ? -4.455  1.193   -9.672  1.00 68.54  ? 30  ILE A O   1 
ATOM   242  C  CB  . ILE A 1 54  ? -2.549  1.931   -7.471  1.00 68.69  ? 30  ILE A CB  1 
ATOM   243  C  CG1 . ILE A 1 54  ? -1.041  1.918   -7.190  1.00 67.12  ? 30  ILE A CG1 1 
ATOM   244  C  CG2 . ILE A 1 54  ? -3.383  2.362   -6.273  1.00 74.10  ? 30  ILE A CG2 1 
ATOM   245  C  CD1 . ILE A 1 54  ? -0.511  3.258   -6.803  1.00 79.59  ? 30  ILE A CD1 1 
ATOM   246  N  N   . LYS A 1 55  ? -5.412  0.041   -7.954  1.00 64.91  ? 31  LYS A N   1 
ATOM   247  C  CA  . LYS A 1 55  ? -6.844  0.107   -8.359  1.00 71.43  ? 31  LYS A CA  1 
ATOM   248  C  C   . LYS A 1 55  ? -7.629  0.929   -7.317  1.00 75.66  ? 31  LYS A C   1 
ATOM   249  O  O   . LYS A 1 55  ? -7.456  0.678   -6.126  1.00 88.52  ? 31  LYS A O   1 
ATOM   250  C  CB  . LYS A 1 55  ? -7.425  -1.302  -8.507  1.00 73.22  ? 31  LYS A CB  1 
ATOM   251  C  CG  . LYS A 1 55  ? -8.756  -1.334  -9.256  1.00 94.49  ? 31  LYS A CG  1 
ATOM   252  C  CD  . LYS A 1 55  ? -9.299  -2.698  -9.683  1.00 104.06 ? 31  LYS A CD  1 
ATOM   253  C  CE  . LYS A 1 55  ? -8.450  -3.427  -10.713 1.00 135.44 ? 31  LYS A CE  1 
ATOM   254  N  NZ  . LYS A 1 55  ? -8.540  -2.852  -12.083 1.00 142.97 ? 31  LYS A NZ  1 
ATOM   255  N  N   . VAL A 1 56  ? -8.406  1.925   -7.746  1.00 77.06  ? 32  VAL A N   1 
ATOM   256  C  CA  . VAL A 1 56  ? -9.445  2.629   -6.929  1.00 81.45  ? 32  VAL A CA  1 
ATOM   257  C  C   . VAL A 1 56  ? -10.661 2.819   -7.827  1.00 83.61  ? 32  VAL A C   1 
ATOM   258  O  O   . VAL A 1 56  ? -10.609 3.665   -8.776  1.00 80.19  ? 32  VAL A O   1 
ATOM   259  C  CB  . VAL A 1 56  ? -9.010  3.971   -6.311  1.00 84.13  ? 32  VAL A CB  1 
ATOM   260  C  CG1 . VAL A 1 56  ? -8.116  3.743   -5.113  1.00 99.73  ? 32  VAL A CG1 1 
ATOM   261  C  CG2 . VAL A 1 56  ? -8.346  4.918   -7.300  1.00 92.23  ? 32  VAL A CG2 1 
ATOM   262  N  N   . GLY A 1 57  ? -11.690 2.022   -7.541  1.00 85.21  ? 33  GLY A N   1 
ATOM   263  C  CA  . GLY A 1 57  ? -12.917 1.950   -8.334  1.00 85.62  ? 33  GLY A CA  1 
ATOM   264  C  C   . GLY A 1 57  ? -12.568 1.489   -9.722  1.00 85.11  ? 33  GLY A C   1 
ATOM   265  O  O   . GLY A 1 57  ? -11.978 0.414   -9.833  1.00 89.04  ? 33  GLY A O   1 
ATOM   266  N  N   . ASP A 1 58  ? -12.843 2.329   -10.714 1.00 87.28  ? 34  ASP A N   1 
ATOM   267  C  CA  . ASP A 1 58  ? -12.811 1.979   -12.155 1.00 97.16  ? 34  ASP A CA  1 
ATOM   268  C  C   . ASP A 1 58  ? -11.423 2.287   -12.762 1.00 97.86  ? 34  ASP A C   1 
ATOM   269  O  O   . ASP A 1 58  ? -11.165 1.880   -13.912 1.00 107.94 ? 34  ASP A O   1 
ATOM   270  C  CB  . ASP A 1 58  ? -13.983 2.686   -12.841 1.00 96.11  ? 34  ASP A CB  1 
ATOM   271  C  CG  . ASP A 1 58  ? -13.938 4.215   -12.839 1.00 104.80 ? 34  ASP A CG  1 
ATOM   272  O  OD1 . ASP A 1 58  ? -13.216 4.815   -12.004 1.00 97.44  ? 34  ASP A OD1 1 
ATOM   273  O  OD2 . ASP A 1 58  ? -14.635 4.811   -13.684 1.00 113.24 ? 34  ASP A OD2 1 
ATOM   274  N  N   . GLU A 1 59  ? -10.539 2.946   -12.012 1.00 85.30  ? 35  GLU A N   1 
ATOM   275  C  CA  . GLU A 1 59  ? -9.212  3.413   -12.490 1.00 76.60  ? 35  GLU A CA  1 
ATOM   276  C  C   . GLU A 1 59  ? -8.119  2.482   -11.950 1.00 74.17  ? 35  GLU A C   1 
ATOM   277  O  O   . GLU A 1 59  ? -8.083  2.253   -10.731 1.00 72.19  ? 35  GLU A O   1 
ATOM   278  C  CB  . GLU A 1 59  ? -8.981  4.844   -12.013 1.00 77.32  ? 35  GLU A CB  1 
ATOM   279  C  CG  . GLU A 1 59  ? -8.149  5.656   -12.974 1.00 80.00  ? 35  GLU A CG  1 
ATOM   280  C  CD  . GLU A 1 59  ? -7.892  7.107   -12.595 1.00 90.88  ? 35  GLU A CD  1 
ATOM   281  O  OE1 . GLU A 1 59  ? -8.794  7.770   -12.020 1.00 93.73  ? 35  GLU A OE1 1 
ATOM   282  O  OE2 . GLU A 1 59  ? -6.775  7.583   -12.884 1.00 110.46 ? 35  GLU A OE2 1 
ATOM   283  N  N   . LYS A 1 60  ? -7.277  1.944   -12.826 1.00 69.16  ? 36  LYS A N   1 
ATOM   284  C  CA  . LYS A 1 60  ? -6.070  1.176   -12.450 1.00 71.64  ? 36  LYS A CA  1 
ATOM   285  C  C   . LYS A 1 60  ? -4.882  1.966   -13.003 1.00 69.84  ? 36  LYS A C   1 
ATOM   286  O  O   . LYS A 1 60  ? -4.971  2.404   -14.142 1.00 74.56  ? 36  LYS A O   1 
ATOM   287  C  CB  . LYS A 1 60  ? -6.153  -0.283  -12.918 1.00 76.65  ? 36  LYS A CB  1 
ATOM   288  C  CG  . LYS A 1 60  ? -4.821  -1.034  -12.834 1.00 101.05 ? 36  LYS A CG  1 
ATOM   289  C  CD  . LYS A 1 60  ? -4.902  -2.565  -12.726 1.00 119.20 ? 36  LYS A CD  1 
ATOM   290  C  CE  . LYS A 1 60  ? -5.329  -3.284  -13.996 1.00 127.77 ? 36  LYS A CE  1 
ATOM   291  N  NZ  . LYS A 1 60  ? -4.186  -3.670  -14.856 1.00 125.55 ? 36  LYS A NZ  1 
ATOM   292  N  N   . ARG A 1 61  ? -3.868  2.253   -12.180 1.00 73.91  ? 37  ARG A N   1 
ATOM   293  C  CA  . ARG A 1 61  ? -2.597  2.891   -12.630 1.00 70.15  ? 37  ARG A CA  1 
ATOM   294  C  C   . ARG A 1 61  ? -1.430  1.920   -12.387 1.00 62.17  ? 37  ARG A C   1 
ATOM   295  O  O   . ARG A 1 61  ? -1.470  1.141   -11.451 1.00 69.55  ? 37  ARG A O   1 
ATOM   296  C  CB  . ARG A 1 61  ? -2.400  4.260   -11.975 1.00 67.33  ? 37  ARG A CB  1 
ATOM   297  C  CG  . ARG A 1 61  ? -3.277  5.351   -12.574 1.00 76.72  ? 37  ARG A CG  1 
ATOM   298  C  CD  . ARG A 1 61  ? -3.279  6.675   -11.819 1.00 80.59  ? 37  ARG A CD  1 
ATOM   299  N  NE  . ARG A 1 61  ? -4.152  7.676   -12.427 1.00 81.44  ? 37  ARG A NE  1 
ATOM   300  C  CZ  . ARG A 1 61  ? -3.778  8.608   -13.301 1.00 85.88  ? 37  ARG A CZ  1 
ATOM   301  N  NH1 . ARG A 1 61  ? -2.520  8.701   -13.692 1.00 97.10  ? 37  ARG A NH1 1 
ATOM   302  N  NH2 . ARG A 1 61  ? -4.666  9.459   -13.783 1.00 90.29  ? 37  ARG A NH2 1 
ATOM   303  N  N   . THR A 1 62  ? -0.452  1.935   -13.275 1.00 66.33  ? 38  THR A N   1 
ATOM   304  C  CA  . THR A 1 62  ? 0.650   0.964   -13.321 1.00 70.82  ? 38  THR A CA  1 
ATOM   305  C  C   . THR A 1 62  ? 1.924   1.680   -13.719 1.00 70.46  ? 38  THR A C   1 
ATOM   306  O  O   . THR A 1 62  ? 1.910   2.442   -14.708 1.00 69.14  ? 38  THR A O   1 
ATOM   307  C  CB  . THR A 1 62  ? 0.359   -0.169  -14.299 1.00 75.81  ? 38  THR A CB  1 
ATOM   308  O  OG1 . THR A 1 62  ? -0.814  -0.788  -13.781 1.00 82.42  ? 38  THR A OG1 1 
ATOM   309  C  CG2 . THR A 1 62  ? 1.503   -1.156  -14.394 1.00 75.79  ? 38  THR A CG2 1 
ATOM   310  N  N   . VAL A 1 63  ? 3.002   1.351   -13.024 1.00 75.61  ? 39  VAL A N   1 
ATOM   311  C  CA  . VAL A 1 63  ? 4.260   2.146   -13.055 1.00 70.62  ? 39  VAL A CA  1 
ATOM   312  C  C   . VAL A 1 63  ? 5.410   1.181   -12.790 1.00 66.91  ? 39  VAL A C   1 
ATOM   313  O  O   . VAL A 1 63  ? 5.236   0.257   -11.981 1.00 69.62  ? 39  VAL A O   1 
ATOM   314  C  CB  . VAL A 1 63  ? 4.145   3.260   -12.003 1.00 78.37  ? 39  VAL A CB  1 
ATOM   315  C  CG1 . VAL A 1 63  ? 5.349   3.326   -11.090 1.00 91.73  ? 39  VAL A CG1 1 
ATOM   316  C  CG2 . VAL A 1 63  ? 3.818   4.610   -12.619 1.00 79.08  ? 39  VAL A CG2 1 
ATOM   317  N  N   . THR A 1 64  ? 6.520   1.335   -13.495 1.00 78.17  ? 40  THR A N   1 
ATOM   318  C  CA  . THR A 1 64  ? 7.791   0.678   -13.110 1.00 82.97  ? 40  THR A CA  1 
ATOM   319  C  C   . THR A 1 64  ? 8.524   1.667   -12.191 1.00 72.70  ? 40  THR A C   1 
ATOM   320  O  O   . THR A 1 64  ? 8.570   2.831   -12.533 1.00 70.86  ? 40  THR A O   1 
ATOM   321  C  CB  . THR A 1 64  ? 8.507   0.168   -14.365 1.00 83.74  ? 40  THR A CB  1 
ATOM   322  O  OG1 . THR A 1 64  ? 7.558   -0.637  -15.057 1.00 92.02  ? 40  THR A OG1 1 
ATOM   323  C  CG2 . THR A 1 64  ? 9.720   -0.678  -14.065 1.00 92.54  ? 40  THR A CG2 1 
ATOM   324  N  N   . VAL A 1 65  ? 8.969   1.234   -11.009 1.00 79.04  ? 41  VAL A N   1 
ATOM   325  C  CA  . VAL A 1 65  ? 9.903   2.002   -10.128 1.00 80.11  ? 41  VAL A CA  1 
ATOM   326  C  C   . VAL A 1 65  ? 11.263  1.288   -10.178 1.00 79.69  ? 41  VAL A C   1 
ATOM   327  O  O   . VAL A 1 65  ? 11.381  0.166   -9.655  1.00 82.10  ? 41  VAL A O   1 
ATOM   328  C  CB  . VAL A 1 65  ? 9.349   2.144   -8.695  1.00 84.65  ? 41  VAL A CB  1 
ATOM   329  C  CG1 . VAL A 1 65  ? 9.982   3.306   -7.937  1.00 95.39  ? 41  VAL A CG1 1 
ATOM   330  C  CG2 . VAL A 1 65  ? 7.838   2.302   -8.691  1.00 82.83  ? 41  VAL A CG2 1 
ATOM   331  N  N   . ASN A 1 66  ? 12.246  1.891   -10.849 1.00 90.62  ? 42  ASN A N   1 
ATOM   332  C  CA  . ASN A 1 66  ? 13.637  1.369   -10.941 1.00 81.90  ? 42  ASN A CA  1 
ATOM   333  C  C   . ASN A 1 66  ? 14.316  1.474   -9.586  1.00 76.89  ? 42  ASN A C   1 
ATOM   334  O  O   . ASN A 1 66  ? 13.848  2.219   -8.731  1.00 76.61  ? 42  ASN A O   1 
ATOM   335  C  CB  . ASN A 1 66  ? 14.447  2.144   -11.970 1.00 85.24  ? 42  ASN A CB  1 
ATOM   336  C  CG  . ASN A 1 66  ? 14.111  1.710   -13.373 1.00 89.29  ? 42  ASN A CG  1 
ATOM   337  O  OD1 . ASN A 1 66  ? 13.768  0.546   -13.596 1.00 90.19  ? 42  ASN A OD1 1 
ATOM   338  N  ND2 . ASN A 1 66  ? 14.199  2.645   -14.305 1.00 87.54  ? 42  ASN A ND2 1 
ATOM   339  N  N   . PRO A 1 67  ? 15.432  0.745   -9.343  1.00 84.58  ? 43  PRO A N   1 
ATOM   340  C  CA  . PRO A 1 67  ? 16.135  0.820   -8.057  1.00 79.05  ? 43  PRO A CA  1 
ATOM   341  C  C   . PRO A 1 67  ? 16.600  2.255   -7.778  1.00 79.73  ? 43  PRO A C   1 
ATOM   342  O  O   . PRO A 1 67  ? 17.048  2.897   -8.701  1.00 84.25  ? 43  PRO A O   1 
ATOM   343  C  CB  . PRO A 1 67  ? 17.296  -0.143  -8.255  1.00 77.21  ? 43  PRO A CB  1 
ATOM   344  C  CG  . PRO A 1 67  ? 16.753  -1.119  -9.260  1.00 79.14  ? 43  PRO A CG  1 
ATOM   345  C  CD  . PRO A 1 67  ? 16.068  -0.213  -10.258 1.00 80.67  ? 43  PRO A CD  1 
ATOM   346  N  N   . GLY A 1 68  ? 16.351  2.750   -6.563  1.00 77.55  ? 44  GLY A N   1 
ATOM   347  C  CA  . GLY A 1 68  ? 16.664  4.128   -6.145  1.00 82.02  ? 44  GLY A CA  1 
ATOM   348  C  C   . GLY A 1 68  ? 15.566  5.118   -6.472  1.00 91.00  ? 44  GLY A C   1 
ATOM   349  O  O   . GLY A 1 68  ? 15.471  6.136   -5.742  1.00 89.83  ? 44  GLY A O   1 
ATOM   350  N  N   . GLU A 1 69  ? 14.767  4.839   -7.509  1.00 94.55  ? 45  GLU A N   1 
ATOM   351  C  CA  . GLU A 1 69  ? 13.790  5.794   -8.085  1.00 89.85  ? 45  GLU A CA  1 
ATOM   352  C  C   . GLU A 1 69  ? 12.585  5.939   -7.135  1.00 86.30  ? 45  GLU A C   1 
ATOM   353  O  O   . GLU A 1 69  ? 12.333  5.027   -6.338  1.00 78.31  ? 45  GLU A O   1 
ATOM   354  C  CB  . GLU A 1 69  ? 13.471  5.343   -9.506  1.00 104.50 ? 45  GLU A CB  1 
ATOM   355  C  CG  . GLU A 1 69  ? 13.044  6.477   -10.416 1.00 132.91 ? 45  GLU A CG  1 
ATOM   356  C  CD  . GLU A 1 69  ? 12.585  6.008   -11.786 1.00 147.80 ? 45  GLU A CD  1 
ATOM   357  O  OE1 . GLU A 1 69  ? 11.690  5.118   -11.847 1.00 129.11 ? 45  GLU A OE1 1 
ATOM   358  O  OE2 . GLU A 1 69  ? 13.134  6.512   -12.787 1.00 151.28 ? 45  GLU A OE2 1 
ATOM   359  N  N   . GLU A 1 70  ? 11.971  7.126   -7.126  1.00 98.36  ? 46  GLU A N   1 
ATOM   360  C  CA  . GLU A 1 70  ? 10.680  7.458   -6.460  1.00 91.24  ? 46  GLU A CA  1 
ATOM   361  C  C   . GLU A 1 70  ? 9.703   7.828   -7.586  1.00 83.28  ? 46  GLU A C   1 
ATOM   362  O  O   . GLU A 1 70  ? 10.110  8.491   -8.522  1.00 89.59  ? 46  GLU A O   1 
ATOM   363  C  CB  . GLU A 1 70  ? 10.845  8.580   -5.421  1.00 86.05  ? 46  GLU A CB  1 
ATOM   364  C  CG  . GLU A 1 70  ? 9.745   8.640   -4.356  1.00 111.87 ? 46  GLU A CG  1 
ATOM   365  C  CD  . GLU A 1 70  ? 10.022  9.388   -3.041  1.00 136.41 ? 46  GLU A CD  1 
ATOM   366  O  OE1 . GLU A 1 70  ? 11.133  9.984   -2.868  1.00 102.52 ? 46  GLU A OE1 1 
ATOM   367  O  OE2 . GLU A 1 70  ? 9.113   9.369   -2.161  1.00 148.00 ? 46  GLU A OE2 1 
ATOM   368  N  N   . VAL A 1 71  ? 8.475   7.333   -7.544  1.00 77.21  ? 47  VAL A N   1 
ATOM   369  C  CA  . VAL A 1 71  ? 7.411   7.711   -8.507  1.00 72.60  ? 47  VAL A CA  1 
ATOM   370  C  C   . VAL A 1 71  ? 6.170   8.124   -7.709  1.00 76.11  ? 47  VAL A C   1 
ATOM   371  O  O   . VAL A 1 71  ? 5.841   7.480   -6.694  1.00 79.64  ? 47  VAL A O   1 
ATOM   372  C  CB  . VAL A 1 71  ? 7.127   6.564   -9.491  1.00 79.22  ? 47  VAL A CB  1 
ATOM   373  C  CG1 . VAL A 1 71  ? 6.015   6.905   -10.463 1.00 88.02  ? 47  VAL A CG1 1 
ATOM   374  C  CG2 . VAL A 1 71  ? 8.370   6.147   -10.249 1.00 84.93  ? 47  VAL A CG2 1 
ATOM   375  N  N   . GLU A 1 72  ? 5.554   9.219   -8.130  1.00 82.41  ? 48  GLU A N   1 
ATOM   376  C  CA  . GLU A 1 72  ? 4.273   9.728   -7.597  1.00 89.07  ? 48  GLU A CA  1 
ATOM   377  C  C   . GLU A 1 72  ? 3.172   9.209   -8.534  1.00 76.46  ? 48  GLU A C   1 
ATOM   378  O  O   . GLU A 1 72  ? 3.378   9.250   -9.745  1.00 72.88  ? 48  GLU A O   1 
ATOM   379  C  CB  . GLU A 1 72  ? 4.323   11.257  -7.506  1.00 95.21  ? 48  GLU A CB  1 
ATOM   380  C  CG  . GLU A 1 72  ? 3.444   11.817  -6.409  1.00 110.20 ? 48  GLU A CG  1 
ATOM   381  C  CD  . GLU A 1 72  ? 3.227   13.318  -6.463  1.00 130.66 ? 48  GLU A CD  1 
ATOM   382  O  OE1 . GLU A 1 72  ? 4.076   14.045  -7.074  1.00 122.10 ? 48  GLU A OE1 1 
ATOM   383  O  OE2 . GLU A 1 72  ? 2.204   13.760  -5.886  1.00 152.67 ? 48  GLU A OE2 1 
ATOM   384  N  N   . VAL A 1 73  ? 2.082   8.685   -7.976  1.00 67.78  ? 49  VAL A N   1 
ATOM   385  C  CA  . VAL A 1 73  ? 0.856   8.280   -8.709  1.00 75.73  ? 49  VAL A CA  1 
ATOM   386  C  C   . VAL A 1 73  ? -0.295  9.037   -8.052  1.00 77.68  ? 49  VAL A C   1 
ATOM   387  O  O   . VAL A 1 73  ? -0.316  9.102   -6.818  1.00 84.56  ? 49  VAL A O   1 
ATOM   388  C  CB  . VAL A 1 73  ? 0.650   6.756   -8.661  1.00 86.96  ? 49  VAL A CB  1 
ATOM   389  C  CG1 . VAL A 1 73  ? -0.713  6.361   -9.199  1.00 85.63  ? 49  VAL A CG1 1 
ATOM   390  C  CG2 . VAL A 1 73  ? 1.765   6.016   -9.388  1.00 86.57  ? 49  VAL A CG2 1 
ATOM   391  N  N   . THR A 1 74  ? -1.168  9.637   -8.857  1.00 82.13  ? 50  THR A N   1 
ATOM   392  C  CA  . THR A 1 74  ? -2.267  10.507  -8.385  1.00 83.25  ? 50  THR A CA  1 
ATOM   393  C  C   . THR A 1 74  ? -3.549  10.081  -9.091  1.00 79.69  ? 50  THR A C   1 
ATOM   394  O  O   . THR A 1 74  ? -3.589  10.124  -10.342 1.00 84.71  ? 50  THR A O   1 
ATOM   395  C  CB  . THR A 1 74  ? -1.933  11.984  -8.622  1.00 90.14  ? 50  THR A CB  1 
ATOM   396  O  OG1 . THR A 1 74  ? -0.687  12.221  -7.971  1.00 95.50  ? 50  THR A OG1 1 
ATOM   397  C  CG2 . THR A 1 74  ? -2.982  12.935  -8.085  1.00 93.00  ? 50  THR A CG2 1 
ATOM   398  N  N   . PHE A 1 75  ? -4.538  9.684   -8.306  1.00 71.92  ? 51  PHE A N   1 
ATOM   399  C  CA  . PHE A 1 75  ? -5.943  9.529   -8.743  1.00 81.31  ? 51  PHE A CA  1 
ATOM   400  C  C   . PHE A 1 75  ? -6.747  10.770  -8.354  1.00 91.91  ? 51  PHE A C   1 
ATOM   401  O  O   . PHE A 1 75  ? -6.435  11.341  -7.297  1.00 88.22  ? 51  PHE A O   1 
ATOM   402  C  CB  . PHE A 1 75  ? -6.566  8.333   -8.045  1.00 76.64  ? 51  PHE A CB  1 
ATOM   403  C  CG  . PHE A 1 75  ? -5.846  7.060   -8.339  1.00 75.41  ? 51  PHE A CG  1 
ATOM   404  C  CD1 . PHE A 1 75  ? -4.671  6.752   -7.673  1.00 83.81  ? 51  PHE A CD1 1 
ATOM   405  C  CD2 . PHE A 1 75  ? -6.339  6.184   -9.286  1.00 77.82  ? 51  PHE A CD2 1 
ATOM   406  C  CE1 . PHE A 1 75  ? -4.005  5.570   -7.948  1.00 85.04  ? 51  PHE A CE1 1 
ATOM   407  C  CE2 . PHE A 1 75  ? -5.679  4.995   -9.557  1.00 90.16  ? 51  PHE A CE2 1 
ATOM   408  C  CZ  . PHE A 1 75  ? -4.511  4.692   -8.891  1.00 93.09  ? 51  PHE A CZ  1 
ATOM   409  N  N   . SER A 1 76  ? -7.748  11.136  -9.173  1.00 105.76 ? 52  SER A N   1 
ATOM   410  C  CA  . SER A 1 76  ? -8.802  12.149  -8.881  1.00 91.21  ? 52  SER A CA  1 
ATOM   411  C  C   . SER A 1 76  ? -10.158 11.466  -8.836  1.00 95.05  ? 52  SER A C   1 
ATOM   412  O  O   . SER A 1 76  ? -10.348 10.443  -9.514  1.00 109.45 ? 52  SER A O   1 
ATOM   413  C  CB  . SER A 1 76  ? -8.851  13.250  -9.879  1.00 83.10  ? 52  SER A CB  1 
ATOM   414  O  OG  . SER A 1 76  ? -7.581  13.864  -10.011 1.00 109.72 ? 52  SER A OG  1 
ATOM   415  N  N   . ALA A 1 77  ? -11.055 12.055  -8.062  1.00 110.20 ? 53  ALA A N   1 
ATOM   416  C  CA  . ALA A 1 77  ? -12.464 11.650  -7.911  1.00 124.36 ? 53  ALA A CA  1 
ATOM   417  C  C   . ALA A 1 77  ? -13.221 12.826  -7.293  1.00 141.53 ? 53  ALA A C   1 
ATOM   418  O  O   . ALA A 1 77  ? -12.820 13.257  -6.188  1.00 158.56 ? 53  ALA A O   1 
ATOM   419  C  CB  . ALA A 1 77  ? -12.535 10.414  -7.050  1.00 119.50 ? 53  ALA A CB  1 
ATOM   420  N  N   . ASN A 1 78  ? -14.222 13.360  -8.001  1.00 158.75 ? 54  ASN A N   1 
ATOM   421  C  CA  . ASN A 1 78  ? -15.172 14.380  -7.471  1.00 172.81 ? 54  ASN A CA  1 
ATOM   422  C  C   . ASN A 1 78  ? -15.647 13.923  -6.082  1.00 173.35 ? 54  ASN A C   1 
ATOM   423  O  O   . ASN A 1 78  ? -15.428 14.678  -5.105  1.00 169.78 ? 54  ASN A O   1 
ATOM   424  C  CB  . ASN A 1 78  ? -16.332 14.639  -8.439  1.00 163.67 ? 54  ASN A CB  1 
ATOM   425  C  CG  . ASN A 1 78  ? -16.721 13.411  -9.239  1.00 161.83 ? 54  ASN A CG  1 
ATOM   426  O  OD1 . ASN A 1 78  ? -16.888 12.322  -8.688  1.00 154.92 ? 54  ASN A OD1 1 
ATOM   427  N  ND2 . ASN A 1 78  ? -16.847 13.571  -10.545 1.00 146.29 ? 54  ASN A ND2 1 
ATOM   428  N  N   . ASP A 1 79  ? -16.222 12.715  -6.006  1.00 153.12 ? 55  ASP A N   1 
ATOM   429  C  CA  . ASP A 1 79  ? -16.624 12.019  -4.752  1.00 150.48 ? 55  ASP A CA  1 
ATOM   430  C  C   . ASP A 1 79  ? -15.414 11.286  -4.165  1.00 161.53 ? 55  ASP A C   1 
ATOM   431  O  O   . ASP A 1 79  ? -15.064 10.208  -4.651  1.00 144.92 ? 55  ASP A O   1 
ATOM   432  C  CB  . ASP A 1 79  ? -17.781 11.053  -5.034  1.00 139.97 ? 55  ASP A CB  1 
ATOM   433  C  CG  . ASP A 1 79  ? -18.218 10.241  -3.824  1.00 137.74 ? 55  ASP A CG  1 
ATOM   434  O  OD1 . ASP A 1 79  ? -17.916 10.665  -2.691  1.00 129.51 ? 55  ASP A OD1 1 
ATOM   435  O  OD2 . ASP A 1 79  ? -18.857 9.189   -4.023  1.00 126.48 ? 55  ASP A OD2 1 
ATOM   436  N  N   . PRO A 1 80  ? -14.756 11.807  -3.092  1.00 160.71 ? 56  PRO A N   1 
ATOM   437  C  CA  . PRO A 1 80  ? -13.562 11.166  -2.525  1.00 166.57 ? 56  PRO A CA  1 
ATOM   438  C  C   . PRO A 1 80  ? -13.860 9.827   -1.820  1.00 158.48 ? 56  PRO A C   1 
ATOM   439  O  O   . PRO A 1 80  ? -12.930 9.143   -1.408  1.00 146.81 ? 56  PRO A O   1 
ATOM   440  C  CB  . PRO A 1 80  ? -13.019 12.199  -1.516  1.00 166.47 ? 56  PRO A CB  1 
ATOM   441  C  CG  . PRO A 1 80  ? -13.760 13.483  -1.830  1.00 161.03 ? 56  PRO A CG  1 
ATOM   442  C  CD  . PRO A 1 80  ? -15.106 13.032  -2.358  1.00 152.92 ? 56  PRO A CD  1 
ATOM   443  N  N   . HIS A 1 81  ? -15.149 9.499   -1.702  1.00 141.79 ? 57  HIS A N   1 
ATOM   444  C  CA  . HIS A 1 81  ? -15.704 8.239   -1.140  1.00 138.01 ? 57  HIS A CA  1 
ATOM   445  C  C   . HIS A 1 81  ? -15.407 7.057   -2.079  1.00 135.53 ? 57  HIS A C   1 
ATOM   446  O  O   . HIS A 1 81  ? -15.519 5.909   -1.630  1.00 132.65 ? 57  HIS A O   1 
ATOM   447  C  CB  . HIS A 1 81  ? -17.207 8.440   -0.901  1.00 140.48 ? 57  HIS A CB  1 
ATOM   448  C  CG  . HIS A 1 81  ? -17.816 7.499   0.075   1.00 153.56 ? 57  HIS A CG  1 
ATOM   449  N  ND1 . HIS A 1 81  ? -18.344 6.281   -0.311  1.00 159.65 ? 57  HIS A ND1 1 
ATOM   450  C  CD2 . HIS A 1 81  ? -18.012 7.602   1.407   1.00 156.49 ? 57  HIS A CD2 1 
ATOM   451  C  CE1 . HIS A 1 81  ? -18.826 5.663   0.746   1.00 160.12 ? 57  HIS A CE1 1 
ATOM   452  N  NE2 . HIS A 1 81  ? -18.632 6.453   1.814   1.00 164.08 ? 57  HIS A NE2 1 
ATOM   453  N  N   . LYS A 1 82  ? -15.049 7.323   -3.340  1.00 131.51 ? 58  LYS A N   1 
ATOM   454  C  CA  . LYS A 1 82  ? -14.735 6.286   -4.360  1.00 118.78 ? 58  LYS A CA  1 
ATOM   455  C  C   . LYS A 1 82  ? -13.299 5.781   -4.139  1.00 108.59 ? 58  LYS A C   1 
ATOM   456  O  O   . LYS A 1 82  ? -12.897 4.814   -4.821  1.00 102.16 ? 58  LYS A O   1 
ATOM   457  C  CB  . LYS A 1 82  ? -15.012 6.863   -5.753  1.00 126.20 ? 58  LYS A CB  1 
ATOM   458  C  CG  . LYS A 1 82  ? -14.521 6.049   -6.944  1.00 128.59 ? 58  LYS A CG  1 
ATOM   459  C  CD  . LYS A 1 82  ? -13.255 6.612   -7.580  1.00 117.43 ? 58  LYS A CD  1 
ATOM   460  C  CE  . LYS A 1 82  ? -13.100 6.242   -9.044  1.00 112.34 ? 58  LYS A CE  1 
ATOM   461  N  NZ  . LYS A 1 82  ? -12.076 7.074   -9.720  1.00 101.65 ? 58  LYS A NZ  1 
ATOM   462  N  N   . PHE A 1 83  ? -12.589 6.366   -3.166  1.00 97.40  ? 59  PHE A N   1 
ATOM   463  C  CA  . PHE A 1 83  ? -11.264 5.924   -2.657  1.00 82.31  ? 59  PHE A CA  1 
ATOM   464  C  C   . PHE A 1 83  ? -11.395 5.049   -1.391  1.00 88.22  ? 59  PHE A C   1 
ATOM   465  O  O   . PHE A 1 83  ? -10.497 5.032   -0.540  1.00 86.93  ? 59  PHE A O   1 
ATOM   466  C  CB  . PHE A 1 83  ? -10.419 7.149   -2.323  1.00 82.76  ? 59  PHE A CB  1 
ATOM   467  C  CG  . PHE A 1 83  ? -10.078 8.094   -3.450  1.00 91.89  ? 59  PHE A CG  1 
ATOM   468  C  CD1 . PHE A 1 83  ? -9.986  7.663   -4.762  1.00 95.54  ? 59  PHE A CD1 1 
ATOM   469  C  CD2 . PHE A 1 83  ? -9.729  9.406   -3.166  1.00 94.62  ? 59  PHE A CD2 1 
ATOM   470  C  CE1 . PHE A 1 83  ? -9.617  8.539   -5.772  1.00 96.29  ? 59  PHE A CE1 1 
ATOM   471  C  CE2 . PHE A 1 83  ? -9.347  10.275  -4.173  1.00 92.42  ? 59  PHE A CE2 1 
ATOM   472  C  CZ  . PHE A 1 83  ? -9.297  9.841   -5.476  1.00 95.16  ? 59  PHE A CZ  1 
ATOM   473  N  N   . ASN A 1 84  ? -12.474 4.291   -1.252  1.00 100.68 ? 60  ASN A N   1 
ATOM   474  C  CA  . ASN A 1 84  ? -12.739 3.522   -0.009  1.00 106.30 ? 60  ASN A CA  1 
ATOM   475  C  C   . ASN A 1 84  ? -11.837 2.288   0.071   1.00 92.12  ? 60  ASN A C   1 
ATOM   476  O  O   . ASN A 1 84  ? -11.484 1.928   1.195   1.00 88.46  ? 60  ASN A O   1 
ATOM   477  C  CB  . ASN A 1 84  ? -14.210 3.102   0.108   1.00 123.87 ? 60  ASN A CB  1 
ATOM   478  C  CG  . ASN A 1 84  ? -15.063 4.120   0.840   1.00 136.66 ? 60  ASN A CG  1 
ATOM   479  O  OD1 . ASN A 1 84  ? -16.263 3.910   1.013   1.00 138.79 ? 60  ASN A OD1 1 
ATOM   480  N  ND2 . ASN A 1 84  ? -14.462 5.227   1.265   1.00 124.75 ? 60  ASN A ND2 1 
ATOM   481  N  N   . ARG A 1 85  ? -11.535 1.631   -1.056  1.00 89.33  ? 61  ARG A N   1 
ATOM   482  C  CA  . ARG A 1 85  ? -10.998 0.243   -1.057  1.00 92.80  ? 61  ARG A CA  1 
ATOM   483  C  C   . ARG A 1 85  ? -9.824  0.118   -2.030  1.00 86.81  ? 61  ARG A C   1 
ATOM   484  O  O   . ARG A 1 85  ? -9.757  -0.815  -2.835  1.00 83.29  ? 61  ARG A O   1 
ATOM   485  C  CB  . ARG A 1 85  ? -12.129 -0.738  -1.374  1.00 105.82 ? 61  ARG A CB  1 
ATOM   486  C  CG  . ARG A 1 85  ? -13.527 -0.184  -1.130  1.00 120.61 ? 61  ARG A CG  1 
ATOM   487  C  CD  . ARG A 1 85  ? -14.600 -1.146  -1.600  1.00 137.85 ? 61  ARG A CD  1 
ATOM   488  N  NE  . ARG A 1 85  ? -14.261 -2.534  -1.287  1.00 142.64 ? 61  ARG A NE  1 
ATOM   489  C  CZ  . ARG A 1 85  ? -14.438 -3.126  -0.102  1.00 146.30 ? 61  ARG A CZ  1 
ATOM   490  N  NH1 . ARG A 1 85  ? -14.966 -2.470  0.920   1.00 145.71 ? 61  ARG A NH1 1 
ATOM   491  N  NH2 . ARG A 1 85  ? -14.087 -4.392  0.052   1.00 142.49 ? 61  ARG A NH2 1 
ATOM   492  N  N   . PRO A 1 86  ? -8.801  0.996   -1.921  1.00 77.79  ? 62  PRO A N   1 
ATOM   493  C  CA  . PRO A 1 86  ? -7.672  0.973   -2.848  1.00 69.23  ? 62  PRO A CA  1 
ATOM   494  C  C   . PRO A 1 86  ? -6.860  -0.328  -2.726  1.00 72.92  ? 62  PRO A C   1 
ATOM   495  O  O   . PRO A 1 86  ? -6.638  -0.786  -1.636  1.00 71.21  ? 62  PRO A O   1 
ATOM   496  C  CB  . PRO A 1 86  ? -6.838  2.186   -2.408  1.00 78.34  ? 62  PRO A CB  1 
ATOM   497  C  CG  . PRO A 1 86  ? -7.174  2.376   -0.948  1.00 78.92  ? 62  PRO A CG  1 
ATOM   498  C  CD  . PRO A 1 86  ? -8.630  1.992   -0.849  1.00 79.06  ? 62  PRO A CD  1 
ATOM   499  N  N   . GLN A 1 87  ? -6.448  -0.906  -3.850  1.00 82.45  ? 63  GLN A N   1 
ATOM   500  C  CA  . GLN A 1 87  ? -5.584  -2.114  -3.893  1.00 79.09  ? 63  GLN A CA  1 
ATOM   501  C  C   . GLN A 1 87  ? -4.219  -1.731  -4.490  1.00 80.55  ? 63  GLN A C   1 
ATOM   502  O  O   . GLN A 1 87  ? -4.177  -0.961  -5.485  1.00 76.54  ? 63  GLN A O   1 
ATOM   503  C  CB  . GLN A 1 87  ? -6.302  -3.215  -4.671  1.00 93.53  ? 63  GLN A CB  1 
ATOM   504  C  CG  . GLN A 1 87  ? -7.760  -3.393  -4.263  1.00 107.38 ? 63  GLN A CG  1 
ATOM   505  C  CD  . GLN A 1 87  ? -8.392  -4.605  -4.905  1.00 110.12 ? 63  GLN A CD  1 
ATOM   506  O  OE1 . GLN A 1 87  ? -8.625  -4.623  -6.109  1.00 115.45 ? 63  GLN A OE1 1 
ATOM   507  N  NE2 . GLN A 1 87  ? -8.690  -5.623  -4.109  1.00 122.76 ? 63  GLN A NE2 1 
ATOM   508  N  N   . PHE A 1 88  ? -3.138  -2.209  -3.863  1.00 82.18  ? 64  PHE A N   1 
ATOM   509  C  CA  . PHE A 1 88  ? -1.728  -2.061  -4.315  1.00 75.04  ? 64  PHE A CA  1 
ATOM   510  C  C   . PHE A 1 88  ? -1.146  -3.451  -4.559  1.00 67.77  ? 64  PHE A C   1 
ATOM   511  O  O   . PHE A 1 88  ? -1.353  -4.333  -3.747  1.00 83.41  ? 64  PHE A O   1 
ATOM   512  C  CB  . PHE A 1 88  ? -0.900  -1.322  -3.273  1.00 74.14  ? 64  PHE A CB  1 
ATOM   513  C  CG  . PHE A 1 88  ? -1.581  -0.098  -2.721  1.00 79.24  ? 64  PHE A CG  1 
ATOM   514  C  CD1 . PHE A 1 88  ? -2.565  -0.210  -1.752  1.00 84.05  ? 64  PHE A CD1 1 
ATOM   515  C  CD2 . PHE A 1 88  ? -1.245  1.165   -3.170  1.00 83.66  ? 64  PHE A CD2 1 
ATOM   516  C  CE1 . PHE A 1 88  ? -3.199  0.912   -1.241  1.00 90.63  ? 64  PHE A CE1 1 
ATOM   517  C  CE2 . PHE A 1 88  ? -1.884  2.287   -2.665  1.00 95.69  ? 64  PHE A CE2 1 
ATOM   518  C  CZ  . PHE A 1 88  ? -2.859  2.160   -1.700  1.00 94.04  ? 64  PHE A CZ  1 
ATOM   519  N  N   . THR A 1 89  ? -0.527  -3.647  -5.710  1.00 75.79  ? 65  THR A N   1 
ATOM   520  C  CA  . THR A 1 89  ? 0.167   -4.895  -6.094  1.00 79.75  ? 65  THR A CA  1 
ATOM   521  C  C   . THR A 1 89  ? 1.561   -4.465  -6.512  1.00 74.01  ? 65  THR A C   1 
ATOM   522  O  O   . THR A 1 89  ? 1.621   -3.568  -7.386  1.00 75.23  ? 65  THR A O   1 
ATOM   523  C  CB  . THR A 1 89  ? -0.582  -5.678  -7.185  1.00 82.03  ? 65  THR A CB  1 
ATOM   524  O  OG1 . THR A 1 89  ? -1.797  -6.172  -6.629  1.00 93.79  ? 65  THR A OG1 1 
ATOM   525  C  CG2 . THR A 1 89  ? 0.192   -6.866  -7.712  1.00 82.26  ? 65  THR A CG2 1 
ATOM   526  N  N   . ILE A 1 90  ? 2.575   -5.003  -5.818  1.00 69.76  ? 66  ILE A N   1 
ATOM   527  C  CA  . ILE A 1 90  ? 4.033   -4.880  -6.127  1.00 76.80  ? 66  ILE A CA  1 
ATOM   528  C  C   . ILE A 1 90  ? 4.460   -6.191  -6.801  1.00 71.25  ? 66  ILE A C   1 
ATOM   529  O  O   . ILE A 1 90  ? 4.241   -7.226  -6.187  1.00 77.14  ? 66  ILE A O   1 
ATOM   530  C  CB  . ILE A 1 90  ? 4.840   -4.616  -4.835  1.00 80.96  ? 66  ILE A CB  1 
ATOM   531  C  CG1 . ILE A 1 90  ? 4.459   -3.301  -4.157  1.00 83.86  ? 66  ILE A CG1 1 
ATOM   532  C  CG2 . ILE A 1 90  ? 6.339   -4.663  -5.107  1.00 88.61  ? 66  ILE A CG2 1 
ATOM   533  C  CD1 . ILE A 1 90  ? 3.053   -3.247  -3.625  1.00 96.50  ? 66  ILE A CD1 1 
ATOM   534  N  N   . GLU A 1 91  ? 4.963   -6.150  -8.033  1.00 80.99  ? 67  GLU A N   1 
ATOM   535  C  CA  . GLU A 1 91  ? 5.458   -7.325  -8.812  1.00 88.25  ? 67  GLU A CA  1 
ATOM   536  C  C   . GLU A 1 91  ? 6.986   -7.189  -8.975  1.00 88.85  ? 67  GLU A C   1 
ATOM   537  O  O   . GLU A 1 91  ? 7.442   -6.067  -9.284  1.00 89.04  ? 67  GLU A O   1 
ATOM   538  C  CB  . GLU A 1 91  ? 4.774   -7.389  -10.188 1.00 98.14  ? 67  GLU A CB  1 
ATOM   539  C  CG  . GLU A 1 91  ? 3.393   -8.040  -10.199 1.00 110.31 ? 67  GLU A CG  1 
ATOM   540  C  CD  . GLU A 1 91  ? 2.629   -8.038  -11.526 1.00 126.60 ? 67  GLU A CD  1 
ATOM   541  O  OE1 . GLU A 1 91  ? 3.266   -7.940  -12.617 1.00 114.66 ? 67  GLU A OE1 1 
ATOM   542  O  OE2 . GLU A 1 91  ? 1.376   -8.134  -11.476 1.00 139.93 ? 67  GLU A OE2 1 
ATOM   543  N  N   . TRP A 1 92  ? 7.753   -8.261  -8.727  1.00 93.51  ? 68  TRP A N   1 
ATOM   544  C  CA  . TRP A 1 92  ? 9.212   -8.360  -9.013  1.00 95.87  ? 68  TRP A CA  1 
ATOM   545  C  C   . TRP A 1 92  ? 9.422   -9.451  -10.081 1.00 108.54 ? 68  TRP A C   1 
ATOM   546  O  O   . TRP A 1 92  ? 8.796   -10.524 -9.974  1.00 99.23  ? 68  TRP A O   1 
ATOM   547  C  CB  . TRP A 1 92  ? 10.066  -8.554  -7.743  1.00 97.83  ? 68  TRP A CB  1 
ATOM   548  C  CG  . TRP A 1 92  ? 9.360   -8.768  -6.436  1.00 114.33 ? 68  TRP A CG  1 
ATOM   549  C  CD1 . TRP A 1 92  ? 8.291   -8.076  -5.938  1.00 117.32 ? 68  TRP A CD1 1 
ATOM   550  C  CD2 . TRP A 1 92  ? 9.723   -9.711  -5.410  1.00 134.13 ? 68  TRP A CD2 1 
ATOM   551  N  NE1 . TRP A 1 92  ? 7.937   -8.548  -4.701  1.00 114.74 ? 68  TRP A NE1 1 
ATOM   552  C  CE2 . TRP A 1 92  ? 8.806   -9.545  -4.345  1.00 146.04 ? 68  TRP A CE2 1 
ATOM   553  C  CE3 . TRP A 1 92  ? 10.722  -10.685 -5.289  1.00 135.12 ? 68  TRP A CE3 1 
ATOM   554  C  CZ2 . TRP A 1 92  ? 8.866   -10.309 -3.181  1.00 157.65 ? 68  TRP A CZ2 1 
ATOM   555  C  CZ3 . TRP A 1 92  ? 10.778  -11.444 -4.140  1.00 152.49 ? 68  TRP A CZ3 1 
ATOM   556  C  CH2 . TRP A 1 92  ? 9.861   -11.257 -3.100  1.00 160.23 ? 68  TRP A CH2 1 
ATOM   557  N  N   . LYS A 1 93  ? 10.242  -9.169  -11.103 1.00 132.13 ? 69  LYS A N   1 
ATOM   558  C  CA  . LYS A 1 93  ? 10.242  -9.884  -12.417 1.00 148.86 ? 69  LYS A CA  1 
ATOM   559  C  C   . LYS A 1 93  ? 11.503  -10.748 -12.543 1.00 134.97 ? 69  LYS A C   1 
ATOM   560  O  O   . LYS A 1 93  ? 11.784  -11.462 -11.572 1.00 121.24 ? 69  LYS A O   1 
ATOM   561  C  CB  . LYS A 1 93  ? 10.138  -8.907  -13.601 1.00 160.04 ? 69  LYS A CB  1 
ATOM   562  C  CG  . LYS A 1 93  ? 11.002  -7.644  -13.539 1.00 156.11 ? 69  LYS A CG  1 
ATOM   563  C  CD  . LYS A 1 93  ? 10.445  -6.499  -12.689 1.00 142.01 ? 69  LYS A CD  1 
ATOM   564  C  CE  . LYS A 1 93  ? 9.001   -6.142  -12.974 1.00 129.59 ? 69  LYS A CE  1 
ATOM   565  N  NZ  . LYS A 1 93  ? 8.813   -5.702  -14.376 1.00 136.59 ? 69  LYS A NZ  1 
ATOM   566  N  N   . LYS A 1 107 ? 8.404   -15.136 -11.000 1.00 152.49 ? 83  LYS A N   1 
ATOM   567  C  CA  . LYS A 1 107 ? 7.384   -14.165 -10.509 1.00 166.02 ? 83  LYS A CA  1 
ATOM   568  C  C   . LYS A 1 107 ? 7.663   -13.815 -9.035  1.00 161.93 ? 83  LYS A C   1 
ATOM   569  O  O   . LYS A 1 107 ? 8.799   -14.076 -8.550  1.00 149.71 ? 83  LYS A O   1 
ATOM   570  C  CB  . LYS A 1 107 ? 5.963   -14.711 -10.727 1.00 174.86 ? 83  LYS A CB  1 
ATOM   571  C  CG  . LYS A 1 107 ? 5.498   -14.767 -12.177 1.00 179.43 ? 83  LYS A CG  1 
ATOM   572  C  CD  . LYS A 1 107 ? 5.273   -13.403 -12.799 1.00 183.32 ? 83  LYS A CD  1 
ATOM   573  C  CE  . LYS A 1 107 ? 5.873   -13.281 -14.185 1.00 191.29 ? 83  LYS A CE  1 
ATOM   574  N  NZ  . LYS A 1 107 ? 7.355   -13.249 -14.143 1.00 190.71 ? 83  LYS A NZ  1 
ATOM   575  N  N   . GLY A 1 108 ? 6.659   -13.249 -8.352  1.00 132.39 ? 84  GLY A N   1 
ATOM   576  C  CA  . GLY A 1 108 ? 6.797   -12.479 -7.100  1.00 119.68 ? 84  GLY A CA  1 
ATOM   577  C  C   . GLY A 1 108 ? 5.805   -11.322 -7.083  1.00 102.61 ? 84  GLY A C   1 
ATOM   578  O  O   . GLY A 1 108 ? 5.992   -10.372 -7.842  1.00 97.77  ? 84  GLY A O   1 
ATOM   579  N  N   . ARG A 1 109 ? 4.722   -11.439 -6.321  1.00 92.85  ? 85  ARG A N   1 
ATOM   580  C  CA  . ARG A 1 109 ? 3.719   -10.358 -6.149  1.00 83.71  ? 85  ARG A CA  1 
ATOM   581  C  C   . ARG A 1 109 ? 3.363   -10.304 -4.662  1.00 81.23  ? 85  ARG A C   1 
ATOM   582  O  O   . ARG A 1 109 ? 3.330   -11.342 -4.003  1.00 76.28  ? 85  ARG A O   1 
ATOM   583  C  CB  . ARG A 1 109 ? 2.492   -10.493 -7.066  1.00 92.71  ? 85  ARG A CB  1 
ATOM   584  C  CG  . ARG A 1 109 ? 2.043   -11.914 -7.376  1.00 120.95 ? 85  ARG A CG  1 
ATOM   585  C  CD  . ARG A 1 109 ? 1.317   -12.040 -8.703  1.00 131.43 ? 85  ARG A CD  1 
ATOM   586  N  NE  . ARG A 1 109 ? 0.049   -11.324 -8.652  1.00 145.21 ? 85  ARG A NE  1 
ATOM   587  C  CZ  . ARG A 1 109 ? -0.423  -10.505 -9.592  1.00 149.64 ? 85  ARG A CZ  1 
ATOM   588  N  NH1 . ARG A 1 109 ? 0.257   -10.285 -10.707 1.00 157.22 ? 85  ARG A NH1 1 
ATOM   589  N  NH2 . ARG A 1 109 ? -1.595  -9.921  -9.412  1.00 141.34 ? 85  ARG A NH2 1 
ATOM   590  N  N   . VAL A 1 110 ? 3.247   -9.092  -4.143  1.00 76.92  ? 86  VAL A N   1 
ATOM   591  C  CA  . VAL A 1 110 ? 2.635   -8.798  -2.828  1.00 71.52  ? 86  VAL A CA  1 
ATOM   592  C  C   . VAL A 1 110 ? 1.464   -7.857  -3.106  1.00 75.85  ? 86  VAL A C   1 
ATOM   593  O  O   . VAL A 1 110 ? 1.645   -6.893  -3.879  1.00 81.19  ? 86  VAL A O   1 
ATOM   594  C  CB  . VAL A 1 110 ? 3.662   -8.195  -1.870  1.00 72.24  ? 86  VAL A CB  1 
ATOM   595  C  CG1 . VAL A 1 110 ? 3.008   -7.794  -0.565  1.00 76.45  ? 86  VAL A CG1 1 
ATOM   596  C  CG2 . VAL A 1 110 ? 4.804   -9.170  -1.644  1.00 86.14  ? 86  VAL A CG2 1 
ATOM   597  N  N   . GLU A 1 111 ? 0.299   -8.221  -2.585  1.00 71.09  ? 87  GLU A N   1 
ATOM   598  C  CA  . GLU A 1 111 ? -1.005  -7.571  -2.806  1.00 74.44  ? 87  GLU A CA  1 
ATOM   599  C  C   . GLU A 1 111 ? -1.334  -6.947  -1.458  1.00 69.39  ? 87  GLU A C   1 
ATOM   600  O  O   . GLU A 1 111 ? -1.113  -7.619  -0.439  1.00 76.21  ? 87  GLU A O   1 
ATOM   601  C  CB  . GLU A 1 111 ? -2.031  -8.603  -3.299  1.00 94.93  ? 87  GLU A CB  1 
ATOM   602  C  CG  . GLU A 1 111 ? -3.046  -8.047  -4.289  1.00 120.20 ? 87  GLU A CG  1 
ATOM   603  C  CD  . GLU A 1 111 ? -4.444  -8.651  -4.242  1.00 135.51 ? 87  GLU A CD  1 
ATOM   604  O  OE1 . GLU A 1 111 ? -4.560  -9.897  -4.221  1.00 155.75 ? 87  GLU A OE1 1 
ATOM   605  O  OE2 . GLU A 1 111 ? -5.421  -7.870  -4.234  1.00 139.43 ? 87  GLU A OE2 1 
ATOM   606  N  N   . VAL A 1 112 ? -1.778  -5.695  -1.457  1.00 67.38  ? 88  VAL A N   1 
ATOM   607  C  CA  . VAL A 1 112 ? -2.157  -4.921  -0.242  1.00 59.67  ? 88  VAL A CA  1 
ATOM   608  C  C   . VAL A 1 112 ? -3.498  -4.233  -0.508  1.00 61.89  ? 88  VAL A C   1 
ATOM   609  O  O   . VAL A 1 112 ? -3.510  -3.402  -1.416  1.00 72.62  ? 88  VAL A O   1 
ATOM   610  C  CB  . VAL A 1 112 ? -1.039  -3.914  0.031   1.00 61.62  ? 88  VAL A CB  1 
ATOM   611  C  CG1 . VAL A 1 112 ? -1.341  -3.028  1.218   1.00 66.50  ? 88  VAL A CG1 1 
ATOM   612  C  CG2 . VAL A 1 112 ? 0.283   -4.620  0.215   1.00 75.56  ? 88  VAL A CG2 1 
ATOM   613  N  N   . ARG A 1 113 ? -4.588  -4.623  0.167   1.00 71.39  ? 89  ARG A N   1 
ATOM   614  C  CA  . ARG A 1 113 ? -5.943  -4.006  0.015   1.00 82.64  ? 89  ARG A CA  1 
ATOM   615  C  C   . ARG A 1 113 ? -6.207  -3.202  1.282   1.00 81.54  ? 89  ARG A C   1 
ATOM   616  O  O   . ARG A 1 113 ? -6.089  -3.773  2.370   1.00 81.93  ? 89  ARG A O   1 
ATOM   617  C  CB  . ARG A 1 113 ? -7.093  -5.010  -0.160  1.00 90.40  ? 89  ARG A CB  1 
ATOM   618  C  CG  . ARG A 1 113 ? -7.193  -5.655  -1.536  1.00 106.94 ? 89  ARG A CG  1 
ATOM   619  C  CD  . ARG A 1 113 ? -7.621  -7.118  -1.512  1.00 133.14 ? 89  ARG A CD  1 
ATOM   620  N  NE  . ARG A 1 113 ? -6.539  -8.077  -1.255  1.00 144.05 ? 89  ARG A NE  1 
ATOM   621  C  CZ  . ARG A 1 113 ? -6.709  -9.333  -0.829  1.00 149.93 ? 89  ARG A CZ  1 
ATOM   622  N  NH1 . ARG A 1 113 ? -7.923  -9.807  -0.588  1.00 135.17 ? 89  ARG A NH1 1 
ATOM   623  N  NH2 . ARG A 1 113 ? -5.656  -10.112 -0.638  1.00 150.75 ? 89  ARG A NH2 1 
ATOM   624  N  N   . VAL A 1 114 ? -6.525  -1.922  1.142   1.00 81.19  ? 90  VAL A N   1 
ATOM   625  C  CA  . VAL A 1 114 ? -7.002  -1.086  2.277   1.00 79.17  ? 90  VAL A CA  1 
ATOM   626  C  C   . VAL A 1 114 ? -8.506  -0.845  2.137   1.00 81.14  ? 90  VAL A C   1 
ATOM   627  O  O   . VAL A 1 114 ? -8.940  -0.433  1.059   1.00 93.33  ? 90  VAL A O   1 
ATOM   628  C  CB  . VAL A 1 114 ? -6.198  0.208   2.349   1.00 71.53  ? 90  VAL A CB  1 
ATOM   629  C  CG1 . VAL A 1 114 ? -6.511  0.972   3.617   1.00 84.18  ? 90  VAL A CG1 1 
ATOM   630  C  CG2 . VAL A 1 114 ? -4.721  -0.112  2.256   1.00 79.83  ? 90  VAL A CG2 1 
ATOM   631  N  N   . GLU A 1 115 ? -9.260  -1.181  3.185   1.00 88.20  ? 91  GLU A N   1 
ATOM   632  C  CA  . GLU A 1 115 ? -10.732 -1.012  3.289   1.00 101.11 ? 91  GLU A CA  1 
ATOM   633  C  C   . GLU A 1 115 ? -10.955 0.029   4.387   1.00 86.56  ? 91  GLU A C   1 
ATOM   634  O  O   . GLU A 1 115 ? -10.667 -0.297  5.521   1.00 85.72  ? 91  GLU A O   1 
ATOM   635  C  CB  . GLU A 1 115 ? -11.348 -2.395  3.563   1.00 117.49 ? 91  GLU A CB  1 
ATOM   636  C  CG  . GLU A 1 115 ? -12.867 -2.436  3.727   1.00 132.26 ? 91  GLU A CG  1 
ATOM   637  C  CD  . GLU A 1 115 ? -13.423 -3.780  4.202   1.00 151.03 ? 91  GLU A CD  1 
ATOM   638  O  OE1 . GLU A 1 115 ? -12.673 -4.785  4.174   1.00 149.83 ? 91  GLU A OE1 1 
ATOM   639  O  OE2 . GLU A 1 115 ? -14.605 -3.829  4.615   1.00 148.14 ? 91  GLU A OE2 1 
ATOM   640  N  N   . PHE A 1 116 ? -11.320 1.269   4.049   1.00 98.73  ? 92  PHE A N   1 
ATOM   641  C  CA  . PHE A 1 116 ? -11.852 2.275   5.011   1.00 90.99  ? 92  PHE A CA  1 
ATOM   642  C  C   . PHE A 1 116 ? -13.347 2.037   5.181   1.00 106.85 ? 92  PHE A C   1 
ATOM   643  O  O   . PHE A 1 116 ? -14.105 2.293   4.218   1.00 110.25 ? 92  PHE A O   1 
ATOM   644  C  CB  . PHE A 1 116 ? -11.625 3.704   4.535   1.00 82.25  ? 92  PHE A CB  1 
ATOM   645  C  CG  . PHE A 1 116 ? -10.169 4.049   4.410   1.00 81.64  ? 92  PHE A CG  1 
ATOM   646  C  CD1 . PHE A 1 116 ? -9.425  4.370   5.528   1.00 78.29  ? 92  PHE A CD1 1 
ATOM   647  C  CD2 . PHE A 1 116 ? -9.538  4.015   3.180   1.00 84.56  ? 92  PHE A CD2 1 
ATOM   648  C  CE1 . PHE A 1 116 ? -8.077  4.668   5.414   1.00 88.59  ? 92  PHE A CE1 1 
ATOM   649  C  CE2 . PHE A 1 116 ? -8.192  4.322   3.066   1.00 94.12  ? 92  PHE A CE2 1 
ATOM   650  C  CZ  . PHE A 1 116 ? -7.461  4.637   4.187   1.00 98.07  ? 92  PHE A CZ  1 
ATOM   651  N  N   . GLU A 1 117 ? -13.726 1.528   6.353   1.00 112.03 ? 93  GLU A N   1 
ATOM   652  C  CA  . GLU A 1 117 ? -15.115 1.165   6.717   1.00 123.38 ? 93  GLU A CA  1 
ATOM   653  C  C   . GLU A 1 117 ? -15.366 1.668   8.140   1.00 133.41 ? 93  GLU A C   1 
ATOM   654  O  O   . GLU A 1 117 ? -14.785 1.087   9.086   1.00 137.67 ? 93  GLU A O   1 
ATOM   655  C  CB  . GLU A 1 117 ? -15.311 -0.347  6.599   1.00 138.51 ? 93  GLU A CB  1 
ATOM   656  C  CG  . GLU A 1 117 ? -16.729 -0.733  6.229   1.00 148.27 ? 93  GLU A CG  1 
ATOM   657  C  CD  . GLU A 1 117 ? -17.118 -2.172  6.508   1.00 147.12 ? 93  GLU A CD  1 
ATOM   658  O  OE1 . GLU A 1 117 ? -16.216 -3.023  6.640   1.00 152.96 ? 93  GLU A OE1 1 
ATOM   659  O  OE2 . GLU A 1 117 ? -18.330 -2.435  6.587   1.00 141.42 ? 93  GLU A OE2 1 
ATOM   660  N  N   . GLY A 1 118 ? -16.173 2.725   8.263   1.00 130.34 ? 94  GLY A N   1 
ATOM   661  C  CA  . GLY A 1 118 ? -16.566 3.331   9.547   1.00 122.33 ? 94  GLY A CA  1 
ATOM   662  C  C   . GLY A 1 118 ? -15.386 4.020   10.199  1.00 119.11 ? 94  GLY A C   1 
ATOM   663  O  O   . GLY A 1 118 ? -14.714 4.807   9.511   1.00 112.72 ? 94  GLY A O   1 
ATOM   664  N  N   . ASP A 1 119 ? -15.143 3.723   11.476  1.00 122.04 ? 95  ASP A N   1 
ATOM   665  C  CA  . ASP A 1 119 ? -14.050 4.323   12.291  1.00 125.98 ? 95  ASP A CA  1 
ATOM   666  C  C   . ASP A 1 119 ? -12.762 3.511   12.085  1.00 128.34 ? 95  ASP A C   1 
ATOM   667  O  O   . ASP A 1 119 ? -11.706 3.950   12.589  1.00 117.88 ? 95  ASP A O   1 
ATOM   668  C  CB  . ASP A 1 119 ? -14.449 4.399   13.772  1.00 133.69 ? 95  ASP A CB  1 
ATOM   669  C  CG  . ASP A 1 119 ? -14.873 3.078   14.413  1.00 141.14 ? 95  ASP A CG  1 
ATOM   670  O  OD1 . ASP A 1 119 ? -15.206 2.131   13.676  1.00 140.81 ? 95  ASP A OD1 1 
ATOM   671  O  OD2 . ASP A 1 119 ? -14.876 3.006   15.654  1.00 140.00 ? 95  ASP A OD2 1 
ATOM   672  N  N   . LYS A 1 120 ? -12.840 2.379   11.371  1.00 112.19 ? 96  LYS A N   1 
ATOM   673  C  CA  . LYS A 1 120 ? -11.731 1.401   11.224  1.00 109.20 ? 96  LYS A CA  1 
ATOM   674  C  C   . LYS A 1 120 ? -11.107 1.487   9.817   1.00 107.90 ? 96  LYS A C   1 
ATOM   675  O  O   . LYS A 1 120 ? -11.842 1.806   8.854   1.00 116.97 ? 96  LYS A O   1 
ATOM   676  C  CB  . LYS A 1 120 ? -12.272 0.006   11.526  1.00 115.45 ? 96  LYS A CB  1 
ATOM   677  C  CG  . LYS A 1 120 ? -13.035 -0.122  12.841  1.00 130.63 ? 96  LYS A CG  1 
ATOM   678  C  CD  . LYS A 1 120 ? -12.342 -0.984  13.887  1.00 140.26 ? 96  LYS A CD  1 
ATOM   679  C  CE  . LYS A 1 120 ? -13.299 -1.700  14.815  1.00 130.81 ? 96  LYS A CE  1 
ATOM   680  N  NZ  . LYS A 1 120 ? -14.269 -0.753  15.410  1.00 144.05 ? 96  LYS A NZ  1 
ATOM   681  N  N   . MET A 1 121 ? -9.781  1.283   9.738   1.00 86.35  ? 97  MET A N   1 
ATOM   682  C  CA  . MET A 1 121 ? -8.987  0.963   8.515   1.00 84.20  ? 97  MET A CA  1 
ATOM   683  C  C   . MET A 1 121 ? -8.487  -0.491  8.615   1.00 88.25  ? 97  MET A C   1 
ATOM   684  O  O   . MET A 1 121 ? -7.674  -0.802  9.529   1.00 83.97  ? 97  MET A O   1 
ATOM   685  C  CB  . MET A 1 121 ? -7.780  1.894   8.365   1.00 76.27  ? 97  MET A CB  1 
ATOM   686  C  CG  . MET A 1 121 ? -7.160  1.883   6.984   1.00 80.50  ? 97  MET A CG  1 
ATOM   687  S  SD  . MET A 1 121 ? -5.636  2.900   6.830   1.00 91.59  ? 97  MET A SD  1 
ATOM   688  C  CE  . MET A 1 121 ? -4.561  2.024   7.962   1.00 81.51  ? 97  MET A CE  1 
ATOM   689  N  N   . ARG A 1 122 ? -8.984  -1.363  7.736   1.00 80.19  ? 98  ARG A N   1 
ATOM   690  C  CA  . ARG A 1 122 ? -8.496  -2.755  7.544   1.00 84.07  ? 98  ARG A CA  1 
ATOM   691  C  C   . ARG A 1 122 ? -7.405  -2.769  6.454   1.00 75.73  ? 98  ARG A C   1 
ATOM   692  O  O   . ARG A 1 122 ? -7.632  -2.225  5.373   1.00 80.45  ? 98  ARG A O   1 
ATOM   693  C  CB  . ARG A 1 122 ? -9.671  -3.674  7.187   1.00 88.24  ? 98  ARG A CB  1 
ATOM   694  C  CG  . ARG A 1 122 ? -10.230 -4.435  8.376   1.00 104.41 ? 98  ARG A CG  1 
ATOM   695  C  CD  . ARG A 1 122 ? -11.492 -5.235  8.098   1.00 122.54 ? 98  ARG A CD  1 
ATOM   696  N  NE  . ARG A 1 122 ? -12.421 -4.887  9.160   1.00 130.18 ? 98  ARG A NE  1 
ATOM   697  C  CZ  . ARG A 1 122 ? -13.398 -3.996  9.050   1.00 121.08 ? 98  ARG A CZ  1 
ATOM   698  N  NH1 . ARG A 1 122 ? -13.645 -3.398  7.893   1.00 116.47 ? 98  ARG A NH1 1 
ATOM   699  N  NH2 . ARG A 1 122 ? -14.138 -3.722  10.110  1.00 114.71 ? 98  ARG A NH2 1 
ATOM   700  N  N   . VAL A 1 123 ? -6.264  -3.393  6.723   1.00 68.81  ? 99  VAL A N   1 
ATOM   701  C  CA  . VAL A 1 123 ? -5.167  -3.580  5.733   1.00 73.31  ? 99  VAL A CA  1 
ATOM   702  C  C   . VAL A 1 123 ? -4.984  -5.078  5.558   1.00 71.72  ? 99  VAL A C   1 
ATOM   703  O  O   . VAL A 1 123 ? -4.615  -5.692  6.541   1.00 78.65  ? 99  VAL A O   1 
ATOM   704  C  CB  . VAL A 1 123 ? -3.854  -2.941  6.221   1.00 78.14  ? 99  VAL A CB  1 
ATOM   705  C  CG1 . VAL A 1 123 ? -2.728  -3.166  5.222   1.00 72.97  ? 99  VAL A CG1 1 
ATOM   706  C  CG2 . VAL A 1 123 ? -4.038  -1.470  6.542   1.00 73.18  ? 99  VAL A CG2 1 
ATOM   707  N  N   . ARG A 1 124 ? -5.222  -5.610  4.353   1.00 79.51  ? 100 ARG A N   1 
ATOM   708  C  CA  . ARG A 1 124 ? -5.157  -7.052  3.996   1.00 65.20  ? 100 ARG A CA  1 
ATOM   709  C  C   . ARG A 1 124 ? -3.932  -7.223  3.093   1.00 68.40  ? 100 ARG A C   1 
ATOM   710  O  O   . ARG A 1 124 ? -3.925  -6.634  2.000   1.00 83.62  ? 100 ARG A O   1 
ATOM   711  C  CB  . ARG A 1 124 ? -6.501  -7.453  3.376   1.00 76.74  ? 100 ARG A CB  1 
ATOM   712  C  CG  . ARG A 1 124 ? -6.654  -8.904  2.926   1.00 96.25  ? 100 ARG A CG  1 
ATOM   713  C  CD  . ARG A 1 124 ? -8.053  -9.202  2.389   1.00 112.07 ? 100 ARG A CD  1 
ATOM   714  N  NE  . ARG A 1 124 ? -9.120  -8.600  3.200   1.00 127.64 ? 100 ARG A NE  1 
ATOM   715  C  CZ  . ARG A 1 124 ? -10.039 -7.714  2.777   1.00 133.14 ? 100 ARG A CZ  1 
ATOM   716  N  NH1 . ARG A 1 124 ? -10.088 -7.303  1.513   1.00 117.58 ? 100 ARG A NH1 1 
ATOM   717  N  NH2 . ARG A 1 124 ? -10.930 -7.250  3.636   1.00 142.15 ? 100 ARG A NH2 1 
ATOM   718  N  N   . LEU A 1 125 ? -2.925  -7.963  3.563   1.00 69.94  ? 101 LEU A N   1 
ATOM   719  C  CA  . LEU A 1 125 ? -1.640  -8.263  2.866   1.00 74.00  ? 101 LEU A CA  1 
ATOM   720  C  C   . LEU A 1 125 ? -1.623  -9.725  2.423   1.00 71.68  ? 101 LEU A C   1 
ATOM   721  O  O   . LEU A 1 125 ? -1.747  -10.596 3.278   1.00 75.84  ? 101 LEU A O   1 
ATOM   722  C  CB  . LEU A 1 125 ? -0.485  -8.030  3.843   1.00 75.06  ? 101 LEU A CB  1 
ATOM   723  C  CG  . LEU A 1 125 ? -0.564  -6.709  4.595   1.00 84.15  ? 101 LEU A CG  1 
ATOM   724  C  CD1 . LEU A 1 125 ? 0.362   -6.706  5.797   1.00 90.16  ? 101 LEU A CD1 1 
ATOM   725  C  CD2 . LEU A 1 125 ? -0.242  -5.570  3.654   1.00 89.19  ? 101 LEU A CD2 1 
ATOM   726  N  N   . ARG A 1 126 ? -1.418  -9.975  1.140   1.00 79.55  ? 102 ARG A N   1 
ATOM   727  C  CA  . ARG A 1 126 ? -1.280  -11.341 0.582   1.00 84.74  ? 102 ARG A CA  1 
ATOM   728  C  C   . ARG A 1 126 ? 0.131   -11.436 0.002   1.00 78.66  ? 102 ARG A C   1 
ATOM   729  O  O   . ARG A 1 126 ? 0.486   -10.570 -0.781  1.00 75.63  ? 102 ARG A O   1 
ATOM   730  C  CB  . ARG A 1 126 ? -2.377  -11.617 -0.457  1.00 89.68  ? 102 ARG A CB  1 
ATOM   731  C  CG  . ARG A 1 126 ? -2.711  -13.091 -0.600  1.00 107.74 ? 102 ARG A CG  1 
ATOM   732  C  CD  . ARG A 1 126 ? -3.441  -13.517 -1.866  1.00 127.41 ? 102 ARG A CD  1 
ATOM   733  N  NE  . ARG A 1 126 ? -2.951  -14.851 -2.217  1.00 140.22 ? 102 ARG A NE  1 
ATOM   734  C  CZ  . ARG A 1 126 ? -3.249  -15.991 -1.581  1.00 137.46 ? 102 ARG A CZ  1 
ATOM   735  N  NH1 . ARG A 1 126 ? -4.098  -16.007 -0.563  1.00 131.87 ? 102 ARG A NH1 1 
ATOM   736  N  NH2 . ARG A 1 126 ? -2.692  -17.124 -1.982  1.00 126.83 ? 102 ARG A NH2 1 
ATOM   737  N  N   . ASN A 1 127 ? 0.913   -12.437 0.398   1.00 83.39  ? 103 ASN A N   1 
ATOM   738  C  CA  . ASN A 1 127 ? 2.268   -12.683 -0.160  1.00 72.52  ? 103 ASN A CA  1 
ATOM   739  C  C   . ASN A 1 127 ? 2.216   -13.866 -1.135  1.00 65.87  ? 103 ASN A C   1 
ATOM   740  O  O   . ASN A 1 127 ? 1.999   -14.967 -0.666  1.00 79.35  ? 103 ASN A O   1 
ATOM   741  C  CB  . ASN A 1 127 ? 3.276   -12.948 0.948   1.00 71.29  ? 103 ASN A CB  1 
ATOM   742  C  CG  . ASN A 1 127 ? 4.639   -13.265 0.388   1.00 80.14  ? 103 ASN A CG  1 
ATOM   743  O  OD1 . ASN A 1 127 ? 4.842   -13.165 -0.828  1.00 78.05  ? 103 ASN A OD1 1 
ATOM   744  N  ND2 . ASN A 1 127 ? 5.569   -13.624 1.265   1.00 81.37  ? 103 ASN A ND2 1 
ATOM   745  N  N   . ASP A 1 128 ? 2.401   -13.620 -2.435  1.00 74.23  ? 104 ASP A N   1 
ATOM   746  C  CA  . ASP A 1 128 ? 2.416   -14.628 -3.531  1.00 84.58  ? 104 ASP A CA  1 
ATOM   747  C  C   . ASP A 1 128 ? 3.806   -14.656 -4.174  1.00 81.23  ? 104 ASP A C   1 
ATOM   748  O  O   . ASP A 1 128 ? 3.895   -14.577 -5.393  1.00 87.67  ? 104 ASP A O   1 
ATOM   749  C  CB  . ASP A 1 128 ? 1.353   -14.328 -4.593  1.00 91.73  ? 104 ASP A CB  1 
ATOM   750  C  CG  . ASP A 1 128 ? -0.081  -14.538 -4.135  1.00 110.07 ? 104 ASP A CG  1 
ATOM   751  O  OD1 . ASP A 1 128 ? -0.303  -15.399 -3.228  1.00 120.14 ? 104 ASP A OD1 1 
ATOM   752  O  OD2 . ASP A 1 128 ? -0.978  -13.848 -4.701  1.00 127.32 ? 104 ASP A OD2 1 
ATOM   753  N  N   . SER A 1 129 ? 4.847   -14.709 -3.357  1.00 85.32  ? 105 SER A N   1 
ATOM   754  C  CA  . SER A 1 129 ? 6.261   -14.860 -3.764  1.00 89.86  ? 105 SER A CA  1 
ATOM   755  C  C   . SER A 1 129 ? 6.772   -16.129 -3.076  1.00 101.61 ? 105 SER A C   1 
ATOM   756  O  O   . SER A 1 129 ? 5.962   -16.771 -2.379  1.00 106.15 ? 105 SER A O   1 
ATOM   757  C  CB  . SER A 1 129 ? 7.063   -13.618 -3.410  1.00 102.52 ? 105 SER A CB  1 
ATOM   758  O  OG  . SER A 1 129 ? 7.348   -13.533 -2.012  1.00 93.91  ? 105 SER A OG  1 
ATOM   759  N  N   . SER A 1 130 ? 8.046   -16.476 -3.255  1.00 107.98 ? 106 SER A N   1 
ATOM   760  C  CA  . SER A 1 130 ? 8.674   -17.700 -2.696  1.00 100.41 ? 106 SER A CA  1 
ATOM   761  C  C   . SER A 1 130 ? 9.308   -17.405 -1.330  1.00 95.53  ? 106 SER A C   1 
ATOM   762  O  O   . SER A 1 130 ? 9.916   -18.316 -0.770  1.00 106.82 ? 106 SER A O   1 
ATOM   763  C  CB  . SER A 1 130 ? 9.690   -18.242 -3.658  1.00 107.59 ? 106 SER A CB  1 
ATOM   764  O  OG  . SER A 1 130 ? 10.587  -17.210 -4.058  1.00 123.78 ? 106 SER A OG  1 
ATOM   765  N  N   . THR A 1 131 ? 9.160   -16.194 -0.791  1.00 94.36  ? 107 THR A N   1 
ATOM   766  C  CA  . THR A 1 131 ? 9.987   -15.697 0.344   1.00 97.29  ? 107 THR A CA  1 
ATOM   767  C  C   . THR A 1 131 ? 9.118   -14.873 1.295   1.00 92.04  ? 107 THR A C   1 
ATOM   768  O  O   . THR A 1 131 ? 8.263   -14.091 0.875   1.00 106.45 ? 107 THR A O   1 
ATOM   769  C  CB  . THR A 1 131 ? 11.232  -14.962 -0.199  1.00 105.89 ? 107 THR A CB  1 
ATOM   770  O  OG1 . THR A 1 131 ? 11.504  -13.790 0.570   1.00 106.51 ? 107 THR A OG1 1 
ATOM   771  C  CG2 . THR A 1 131 ? 11.112  -14.528 -1.648  1.00 108.46 ? 107 THR A CG2 1 
ATOM   772  N  N   . PRO A 1 132 ? 9.313   -15.009 2.621   1.00 83.16  ? 108 PRO A N   1 
ATOM   773  C  CA  . PRO A 1 132 ? 8.640   -14.147 3.598   1.00 90.99  ? 108 PRO A CA  1 
ATOM   774  C  C   . PRO A 1 132 ? 8.872   -12.656 3.343   1.00 85.00  ? 108 PRO A C   1 
ATOM   775  O  O   . PRO A 1 132 ? 9.812   -12.343 2.674   1.00 96.71  ? 108 PRO A O   1 
ATOM   776  C  CB  . PRO A 1 132 ? 9.315   -14.543 4.920   1.00 87.01  ? 108 PRO A CB  1 
ATOM   777  C  CG  . PRO A 1 132 ? 9.680   -15.995 4.695   1.00 83.56  ? 108 PRO A CG  1 
ATOM   778  C  CD  . PRO A 1 132 ? 10.158  -16.022 3.262   1.00 82.24  ? 108 PRO A CD  1 
ATOM   779  N  N   . VAL A 1 133 ? 8.028   -11.783 3.886   1.00 81.54  ? 109 VAL A N   1 
ATOM   780  C  CA  . VAL A 1 133 ? 8.202   -10.303 3.781   1.00 73.03  ? 109 VAL A CA  1 
ATOM   781  C  C   . VAL A 1 133 ? 7.734   -9.718  5.104   1.00 68.20  ? 109 VAL A C   1 
ATOM   782  O  O   . VAL A 1 133 ? 6.695   -10.138 5.555   1.00 80.08  ? 109 VAL A O   1 
ATOM   783  C  CB  . VAL A 1 133 ? 7.436   -9.682  2.590   1.00 78.16  ? 109 VAL A CB  1 
ATOM   784  C  CG1 . VAL A 1 133 ? 7.928   -10.185 1.242   1.00 78.84  ? 109 VAL A CG1 1 
ATOM   785  C  CG2 . VAL A 1 133 ? 5.931   -9.873  2.696   1.00 77.37  ? 109 VAL A CG2 1 
ATOM   786  N  N   . GLU A 1 134 ? 8.528   -8.850  5.726   1.00 85.98  ? 110 GLU A N   1 
ATOM   787  C  CA  . GLU A 1 134 ? 8.083   -7.953  6.825   1.00 95.79  ? 110 GLU A CA  1 
ATOM   788  C  C   . GLU A 1 134 ? 7.277   -6.833  6.149   1.00 83.72  ? 110 GLU A C   1 
ATOM   789  O  O   . GLU A 1 134 ? 7.718   -6.319  5.111   1.00 84.96  ? 110 GLU A O   1 
ATOM   790  C  CB  . GLU A 1 134 ? 9.271   -7.397  7.636   1.00 107.01 ? 110 GLU A CB  1 
ATOM   791  C  CG  . GLU A 1 134 ? 9.726   -8.231  8.836   1.00 115.34 ? 110 GLU A CG  1 
ATOM   792  C  CD  . GLU A 1 134 ? 10.961  -7.700  9.575   1.00 141.08 ? 110 GLU A CD  1 
ATOM   793  O  OE1 . GLU A 1 134 ? 12.098  -7.860  9.054   1.00 152.49 ? 110 GLU A OE1 1 
ATOM   794  O  OE2 . GLU A 1 134 ? 10.799  -7.120  10.677  1.00 129.56 ? 110 GLU A OE2 1 
ATOM   795  N  N   . VAL A 1 135 ? 6.107   -6.501  6.673   1.00 75.44  ? 111 VAL A N   1 
ATOM   796  C  CA  . VAL A 1 135 ? 5.352   -5.296  6.239   1.00 81.59  ? 111 VAL A CA  1 
ATOM   797  C  C   . VAL A 1 135 ? 5.277   -4.363  7.448   1.00 73.82  ? 111 VAL A C   1 
ATOM   798  O  O   . VAL A 1 135 ? 4.720   -4.764  8.484   1.00 76.48  ? 111 VAL A O   1 
ATOM   799  C  CB  . VAL A 1 135 ? 3.966   -5.639  5.650   1.00 82.61  ? 111 VAL A CB  1 
ATOM   800  C  CG1 . VAL A 1 135 ? 3.182   -4.379  5.298   1.00 76.03  ? 111 VAL A CG1 1 
ATOM   801  C  CG2 . VAL A 1 135 ? 4.086   -6.530  4.423   1.00 82.87  ? 111 VAL A CG2 1 
ATOM   802  N  N   . HIS A 1 136 ? 5.890   -3.190  7.351   1.00 81.50  ? 112 HIS A N   1 
ATOM   803  C  CA  . HIS A 1 136 ? 5.821   -2.162  8.420   1.00 88.03  ? 112 HIS A CA  1 
ATOM   804  C  C   . HIS A 1 136 ? 4.704   -1.199  8.029   1.00 86.53  ? 112 HIS A C   1 
ATOM   805  O  O   . HIS A 1 136 ? 4.716   -0.734  6.877   1.00 85.85  ? 112 HIS A O   1 
ATOM   806  C  CB  . HIS A 1 136 ? 7.190   -1.504  8.615   1.00 87.14  ? 112 HIS A CB  1 
ATOM   807  C  CG  . HIS A 1 136 ? 8.322   -2.461  8.788   1.00 87.00  ? 112 HIS A CG  1 
ATOM   808  N  ND1 . HIS A 1 136 ? 8.629   -3.032  10.012  1.00 91.03  ? 112 HIS A ND1 1 
ATOM   809  C  CD2 . HIS A 1 136 ? 9.257   -2.903  7.916   1.00 91.90  ? 112 HIS A CD2 1 
ATOM   810  C  CE1 . HIS A 1 136 ? 9.693   -3.802  9.881   1.00 102.15 ? 112 HIS A CE1 1 
ATOM   811  N  NE2 . HIS A 1 136 ? 10.099  -3.746  8.599   1.00 94.44  ? 112 HIS A NE2 1 
ATOM   812  N  N   . ILE A 1 137 ? 3.735   -0.985  8.915   1.00 80.43  ? 113 ILE A N   1 
ATOM   813  C  CA  . ILE A 1 137 ? 2.554   -0.116  8.644   1.00 89.63  ? 113 ILE A CA  1 
ATOM   814  C  C   . ILE A 1 137 ? 2.595   1.054   9.629   1.00 92.12  ? 113 ILE A C   1 
ATOM   815  O  O   . ILE A 1 137 ? 2.915   0.793   10.786  1.00 90.65  ? 113 ILE A O   1 
ATOM   816  C  CB  . ILE A 1 137 ? 1.246   -0.908  8.785   1.00 84.43  ? 113 ILE A CB  1 
ATOM   817  C  CG1 . ILE A 1 137 ? 1.286   -2.231  8.023   1.00 82.84  ? 113 ILE A CG1 1 
ATOM   818  C  CG2 . ILE A 1 137 ? 0.062   -0.051  8.365   1.00 88.76  ? 113 ILE A CG2 1 
ATOM   819  C  CD1 . ILE A 1 137 ? 0.110   -3.119  8.328   1.00 82.47  ? 113 ILE A CD1 1 
ATOM   820  N  N   . LYS A 1 138 ? 2.241   2.263   9.175   1.00 90.03  ? 114 LYS A N   1 
ATOM   821  C  CA  . LYS A 1 138 ? 2.307   3.547   9.925   1.00 91.32  ? 114 LYS A CA  1 
ATOM   822  C  C   . LYS A 1 138 ? 1.021   4.318   9.640   1.00 84.82  ? 114 LYS A C   1 
ATOM   823  O  O   . LYS A 1 138 ? 0.800   4.662   8.483   1.00 86.08  ? 114 LYS A O   1 
ATOM   824  C  CB  . LYS A 1 138 ? 3.532   4.337   9.459   1.00 107.77 ? 114 LYS A CB  1 
ATOM   825  C  CG  . LYS A 1 138 ? 4.529   4.754   10.531  1.00 126.07 ? 114 LYS A CG  1 
ATOM   826  C  CD  . LYS A 1 138 ? 5.934   4.991   9.972   1.00 142.17 ? 114 LYS A CD  1 
ATOM   827  C  CE  . LYS A 1 138 ? 6.789   5.906   10.830  1.00 162.08 ? 114 LYS A CE  1 
ATOM   828  N  NZ  . LYS A 1 138 ? 6.259   7.289   10.882  1.00 166.20 ? 114 LYS A NZ  1 
ATOM   829  N  N   . VAL A 1 139 ? 0.150   4.482   10.630  1.00 92.09  ? 115 VAL A N   1 
ATOM   830  C  CA  . VAL A 1 139 ? -1.102  5.285   10.503  1.00 96.84  ? 115 VAL A CA  1 
ATOM   831  C  C   . VAL A 1 139 ? -1.149  6.200   11.719  1.00 101.24 ? 115 VAL A C   1 
ATOM   832  O  O   . VAL A 1 139 ? -1.307  5.661   12.836  1.00 101.38 ? 115 VAL A O   1 
ATOM   833  C  CB  . VAL A 1 139 ? -2.391  4.449   10.456  1.00 110.43 ? 115 VAL A CB  1 
ATOM   834  C  CG1 . VAL A 1 139 ? -3.377  5.056   9.479   1.00 120.05 ? 115 VAL A CG1 1 
ATOM   835  C  CG2 . VAL A 1 139 ? -2.150  2.980   10.160  1.00 118.77 ? 115 VAL A CG2 1 
ATOM   836  N  N   . GLY A 1 140 ? -1.031  7.511   11.502  1.00 106.81 ? 116 GLY A N   1 
ATOM   837  C  CA  . GLY A 1 140 ? -0.753  8.489   12.568  1.00 107.87 ? 116 GLY A CA  1 
ATOM   838  C  C   . GLY A 1 140 ? 0.293   7.956   13.541  1.00 112.65 ? 116 GLY A C   1 
ATOM   839  O  O   . GLY A 1 140 ? 1.408   7.628   13.075  1.00 88.02  ? 116 GLY A O   1 
ATOM   840  N  N   . ASP A 1 141 ? -0.091  7.827   14.821  1.00 111.55 ? 117 ASP A N   1 
ATOM   841  C  CA  . ASP A 1 141 ? 0.740   7.389   15.975  1.00 118.96 ? 117 ASP A CA  1 
ATOM   842  C  C   . ASP A 1 141 ? 1.007   5.871   15.921  1.00 124.45 ? 117 ASP A C   1 
ATOM   843  O  O   . ASP A 1 141 ? 2.135   5.464   16.308  1.00 120.47 ? 117 ASP A O   1 
ATOM   844  C  CB  . ASP A 1 141 ? 0.074   7.804   17.297  1.00 126.86 ? 117 ASP A CB  1 
ATOM   845  C  CG  . ASP A 1 141 ? -1.334  7.259   17.496  1.00 138.70 ? 117 ASP A CG  1 
ATOM   846  O  OD1 . ASP A 1 141 ? -2.250  7.726   16.784  1.00 149.03 ? 117 ASP A OD1 1 
ATOM   847  O  OD2 . ASP A 1 141 ? -1.508  6.360   18.353  1.00 137.03 ? 117 ASP A OD2 1 
ATOM   848  N  N   . GLU A 1 142 ? 0.025   5.057   15.491  1.00 117.90 ? 118 GLU A N   1 
ATOM   849  C  CA  . GLU A 1 142 ? 0.135   3.568   15.409  1.00 106.69 ? 118 GLU A CA  1 
ATOM   850  C  C   . GLU A 1 142 ? 1.234   3.184   14.397  1.00 102.06 ? 118 GLU A C   1 
ATOM   851  O  O   . GLU A 1 142 ? 1.256   3.748   13.283  1.00 105.39 ? 118 GLU A O   1 
ATOM   852  C  CB  . GLU A 1 142 ? -1.210  2.922   15.053  1.00 111.77 ? 118 GLU A CB  1 
ATOM   853  C  CG  . GLU A 1 142 ? -2.122  2.649   16.244  1.00 123.10 ? 118 GLU A CG  1 
ATOM   854  C  CD  . GLU A 1 142 ? -3.142  1.525   16.064  1.00 138.33 ? 118 GLU A CD  1 
ATOM   855  O  OE1 . GLU A 1 142 ? -2.714  0.339   16.001  1.00 113.22 ? 118 GLU A OE1 1 
ATOM   856  O  OE2 . GLU A 1 142 ? -4.368  1.822   15.986  1.00 138.68 ? 118 GLU A OE2 1 
ATOM   857  N  N   . LYS A 1 143 ? 2.145   2.303   14.817  1.00 91.01  ? 119 LYS A N   1 
ATOM   858  C  CA  . LYS A 1 143 ? 3.178   1.615   13.999  1.00 90.31  ? 119 LYS A CA  1 
ATOM   859  C  C   . LYS A 1 143 ? 3.021   0.110   14.235  1.00 88.92  ? 119 LYS A C   1 
ATOM   860  O  O   . LYS A 1 143 ? 2.863   -0.299  15.390  1.00 95.17  ? 119 LYS A O   1 
ATOM   861  C  CB  . LYS A 1 143 ? 4.604   1.965   14.426  1.00 98.36  ? 119 LYS A CB  1 
ATOM   862  C  CG  . LYS A 1 143 ? 5.090   3.375   14.133  1.00 110.90 ? 119 LYS A CG  1 
ATOM   863  C  CD  . LYS A 1 143 ? 6.620   3.492   14.130  1.00 122.17 ? 119 LYS A CD  1 
ATOM   864  C  CE  . LYS A 1 143 ? 7.317   2.435   13.288  1.00 128.89 ? 119 LYS A CE  1 
ATOM   865  N  NZ  . LYS A 1 143 ? 8.649   2.878   12.807  1.00 128.15 ? 119 LYS A NZ  1 
ATOM   866  N  N   . ARG A 1 144 ? 3.057   -0.698  13.188  1.00 96.41  ? 120 ARG A N   1 
ATOM   867  C  CA  . ARG A 1 144 ? 2.737   -2.138  13.310  1.00 88.80  ? 120 ARG A CA  1 
ATOM   868  C  C   . ARG A 1 144 ? 3.527   -2.912  12.259  1.00 82.27  ? 120 ARG A C   1 
ATOM   869  O  O   . ARG A 1 144 ? 3.582   -2.451  11.104  1.00 92.17  ? 120 ARG A O   1 
ATOM   870  C  CB  . ARG A 1 144 ? 1.227   -2.308  13.204  1.00 88.35  ? 120 ARG A CB  1 
ATOM   871  C  CG  . ARG A 1 144 ? 0.756   -3.724  13.466  1.00 95.77  ? 120 ARG A CG  1 
ATOM   872  C  CD  . ARG A 1 144 ? 0.872   -4.149  14.909  1.00 107.95 ? 120 ARG A CD  1 
ATOM   873  N  NE  . ARG A 1 144 ? 0.452   -5.540  14.971  1.00 110.98 ? 120 ARG A NE  1 
ATOM   874  C  CZ  . ARG A 1 144 ? -0.813  -5.943  15.040  1.00 111.51 ? 120 ARG A CZ  1 
ATOM   875  N  NH1 . ARG A 1 144 ? -1.802  -5.063  15.100  1.00 102.35 ? 120 ARG A NH1 1 
ATOM   876  N  NH2 . ARG A 1 144 ? -1.085  -7.234  15.065  1.00 113.63 ? 120 ARG A NH2 1 
ATOM   877  N  N   . THR A 1 145 ? 4.164   -4.000  12.683  1.00 82.74  ? 121 THR A N   1 
ATOM   878  C  CA  . THR A 1 145 ? 5.007   -4.888  11.843  1.00 89.87  ? 121 THR A CA  1 
ATOM   879  C  C   . THR A 1 145 ? 4.401   -6.294  11.853  1.00 92.19  ? 121 THR A C   1 
ATOM   880  O  O   . THR A 1 145 ? 4.091   -6.805  12.948  1.00 90.48  ? 121 THR A O   1 
ATOM   881  C  CB  . THR A 1 145 ? 6.462   -4.856  12.323  1.00 84.82  ? 121 THR A CB  1 
ATOM   882  O  OG1 . THR A 1 145 ? 6.882   -3.514  12.096  1.00 100.25 ? 121 THR A OG1 1 
ATOM   883  C  CG2 . THR A 1 145 ? 7.382   -5.805  11.588  1.00 90.62  ? 121 THR A CG2 1 
ATOM   884  N  N   . VAL A 1 146 ? 4.211   -6.883  10.674  1.00 88.94  ? 122 VAL A N   1 
ATOM   885  C  CA  . VAL A 1 146 ? 3.738   -8.292  10.530  1.00 83.26  ? 122 VAL A CA  1 
ATOM   886  C  C   . VAL A 1 146 ? 4.638   -8.980  9.514   1.00 78.31  ? 122 VAL A C   1 
ATOM   887  O  O   . VAL A 1 146 ? 4.961   -8.371  8.489   1.00 85.56  ? 122 VAL A O   1 
ATOM   888  C  CB  . VAL A 1 146 ? 2.256   -8.373  10.119  1.00 80.92  ? 122 VAL A CB  1 
ATOM   889  C  CG1 . VAL A 1 146 ? 1.348   -7.921  11.245  1.00 78.37  ? 122 VAL A CG1 1 
ATOM   890  C  CG2 . VAL A 1 146 ? 1.955   -7.584  8.852   1.00 87.85  ? 122 VAL A CG2 1 
ATOM   891  N  N   . THR A 1 147 ? 5.048   -10.204 9.808   1.00 84.75  ? 123 THR A N   1 
ATOM   892  C  CA  . THR A 1 147 ? 5.606   -11.116 8.786   1.00 76.59  ? 123 THR A CA  1 
ATOM   893  C  C   . THR A 1 147 ? 4.453   -11.732 8.007   1.00 72.36  ? 123 THR A C   1 
ATOM   894  O  O   . THR A 1 147 ? 3.391   -11.986 8.613   1.00 83.42  ? 123 THR A O   1 
ATOM   895  C  CB  . THR A 1 147 ? 6.457   -12.206 9.421   1.00 78.40  ? 123 THR A CB  1 
ATOM   896  O  OG1 . THR A 1 147 ? 7.390   -11.465 10.204  1.00 84.24  ? 123 THR A OG1 1 
ATOM   897  C  CG2 . THR A 1 147 ? 7.113   -13.096 8.387   1.00 82.32  ? 123 THR A CG2 1 
ATOM   898  N  N   . VAL A 1 148 ? 4.666   -11.958 6.718   1.00 71.78  ? 124 VAL A N   1 
ATOM   899  C  CA  . VAL A 1 148 ? 3.671   -12.579 5.805   1.00 77.38  ? 124 VAL A CA  1 
ATOM   900  C  C   . VAL A 1 148 ? 4.411   -13.624 4.989   1.00 77.40  ? 124 VAL A C   1 
ATOM   901  O  O   . VAL A 1 148 ? 5.203   -13.209 4.114   1.00 78.45  ? 124 VAL A O   1 
ATOM   902  C  CB  . VAL A 1 148 ? 2.999   -11.513 4.931   1.00 81.99  ? 124 VAL A CB  1 
ATOM   903  C  CG1 . VAL A 1 148 ? 1.892   -12.083 4.044   1.00 80.76  ? 124 VAL A CG1 1 
ATOM   904  C  CG2 . VAL A 1 148 ? 2.473   -10.404 5.825   1.00 88.29  ? 124 VAL A CG2 1 
ATOM   905  N  N   . ASN A 1 149 ? 4.206   -14.906 5.323   1.00 83.22  ? 125 ASN A N   1 
ATOM   906  C  CA  . ASN A 1 149 ? 4.895   -16.040 4.648   1.00 85.75  ? 125 ASN A CA  1 
ATOM   907  C  C   . ASN A 1 149 ? 4.203   -16.242 3.303   1.00 85.46  ? 125 ASN A C   1 
ATOM   908  O  O   . ASN A 1 149 ? 3.096   -15.724 3.069   1.00 70.58  ? 125 ASN A O   1 
ATOM   909  C  CB  . ASN A 1 149 ? 4.938   -17.293 5.524   1.00 88.13  ? 125 ASN A CB  1 
ATOM   910  C  CG  . ASN A 1 149 ? 5.500   -17.049 6.912   1.00 87.91  ? 125 ASN A CG  1 
ATOM   911  O  OD1 . ASN A 1 149 ? 6.696   -16.833 7.090   1.00 99.05  ? 125 ASN A OD1 1 
ATOM   912  N  ND2 . ASN A 1 149 ? 4.641   -17.093 7.915   1.00 117.48 ? 125 ASN A ND2 1 
ATOM   913  N  N   . PRO A 1 150 ? 4.876   -16.924 2.352   1.00 79.39  ? 126 PRO A N   1 
ATOM   914  C  CA  . PRO A 1 150 ? 4.295   -17.208 1.041   1.00 80.65  ? 126 PRO A CA  1 
ATOM   915  C  C   . PRO A 1 150 ? 2.960   -17.928 1.220   1.00 76.25  ? 126 PRO A C   1 
ATOM   916  O  O   . PRO A 1 150 ? 2.940   -18.825 2.029   1.00 77.39  ? 126 PRO A O   1 
ATOM   917  C  CB  . PRO A 1 150 ? 5.304   -18.129 0.366   1.00 82.69  ? 126 PRO A CB  1 
ATOM   918  C  CG  . PRO A 1 150 ? 6.614   -17.780 1.044   1.00 87.59  ? 126 PRO A CG  1 
ATOM   919  C  CD  . PRO A 1 150 ? 6.258   -17.394 2.465   1.00 86.27  ? 126 PRO A CD  1 
ATOM   920  N  N   . GLY A 1 151 ? 1.905   -17.446 0.559   1.00 72.92  ? 127 GLY A N   1 
ATOM   921  C  CA  . GLY A 1 151 ? 0.548   -18.030 0.562   1.00 76.59  ? 127 GLY A CA  1 
ATOM   922  C  C   . GLY A 1 151 ? -0.279  -17.655 1.778   1.00 68.94  ? 127 GLY A C   1 
ATOM   923  O  O   . GLY A 1 151 ? -1.428  -18.107 1.855   1.00 85.41  ? 127 GLY A O   1 
ATOM   924  N  N   . GLU A 1 152 ? 0.272   -16.871 2.703   1.00 76.11  ? 128 GLU A N   1 
ATOM   925  C  CA  . GLU A 1 152 ? -0.463  -16.309 3.870   1.00 75.81  ? 128 GLU A CA  1 
ATOM   926  C  C   . GLU A 1 152 ? -1.164  -15.004 3.452   1.00 75.55  ? 128 GLU A C   1 
ATOM   927  O  O   . GLU A 1 152 ? -0.649  -14.281 2.579   1.00 77.93  ? 128 GLU A O   1 
ATOM   928  C  CB  . GLU A 1 152 ? 0.522   -16.080 5.015   1.00 80.58  ? 128 GLU A CB  1 
ATOM   929  C  CG  . GLU A 1 152 ? -0.104  -16.049 6.401   1.00 81.27  ? 128 GLU A CG  1 
ATOM   930  C  CD  . GLU A 1 152 ? 0.927   -15.891 7.513   1.00 87.46  ? 128 GLU A CD  1 
ATOM   931  O  OE1 . GLU A 1 152 ? 2.078   -15.505 7.208   1.00 92.95  ? 128 GLU A OE1 1 
ATOM   932  O  OE2 . GLU A 1 152 ? 0.595   -16.166 8.683   1.00 105.10 ? 128 GLU A OE2 1 
ATOM   933  N  N   . GLU A 1 153 ? -2.345  -14.754 4.003   1.00 82.99  ? 129 GLU A N   1 
ATOM   934  C  CA  . GLU A 1 153 ? -3.054  -13.450 3.947   1.00 82.46  ? 129 GLU A CA  1 
ATOM   935  C  C   . GLU A 1 153 ? -3.093  -12.956 5.392   1.00 81.00  ? 129 GLU A C   1 
ATOM   936  O  O   . GLU A 1 153 ? -3.383  -13.762 6.268   1.00 79.60  ? 129 GLU A O   1 
ATOM   937  C  CB  . GLU A 1 153 ? -4.435  -13.613 3.310   1.00 88.89  ? 129 GLU A CB  1 
ATOM   938  C  CG  . GLU A 1 153 ? -5.277  -12.348 3.273   1.00 107.83 ? 129 GLU A CG  1 
ATOM   939  C  CD  . GLU A 1 153 ? -6.731  -12.555 2.859   1.00 117.88 ? 129 GLU A CD  1 
ATOM   940  O  OE1 . GLU A 1 153 ? -7.054  -12.294 1.677   1.00 115.28 ? 129 GLU A OE1 1 
ATOM   941  O  OE2 . GLU A 1 153 ? -7.548  -12.960 3.728   1.00 123.06 ? 129 GLU A OE2 1 
ATOM   942  N  N   . VAL A 1 154 ? -2.715  -11.708 5.644   1.00 74.50  ? 130 VAL A N   1 
ATOM   943  C  CA  . VAL A 1 154 ? -2.809  -11.100 6.997   1.00 70.28  ? 130 VAL A CA  1 
ATOM   944  C  C   . VAL A 1 154 ? -3.700  -9.868  6.901   1.00 67.31  ? 130 VAL A C   1 
ATOM   945  O  O   . VAL A 1 154 ? -3.486  -9.081  5.995   1.00 86.63  ? 130 VAL A O   1 
ATOM   946  C  CB  . VAL A 1 154 ? -1.417  -10.744 7.528   1.00 73.10  ? 130 VAL A CB  1 
ATOM   947  C  CG1 . VAL A 1 154 ? -1.460  -10.381 8.999   1.00 78.11  ? 130 VAL A CG1 1 
ATOM   948  C  CG2 . VAL A 1 154 ? -0.439  -11.869 7.277   1.00 74.82  ? 130 VAL A CG2 1 
ATOM   949  N  N   . GLU A 1 155 ? -4.669  -9.744  7.803   1.00 78.84  ? 131 GLU A N   1 
ATOM   950  C  CA  . GLU A 1 155 ? -5.540  -8.555  7.995   1.00 76.88  ? 131 GLU A CA  1 
ATOM   951  C  C   . GLU A 1 155 ? -5.162  -7.915  9.342   1.00 77.18  ? 131 GLU A C   1 
ATOM   952  O  O   . GLU A 1 155 ? -5.157  -8.608  10.364  1.00 86.08  ? 131 GLU A O   1 
ATOM   953  C  CB  . GLU A 1 155 ? -7.004  -8.977  7.920   1.00 79.48  ? 131 GLU A CB  1 
ATOM   954  C  CG  . GLU A 1 155 ? -7.974  -7.851  7.600   1.00 91.85  ? 131 GLU A CG  1 
ATOM   955  C  CD  . GLU A 1 155 ? -9.446  -8.255  7.679   1.00 106.67 ? 131 GLU A CD  1 
ATOM   956  O  OE1 . GLU A 1 155 ? -10.136 -8.145  6.641   1.00 123.56 ? 131 GLU A OE1 1 
ATOM   957  O  OE2 . GLU A 1 155 ? -9.914  -8.674  8.786   1.00 116.47 ? 131 GLU A OE2 1 
ATOM   958  N  N   . VAL A 1 156 ? -4.779  -6.645  9.321   1.00 81.86  ? 132 VAL A N   1 
ATOM   959  C  CA  . VAL A 1 156 ? -4.596  -5.795  10.529  1.00 82.89  ? 132 VAL A CA  1 
ATOM   960  C  C   . VAL A 1 156 ? -5.693  -4.720  10.537  1.00 73.82  ? 132 VAL A C   1 
ATOM   961  O  O   . VAL A 1 156 ? -5.943  -4.098  9.510   1.00 73.13  ? 132 VAL A O   1 
ATOM   962  C  CB  . VAL A 1 156 ? -3.171  -5.227  10.550  1.00 79.81  ? 132 VAL A CB  1 
ATOM   963  C  CG1 . VAL A 1 156 ? -2.932  -4.333  11.739  1.00 88.16  ? 132 VAL A CG1 1 
ATOM   964  C  CG2 . VAL A 1 156 ? -2.163  -6.359  10.549  1.00 91.60  ? 132 VAL A CG2 1 
ATOM   965  N  N   . THR A 1 157 ? -6.381  -4.553  11.654  1.00 75.55  ? 133 THR A N   1 
ATOM   966  C  CA  . THR A 1 157 ? -7.433  -3.522  11.799  1.00 83.05  ? 133 THR A CA  1 
ATOM   967  C  C   . THR A 1 157 ? -6.888  -2.405  12.694  1.00 86.70  ? 133 THR A C   1 
ATOM   968  O  O   . THR A 1 157 ? -6.250  -2.714  13.719  1.00 86.67  ? 133 THR A O   1 
ATOM   969  C  CB  . THR A 1 157 ? -8.738  -4.157  12.281  1.00 83.49  ? 133 THR A CB  1 
ATOM   970  O  OG1 . THR A 1 157 ? -9.087  -5.156  11.314  1.00 82.22  ? 133 THR A OG1 1 
ATOM   971  C  CG2 . THR A 1 157 ? -9.840  -3.131  12.432  1.00 83.86  ? 133 THR A CG2 1 
ATOM   972  N  N   . PHE A 1 158 ? -7.043  -1.156  12.252  1.00 86.78  ? 134 PHE A N   1 
ATOM   973  C  CA  . PHE A 1 158 ? -6.659  0.061   13.003  1.00 79.63  ? 134 PHE A CA  1 
ATOM   974  C  C   . PHE A 1 158 ? -7.944  0.770   13.407  1.00 81.47  ? 134 PHE A C   1 
ATOM   975  O  O   . PHE A 1 158 ? -8.912  0.703   12.648  1.00 76.24  ? 134 PHE A O   1 
ATOM   976  C  CB  . PHE A 1 158 ? -5.727  0.921   12.159  1.00 77.96  ? 134 PHE A CB  1 
ATOM   977  C  CG  . PHE A 1 158 ? -4.397  0.276   11.865  1.00 80.60  ? 134 PHE A CG  1 
ATOM   978  C  CD1 . PHE A 1 158 ? -4.225  -0.521  10.743  1.00 79.27  ? 134 PHE A CD1 1 
ATOM   979  C  CD2 . PHE A 1 158 ? -3.306  0.481   12.698  1.00 85.72  ? 134 PHE A CD2 1 
ATOM   980  C  CE1 . PHE A 1 158 ? -2.999  -1.111  10.474  1.00 75.96  ? 134 PHE A CE1 1 
ATOM   981  C  CE2 . PHE A 1 158 ? -2.073  -0.101  12.425  1.00 77.59  ? 134 PHE A CE2 1 
ATOM   982  C  CZ  . PHE A 1 158 ? -1.927  -0.902  11.316  1.00 75.32  ? 134 PHE A CZ  1 
ATOM   983  N  N   . SER A 1 159 ? -7.960  1.363   14.602  1.00 114.89 ? 135 SER A N   1 
ATOM   984  C  CA  . SER A 1 159 ? -9.098  2.158   15.138  1.00 113.02 ? 135 SER A CA  1 
ATOM   985  C  C   . SER A 1 159 ? -8.784  3.653   15.001  1.00 117.20 ? 135 SER A C   1 
ATOM   986  O  O   . SER A 1 159 ? -7.574  4.034   15.024  1.00 96.44  ? 135 SER A O   1 
ATOM   987  C  CB  . SER A 1 159 ? -9.390  1.781   16.559  1.00 113.88 ? 135 SER A CB  1 
ATOM   988  O  OG  . SER A 1 159 ? -9.781  0.419   16.644  1.00 133.08 ? 135 SER A OG  1 
ATOM   989  N  N   . ALA A 1 160 ? -9.826  4.473   14.833  1.00 130.17 ? 136 ALA A N   1 
ATOM   990  C  CA  . ALA A 1 160 ? -9.730  5.951   14.874  1.00 138.27 ? 136 ALA A CA  1 
ATOM   991  C  C   . ALA A 1 160 ? -10.891 6.537   15.686  1.00 142.27 ? 136 ALA A C   1 
ATOM   992  O  O   . ALA A 1 160 ? -12.069 6.320   15.326  1.00 122.76 ? 136 ALA A O   1 
ATOM   993  C  CB  . ALA A 1 160 ? -9.686  6.520   13.479  1.00 143.83 ? 136 ALA A CB  1 
ATOM   994  N  N   . ASN A 1 161 ? -10.541 7.190   16.794  1.00 153.13 ? 137 ASN A N   1 
ATOM   995  C  CA  . ASN A 1 161 ? -11.302 8.314   17.397  1.00 153.89 ? 137 ASN A CA  1 
ATOM   996  C  C   . ASN A 1 161 ? -11.674 9.291   16.273  1.00 155.66 ? 137 ASN A C   1 
ATOM   997  O  O   . ASN A 1 161 ? -12.854 9.690   16.194  1.00 147.79 ? 137 ASN A O   1 
ATOM   998  C  CB  . ASN A 1 161 ? -10.462 8.985   18.488  1.00 156.60 ? 137 ASN A CB  1 
ATOM   999  C  CG  . ASN A 1 161 ? -8.969  8.920   18.209  1.00 166.46 ? 137 ASN A CG  1 
ATOM   1000 O  OD1 . ASN A 1 161 ? -8.541  8.678   17.078  1.00 149.02 ? 137 ASN A OD1 1 
ATOM   1001 N  ND2 . ASN A 1 161 ? -8.161  9.111   19.239  1.00 172.99 ? 137 ASN A ND2 1 
ATOM   1002 N  N   . ASP A 1 162 ? -10.700 9.568   15.396  1.00 157.29 ? 138 ASP A N   1 
ATOM   1003 C  CA  . ASP A 1 162 ? -10.641 10.703  14.437  1.00 150.98 ? 138 ASP A CA  1 
ATOM   1004 C  C   . ASP A 1 162 ? -10.265 10.183  13.045  1.00 170.17 ? 138 ASP A C   1 
ATOM   1005 O  O   . ASP A 1 162 ? -9.083  9.936   12.795  1.00 194.53 ? 138 ASP A O   1 
ATOM   1006 C  CB  . ASP A 1 162 ? -9.622  11.704  14.988  1.00 144.60 ? 138 ASP A CB  1 
ATOM   1007 C  CG  . ASP A 1 162 ? -9.217  12.828  14.052  1.00 144.92 ? 138 ASP A CG  1 
ATOM   1008 O  OD1 . ASP A 1 162 ? -10.061 13.242  13.227  1.00 134.04 ? 138 ASP A OD1 1 
ATOM   1009 O  OD2 . ASP A 1 162 ? -8.060  13.287  14.170  1.00 130.44 ? 138 ASP A OD2 1 
ATOM   1010 N  N   . PRO A 1 163 ? -11.230 9.987   12.101  1.00 162.35 ? 139 PRO A N   1 
ATOM   1011 C  CA  . PRO A 1 163 ? -10.930 9.508   10.738  1.00 153.79 ? 139 PRO A CA  1 
ATOM   1012 C  C   . PRO A 1 163 ? -9.911  10.277  9.865   1.00 145.69 ? 139 PRO A C   1 
ATOM   1013 O  O   . PRO A 1 163 ? -9.627  9.800   8.765   1.00 121.36 ? 139 PRO A O   1 
ATOM   1014 C  CB  . PRO A 1 163 ? -12.302 9.565   10.041  1.00 149.83 ? 139 PRO A CB  1 
ATOM   1015 C  CG  . PRO A 1 163 ? -13.293 9.372   11.163  1.00 150.09 ? 139 PRO A CG  1 
ATOM   1016 C  CD  . PRO A 1 163 ? -12.680 10.126  12.328  1.00 153.47 ? 139 PRO A CD  1 
ATOM   1017 N  N   . HIS A 1 164 ? -9.398  11.418  10.355  1.00 139.02 ? 140 HIS A N   1 
ATOM   1018 C  CA  . HIS A 1 164 ? -8.245  12.191  9.805   1.00 142.12 ? 140 HIS A CA  1 
ATOM   1019 C  C   . HIS A 1 164 ? -6.902  11.556  10.233  1.00 131.04 ? 140 HIS A C   1 
ATOM   1020 O  O   . HIS A 1 164 ? -5.855  11.976  9.703   1.00 136.92 ? 140 HIS A O   1 
ATOM   1021 C  CB  . HIS A 1 164 ? -8.393  13.677  10.202  1.00 152.77 ? 140 HIS A CB  1 
ATOM   1022 C  CG  . HIS A 1 164 ? -7.150  14.502  10.092  1.00 170.47 ? 140 HIS A CG  1 
ATOM   1023 N  ND1 . HIS A 1 164 ? -6.309  14.715  11.173  1.00 166.52 ? 140 HIS A ND1 1 
ATOM   1024 C  CD2 . HIS A 1 164 ? -6.607  15.177  9.051   1.00 174.34 ? 140 HIS A CD2 1 
ATOM   1025 C  CE1 . HIS A 1 164 ? -5.295  15.474  10.800  1.00 166.08 ? 140 HIS A CE1 1 
ATOM   1026 N  NE2 . HIS A 1 164 ? -5.454  15.771  9.499   1.00 175.49 ? 140 HIS A NE2 1 
ATOM   1027 N  N   . LYS A 1 165 ? -6.911  10.570  11.139  1.00 115.94 ? 141 LYS A N   1 
ATOM   1028 C  CA  . LYS A 1 165 ? -5.731  9.722   11.477  1.00 119.12 ? 141 LYS A CA  1 
ATOM   1029 C  C   . LYS A 1 165 ? -5.307  8.883   10.255  1.00 119.27 ? 141 LYS A C   1 
ATOM   1030 O  O   . LYS A 1 165 ? -4.090  8.608   10.080  1.00 106.87 ? 141 LYS A O   1 
ATOM   1031 C  CB  . LYS A 1 165 ? -6.104  8.812   12.650  1.00 131.10 ? 141 LYS A CB  1 
ATOM   1032 C  CG  . LYS A 1 165 ? -4.997  7.895   13.158  1.00 141.57 ? 141 LYS A CG  1 
ATOM   1033 C  CD  . LYS A 1 165 ? -5.489  6.896   14.187  1.00 138.06 ? 141 LYS A CD  1 
ATOM   1034 C  CE  . LYS A 1 165 ? -4.389  6.040   14.771  1.00 128.35 ? 141 LYS A CE  1 
ATOM   1035 N  NZ  . LYS A 1 165 ? -4.888  4.681   15.076  1.00 123.48 ? 141 LYS A NZ  1 
ATOM   1036 N  N   . PHE A 1 166 ? -6.279  8.496   9.429   1.00 105.96 ? 142 PHE A N   1 
ATOM   1037 C  CA  . PHE A 1 166 ? -6.114  7.580   8.275   1.00 99.99  ? 142 PHE A CA  1 
ATOM   1038 C  C   . PHE A 1 166 ? -5.796  8.342   6.982   1.00 101.47 ? 142 PHE A C   1 
ATOM   1039 O  O   . PHE A 1 166 ? -6.009  7.774   5.893   1.00 101.20 ? 142 PHE A O   1 
ATOM   1040 C  CB  . PHE A 1 166 ? -7.407  6.788   8.071   1.00 91.27  ? 142 PHE A CB  1 
ATOM   1041 C  CG  . PHE A 1 166 ? -7.815  5.886   9.206   1.00 81.42  ? 142 PHE A CG  1 
ATOM   1042 C  CD1 . PHE A 1 166 ? -6.877  5.342   10.073  1.00 80.42  ? 142 PHE A CD1 1 
ATOM   1043 C  CD2 . PHE A 1 166 ? -9.145  5.534   9.370   1.00 84.35  ? 142 PHE A CD2 1 
ATOM   1044 C  CE1 . PHE A 1 166 ? -7.270  4.505   11.109  1.00 79.22  ? 142 PHE A CE1 1 
ATOM   1045 C  CE2 . PHE A 1 166 ? -9.539  4.685   10.395  1.00 80.66  ? 142 PHE A CE2 1 
ATOM   1046 C  CZ  . PHE A 1 166 ? -8.599  4.172   11.264  1.00 81.06  ? 142 PHE A CZ  1 
ATOM   1047 N  N   . ASN A 1 167 ? -5.328  9.586   7.070   1.00 102.14 ? 143 ASN A N   1 
ATOM   1048 C  CA  . ASN A 1 167 ? -5.245  10.476  5.881   1.00 107.67 ? 143 ASN A CA  1 
ATOM   1049 C  C   . ASN A 1 167 ? -3.905  10.266  5.177   1.00 100.21 ? 143 ASN A C   1 
ATOM   1050 O  O   . ASN A 1 167 ? -3.890  10.389  3.940   1.00 97.13  ? 143 ASN A O   1 
ATOM   1051 C  CB  . ASN A 1 167 ? -5.532  11.936  6.235   1.00 111.80 ? 143 ASN A CB  1 
ATOM   1052 C  CG  . ASN A 1 167 ? -7.007  12.270  6.120   1.00 126.97 ? 143 ASN A CG  1 
ATOM   1053 O  OD1 . ASN A 1 167 ? -7.429  13.367  6.480   1.00 142.09 ? 143 ASN A OD1 1 
ATOM   1054 N  ND2 . ASN A 1 167 ? -7.801  11.341  5.607   1.00 117.91 ? 143 ASN A ND2 1 
ATOM   1055 N  N   . ARG A 1 168 ? -2.839  9.955   5.930   1.00 94.59  ? 144 ARG A N   1 
ATOM   1056 C  CA  . ARG A 1 168 ? -1.478  9.665   5.392   1.00 89.20  ? 144 ARG A CA  1 
ATOM   1057 C  C   . ARG A 1 168 ? -1.002  8.314   5.937   1.00 85.09  ? 144 ARG A C   1 
ATOM   1058 O  O   . ARG A 1 168 ? -0.089  8.253   6.753   1.00 100.17 ? 144 ARG A O   1 
ATOM   1059 C  CB  . ARG A 1 168 ? -0.562  10.859  5.684   1.00 85.14  ? 144 ARG A CB  1 
ATOM   1060 C  CG  . ARG A 1 168 ? -1.194  12.200  5.323   1.00 112.73 ? 144 ARG A CG  1 
ATOM   1061 C  CD  . ARG A 1 168 ? -0.519  13.449  5.869   1.00 122.63 ? 144 ARG A CD  1 
ATOM   1062 N  NE  . ARG A 1 168 ? 0.139   14.240  4.834   1.00 127.83 ? 144 ARG A NE  1 
ATOM   1063 C  CZ  . ARG A 1 168 ? 1.357   14.002  4.333   1.00 143.19 ? 144 ARG A CZ  1 
ATOM   1064 N  NH1 . ARG A 1 168 ? 2.085   12.983  4.765   1.00 139.44 ? 144 ARG A NH1 1 
ATOM   1065 N  NH2 . ARG A 1 168 ? 1.851   14.799  3.397   1.00 149.14 ? 144 ARG A NH2 1 
ATOM   1066 N  N   . PRO A 1 169 ? -1.647  7.184   5.544   1.00 84.44  ? 145 PRO A N   1 
ATOM   1067 C  CA  . PRO A 1 169 ? -1.164  5.844   5.869   1.00 72.18  ? 145 PRO A CA  1 
ATOM   1068 C  C   . PRO A 1 169 ? 0.027   5.488   4.983   1.00 69.74  ? 145 PRO A C   1 
ATOM   1069 O  O   . PRO A 1 169 ? 0.075   5.920   3.869   1.00 85.25  ? 145 PRO A O   1 
ATOM   1070 C  CB  . PRO A 1 169 ? -2.338  4.936   5.512   1.00 78.31  ? 145 PRO A CB  1 
ATOM   1071 C  CG  . PRO A 1 169 ? -3.026  5.666   4.403   1.00 88.92  ? 145 PRO A CG  1 
ATOM   1072 C  CD  . PRO A 1 169 ? -2.890  7.130   4.761   1.00 87.55  ? 145 PRO A CD  1 
ATOM   1073 N  N   . GLN A 1 170 ? 0.978   4.734   5.502   1.00 77.02  ? 146 GLN A N   1 
ATOM   1074 C  CA  . GLN A 1 170 ? 2.145   4.312   4.691   1.00 79.56  ? 146 GLN A CA  1 
ATOM   1075 C  C   . GLN A 1 170 ? 2.565   2.889   5.075   1.00 70.38  ? 146 GLN A C   1 
ATOM   1076 O  O   . GLN A 1 170 ? 2.256   2.435   6.198   1.00 72.86  ? 146 GLN A O   1 
ATOM   1077 C  CB  . GLN A 1 170 ? 3.259   5.347   4.783   1.00 91.02  ? 146 GLN A CB  1 
ATOM   1078 C  CG  . GLN A 1 170 ? 3.442   6.003   6.137   1.00 96.85  ? 146 GLN A CG  1 
ATOM   1079 C  CD  . GLN A 1 170 ? 4.451   7.123   6.006   1.00 115.93 ? 146 GLN A CD  1 
ATOM   1080 O  OE1 . GLN A 1 170 ? 4.122   8.233   5.542   1.00 91.89  ? 146 GLN A OE1 1 
ATOM   1081 N  NE2 . GLN A 1 170 ? 5.695   6.809   6.373   1.00 92.39  ? 146 GLN A NE2 1 
ATOM   1082 N  N   . PHE A 1 171 ? 3.101   2.149   4.108   1.00 64.71  ? 147 PHE A N   1 
ATOM   1083 C  CA  . PHE A 1 171 ? 3.563   0.764   4.339   1.00 72.61  ? 147 PHE A CA  1 
ATOM   1084 C  C   . PHE A 1 171 ? 4.810   0.516   3.519   1.00 72.15  ? 147 PHE A C   1 
ATOM   1085 O  O   . PHE A 1 171 ? 4.925   1.022   2.396   1.00 76.16  ? 147 PHE A O   1 
ATOM   1086 C  CB  . PHE A 1 171 ? 2.521   -0.315  4.042   1.00 84.54  ? 147 PHE A CB  1 
ATOM   1087 C  CG  . PHE A 1 171 ? 1.436   0.063   3.079   1.00 98.06  ? 147 PHE A CG  1 
ATOM   1088 C  CD1 . PHE A 1 171 ? 0.273   0.664   3.546   1.00 106.64 ? 147 PHE A CD1 1 
ATOM   1089 C  CD2 . PHE A 1 171 ? 1.564   -0.220  1.727   1.00 108.83 ? 147 PHE A CD2 1 
ATOM   1090 C  CE1 . PHE A 1 171 ? -0.730  1.029   2.664   1.00 118.54 ? 147 PHE A CE1 1 
ATOM   1091 C  CE2 . PHE A 1 171 ? 0.553   0.132   0.847   1.00 123.29 ? 147 PHE A CE2 1 
ATOM   1092 C  CZ  . PHE A 1 171 ? -0.588  0.757   1.319   1.00 131.41 ? 147 PHE A CZ  1 
ATOM   1093 N  N   . THR A 1 172 ? 5.685   -0.276  4.127   1.00 84.57  ? 148 THR A N   1 
ATOM   1094 C  CA  . THR A 1 172 ? 6.962   -0.752  3.572   1.00 89.91  ? 148 THR A CA  1 
ATOM   1095 C  C   . THR A 1 172 ? 6.919   -2.275  3.563   1.00 84.26  ? 148 THR A C   1 
ATOM   1096 O  O   . THR A 1 172 ? 6.629   -2.842  4.621   1.00 92.25  ? 148 THR A O   1 
ATOM   1097 C  CB  . THR A 1 172 ? 8.132   -0.275  4.437   1.00 87.71  ? 148 THR A CB  1 
ATOM   1098 O  OG1 . THR A 1 172 ? 8.119   1.148   4.396   1.00 86.56  ? 148 THR A OG1 1 
ATOM   1099 C  CG2 . THR A 1 172 ? 9.457   -0.824  3.963   1.00 95.05  ? 148 THR A CG2 1 
ATOM   1100 N  N   . ILE A 1 173 ? 7.205   -2.873  2.415   1.00 76.76  ? 149 ILE A N   1 
ATOM   1101 C  CA  . ILE A 1 173 ? 7.487   -4.325  2.261   1.00 83.33  ? 149 ILE A CA  1 
ATOM   1102 C  C   . ILE A 1 173 ? 9.003   -4.531  2.257   1.00 79.20  ? 149 ILE A C   1 
ATOM   1103 O  O   . ILE A 1 173 ? 9.649   -3.924  1.404   1.00 91.45  ? 149 ILE A O   1 
ATOM   1104 C  CB  . ILE A 1 173 ? 6.828   -4.805  0.957   1.00 79.77  ? 149 ILE A CB  1 
ATOM   1105 C  CG1 . ILE A 1 173 ? 5.325   -4.516  0.974   1.00 81.86  ? 149 ILE A CG1 1 
ATOM   1106 C  CG2 . ILE A 1 173 ? 7.118   -6.274  0.720   1.00 80.11  ? 149 ILE A CG2 1 
ATOM   1107 C  CD1 . ILE A 1 173 ? 4.812   -3.905  -0.297  1.00 95.73  ? 149 ILE A CD1 1 
ATOM   1108 N  N   . GLU A 1 174 ? 9.526   -5.397  3.132   1.00 93.77  ? 150 GLU A N   1 
ATOM   1109 C  CA  . GLU A 1 174 ? 10.978  -5.706  3.325   1.00 95.95  ? 150 GLU A CA  1 
ATOM   1110 C  C   . GLU A 1 174 ? 11.230  -7.191  3.004   1.00 85.78  ? 150 GLU A C   1 
ATOM   1111 O  O   . GLU A 1 174 ? 10.473  -8.014  3.500   1.00 89.08  ? 150 GLU A O   1 
ATOM   1112 C  CB  . GLU A 1 174 ? 11.318  -5.355  4.777   1.00 101.11 ? 150 GLU A CB  1 
ATOM   1113 C  CG  . GLU A 1 174 ? 12.774  -5.048  5.076   1.00 112.85 ? 150 GLU A CG  1 
ATOM   1114 C  CD  . GLU A 1 174 ? 12.942  -4.417  6.454   1.00 133.45 ? 150 GLU A CD  1 
ATOM   1115 O  OE1 . GLU A 1 174 ? 13.579  -5.048  7.343   1.00 142.38 ? 150 GLU A OE1 1 
ATOM   1116 O  OE2 . GLU A 1 174 ? 12.406  -3.299  6.649   1.00 135.42 ? 150 GLU A OE2 1 
ATOM   1117 N  N   . TRP A 1 175 ? 12.237  -7.531  2.192   1.00 100.40 ? 151 TRP A N   1 
ATOM   1118 C  CA  . TRP A 1 175 ? 12.604  -8.938  1.856   1.00 113.13 ? 151 TRP A CA  1 
ATOM   1119 C  C   . TRP A 1 175 ? 14.105  -9.151  2.151   1.00 136.19 ? 151 TRP A C   1 
ATOM   1120 O  O   . TRP A 1 175 ? 14.467  -9.083  3.349   1.00 132.37 ? 151 TRP A O   1 
ATOM   1121 C  CB  . TRP A 1 175 ? 12.139  -9.341  0.436   1.00 110.04 ? 151 TRP A CB  1 
ATOM   1122 C  CG  . TRP A 1 175 ? 11.858  -8.207  -0.502  1.00 131.08 ? 151 TRP A CG  1 
ATOM   1123 C  CD1 . TRP A 1 175 ? 11.028  -7.140  -0.297  1.00 140.31 ? 151 TRP A CD1 1 
ATOM   1124 C  CD2 . TRP A 1 175 ? 12.403  -8.031  -1.819  1.00 138.75 ? 151 TRP A CD2 1 
ATOM   1125 N  NE1 . TRP A 1 175 ? 11.038  -6.302  -1.378  1.00 127.24 ? 151 TRP A NE1 1 
ATOM   1126 C  CE2 . TRP A 1 175 ? 11.869  -6.827  -2.332  1.00 149.74 ? 151 TRP A CE2 1 
ATOM   1127 C  CE3 . TRP A 1 175 ? 13.283  -8.772  -2.613  1.00 134.38 ? 151 TRP A CE3 1 
ATOM   1128 C  CZ2 . TRP A 1 175 ? 12.192  -6.354  -3.603  1.00 143.29 ? 151 TRP A CZ2 1 
ATOM   1129 C  CZ3 . TRP A 1 175 ? 13.599  -8.303  -3.870  1.00 127.92 ? 151 TRP A CZ3 1 
ATOM   1130 C  CH2 . TRP A 1 175 ? 13.063  -7.110  -4.354  1.00 128.83 ? 151 TRP A CH2 1 
ATOM   1131 N  N   . GLY A 1 176 ? 14.955  -9.383  1.139   1.00 167.49 ? 152 GLY A N   1 
ATOM   1132 C  CA  . GLY A 1 176 ? 16.394  -9.695  1.311   1.00 157.33 ? 152 GLY A CA  1 
ATOM   1133 C  C   . GLY A 1 176 ? 17.287  -8.902  0.359   1.00 153.46 ? 152 GLY A C   1 
ATOM   1134 O  O   . GLY A 1 176 ? 17.378  -9.212  -0.839  1.00 119.53 ? 152 GLY A O   1 
ATOM   1135 O  OXT . GLY A 1 176 ? 17.957  -7.925  0.746   1.00 127.81 ? 152 GLY A OXT 1 
HETATM 1136 C  C1  . GOL B 2 .   ? -10.626 8.364   2.311   1.00 120.16 ? 201 GOL A C1  1 
HETATM 1137 O  O1  . GOL B 2 .   ? -11.427 7.198   2.129   1.00 105.93 ? 201 GOL A O1  1 
HETATM 1138 C  C2  . GOL B 2 .   ? -9.766  8.247   3.552   1.00 123.22 ? 201 GOL A C2  1 
HETATM 1139 O  O2  . GOL B 2 .   ? -9.185  9.507   3.887   1.00 136.81 ? 201 GOL A O2  1 
HETATM 1140 C  C3  . GOL B 2 .   ? -10.525 7.736   4.752   1.00 120.17 ? 201 GOL A C3  1 
HETATM 1141 O  O3  . GOL B 2 .   ? -9.823  8.039   5.954   1.00 143.22 ? 201 GOL A O3  1 
HETATM 1142 TB TB  . TB  C 3 .   ? 1.285   16.150  0.599   1.00 149.07 ? 202 TB  A TB  1 
HETATM 1143 TB TB  . TB  D 3 .   ? 3.511   -5.073  -16.853 1.00 197.55 ? 203 TB  A TB  1 
HETATM 1144 TB TB  . TB  E 3 .   ? 5.382   -9.905  -13.364 1.00 307.54 ? 204 TB  A TB  1 
# 
loop_
_pdbx_poly_seq_scheme.asym_id 
_pdbx_poly_seq_scheme.entity_id 
_pdbx_poly_seq_scheme.seq_id 
_pdbx_poly_seq_scheme.mon_id 
_pdbx_poly_seq_scheme.ndb_seq_num 
_pdbx_poly_seq_scheme.pdb_seq_num 
_pdbx_poly_seq_scheme.auth_seq_num 
_pdbx_poly_seq_scheme.pdb_mon_id 
_pdbx_poly_seq_scheme.auth_mon_id 
_pdbx_poly_seq_scheme.pdb_strand_id 
_pdbx_poly_seq_scheme.pdb_ins_code 
_pdbx_poly_seq_scheme.hetero 
A 1 1   MET 1   -23 ?   ?   ?   A . n 
A 1 2   GLY 2   -22 ?   ?   ?   A . n 
A 1 3   SER 3   -21 ?   ?   ?   A . n 
A 1 4   SER 4   -20 ?   ?   ?   A . n 
A 1 5   HIS 5   -19 ?   ?   ?   A . n 
A 1 6   HIS 6   -18 ?   ?   ?   A . n 
A 1 7   HIS 7   -17 ?   ?   ?   A . n 
A 1 8   HIS 8   -16 ?   ?   ?   A . n 
A 1 9   HIS 9   -15 ?   ?   ?   A . n 
A 1 10  HIS 10  -14 ?   ?   ?   A . n 
A 1 11  SER 11  -13 ?   ?   ?   A . n 
A 1 12  SER 12  -12 ?   ?   ?   A . n 
A 1 13  GLY 13  -11 ?   ?   ?   A . n 
A 1 14  GLU 14  -10 ?   ?   ?   A . n 
A 1 15  ASN 15  -9  ?   ?   ?   A . n 
A 1 16  LEU 16  -8  ?   ?   ?   A . n 
A 1 17  TYR 17  -7  ?   ?   ?   A . n 
A 1 18  PHE 18  -6  ?   ?   ?   A . n 
A 1 19  GLN 19  -5  ?   ?   ?   A . n 
A 1 20  GLY 20  -4  ?   ?   ?   A . n 
A 1 21  HIS 21  -3  ?   ?   ?   A . n 
A 1 22  MET 22  -2  ?   ?   ?   A . n 
A 1 23  GLY 23  -1  ?   ?   ?   A . n 
A 1 24  SER 24  0   ?   ?   ?   A . n 
A 1 25  GLY 25  1   25  GLY GLY A . n 
A 1 26  ARG 26  2   26  ARG ARG A . n 
A 1 27  VAL 27  3   27  VAL VAL A . n 
A 1 28  GLU 28  4   28  GLU GLU A . n 
A 1 29  VAL 29  5   29  VAL VAL A . n 
A 1 30  ARG 30  6   30  ARG ARG A . n 
A 1 31  VAL 31  7   31  VAL VAL A . n 
A 1 32  GLU 32  8   32  GLU GLU A . n 
A 1 33  PHE 33  9   33  PHE PHE A . n 
A 1 34  GLU 34  10  34  GLU GLU A . n 
A 1 35  GLY 35  11  35  GLY GLY A . n 
A 1 36  ASP 36  12  36  ASP ASP A . n 
A 1 37  LYS 37  13  37  LYS LYS A . n 
A 1 38  MET 38  14  38  MET MET A . n 
A 1 39  ARG 39  15  39  ARG ARG A . n 
A 1 40  VAL 40  16  40  VAL VAL A . n 
A 1 41  ARG 41  17  41  ARG ARG A . n 
A 1 42  LEU 42  18  42  LEU LEU A . n 
A 1 43  ARG 43  19  43  ARG ARG A . n 
A 1 44  ASN 44  20  44  ASN ASN A . n 
A 1 45  ASP 45  21  45  ASP ASP A . n 
A 1 46  SER 46  22  46  SER SER A . n 
A 1 47  SER 47  23  47  SER SER A . n 
A 1 48  THR 48  24  48  THR THR A . n 
A 1 49  PRO 49  25  49  PRO PRO A . n 
A 1 50  VAL 50  26  50  VAL VAL A . n 
A 1 51  GLU 51  27  51  GLU GLU A . n 
A 1 52  VAL 52  28  52  VAL VAL A . n 
A 1 53  HIS 53  29  53  HIS HIS A . n 
A 1 54  ILE 54  30  54  ILE ILE A . n 
A 1 55  LYS 55  31  55  LYS LYS A . n 
A 1 56  VAL 56  32  56  VAL VAL A . n 
A 1 57  GLY 57  33  57  GLY GLY A . n 
A 1 58  ASP 58  34  58  ASP ASP A . n 
A 1 59  GLU 59  35  59  GLU GLU A . n 
A 1 60  LYS 60  36  60  LYS LYS A . n 
A 1 61  ARG 61  37  61  ARG ARG A . n 
A 1 62  THR 62  38  62  THR THR A . n 
A 1 63  VAL 63  39  63  VAL VAL A . n 
A 1 64  THR 64  40  64  THR THR A . n 
A 1 65  VAL 65  41  65  VAL VAL A . n 
A 1 66  ASN 66  42  66  ASN ASN A . n 
A 1 67  PRO 67  43  67  PRO PRO A . n 
A 1 68  GLY 68  44  68  GLY GLY A . n 
A 1 69  GLU 69  45  69  GLU GLU A . n 
A 1 70  GLU 70  46  70  GLU GLU A . n 
A 1 71  VAL 71  47  71  VAL VAL A . n 
A 1 72  GLU 72  48  72  GLU GLU A . n 
A 1 73  VAL 73  49  73  VAL VAL A . n 
A 1 74  THR 74  50  74  THR THR A . n 
A 1 75  PHE 75  51  75  PHE PHE A . n 
A 1 76  SER 76  52  76  SER SER A . n 
A 1 77  ALA 77  53  77  ALA ALA A . n 
A 1 78  ASN 78  54  78  ASN ASN A . n 
A 1 79  ASP 79  55  79  ASP ASP A . n 
A 1 80  PRO 80  56  80  PRO PRO A . n 
A 1 81  HIS 81  57  81  HIS HIS A . n 
A 1 82  LYS 82  58  82  LYS LYS A . n 
A 1 83  PHE 83  59  83  PHE PHE A . n 
A 1 84  ASN 84  60  84  ASN ASN A . n 
A 1 85  ARG 85  61  85  ARG ARG A . n 
A 1 86  PRO 86  62  86  PRO PRO A . n 
A 1 87  GLN 87  63  87  GLN GLN A . n 
A 1 88  PHE 88  64  88  PHE PHE A . n 
A 1 89  THR 89  65  89  THR THR A . n 
A 1 90  ILE 90  66  90  ILE ILE A . n 
A 1 91  GLU 91  67  91  GLU GLU A . n 
A 1 92  TRP 92  68  92  TRP TRP A . n 
A 1 93  LYS 93  69  93  LYS LYS A . n 
A 1 94  ASP 94  70  ?   ?   ?   A . n 
A 1 95  ASP 95  71  ?   ?   ?   A . n 
A 1 96  LYS 96  72  ?   ?   ?   A . n 
A 1 97  ASP 97  73  ?   ?   ?   A . n 
A 1 98  GLY 98  74  ?   ?   ?   A . n 
A 1 99  ASP 99  75  ?   ?   ?   A . n 
A 1 100 GLY 100 76  ?   ?   ?   A . n 
A 1 101 TYR 101 77  ?   ?   ?   A . n 
A 1 102 ILE 102 78  ?   ?   ?   A . n 
A 1 103 SER 103 79  ?   ?   ?   A . n 
A 1 104 ALA 104 80  ?   ?   ?   A . n 
A 1 105 ALA 105 81  ?   ?   ?   A . n 
A 1 106 GLU 106 82  ?   ?   ?   A . n 
A 1 107 LYS 107 83  107 LYS LYS A . n 
A 1 108 GLY 108 84  108 GLY GLY A . n 
A 1 109 ARG 109 85  109 ARG ARG A . n 
A 1 110 VAL 110 86  110 VAL VAL A . n 
A 1 111 GLU 111 87  111 GLU GLU A . n 
A 1 112 VAL 112 88  112 VAL VAL A . n 
A 1 113 ARG 113 89  113 ARG ARG A . n 
A 1 114 VAL 114 90  114 VAL VAL A . n 
A 1 115 GLU 115 91  115 GLU GLU A . n 
A 1 116 PHE 116 92  116 PHE PHE A . n 
A 1 117 GLU 117 93  117 GLU GLU A . n 
A 1 118 GLY 118 94  118 GLY GLY A . n 
A 1 119 ASP 119 95  119 ASP ASP A . n 
A 1 120 LYS 120 96  120 LYS LYS A . n 
A 1 121 MET 121 97  121 MET MET A . n 
A 1 122 ARG 122 98  122 ARG ARG A . n 
A 1 123 VAL 123 99  123 VAL VAL A . n 
A 1 124 ARG 124 100 124 ARG ARG A . n 
A 1 125 LEU 125 101 125 LEU LEU A . n 
A 1 126 ARG 126 102 126 ARG ARG A . n 
A 1 127 ASN 127 103 127 ASN ASN A . n 
A 1 128 ASP 128 104 128 ASP ASP A . n 
A 1 129 SER 129 105 129 SER SER A . n 
A 1 130 SER 130 106 130 SER SER A . n 
A 1 131 THR 131 107 131 THR THR A . n 
A 1 132 PRO 132 108 132 PRO PRO A . n 
A 1 133 VAL 133 109 133 VAL VAL A . n 
A 1 134 GLU 134 110 134 GLU GLU A . n 
A 1 135 VAL 135 111 135 VAL VAL A . n 
A 1 136 HIS 136 112 136 HIS HIS A . n 
A 1 137 ILE 137 113 137 ILE ILE A . n 
A 1 138 LYS 138 114 138 LYS LYS A . n 
A 1 139 VAL 139 115 139 VAL VAL A . n 
A 1 140 GLY 140 116 140 GLY GLY A . n 
A 1 141 ASP 141 117 141 ASP ASP A . n 
A 1 142 GLU 142 118 142 GLU GLU A . n 
A 1 143 LYS 143 119 143 LYS LYS A . n 
A 1 144 ARG 144 120 144 ARG ARG A . n 
A 1 145 THR 145 121 145 THR THR A . n 
A 1 146 VAL 146 122 146 VAL VAL A . n 
A 1 147 THR 147 123 147 THR THR A . n 
A 1 148 VAL 148 124 148 VAL VAL A . n 
A 1 149 ASN 149 125 149 ASN ASN A . n 
A 1 150 PRO 150 126 150 PRO PRO A . n 
A 1 151 GLY 151 127 151 GLY GLY A . n 
A 1 152 GLU 152 128 152 GLU GLU A . n 
A 1 153 GLU 153 129 153 GLU GLU A . n 
A 1 154 VAL 154 130 154 VAL VAL A . n 
A 1 155 GLU 155 131 155 GLU GLU A . n 
A 1 156 VAL 156 132 156 VAL VAL A . n 
A 1 157 THR 157 133 157 THR THR A . n 
A 1 158 PHE 158 134 158 PHE PHE A . n 
A 1 159 SER 159 135 159 SER SER A . n 
A 1 160 ALA 160 136 160 ALA ALA A . n 
A 1 161 ASN 161 137 161 ASN ASN A . n 
A 1 162 ASP 162 138 162 ASP ASP A . n 
A 1 163 PRO 163 139 163 PRO PRO A . n 
A 1 164 HIS 164 140 164 HIS HIS A . n 
A 1 165 LYS 165 141 165 LYS LYS A . n 
A 1 166 PHE 166 142 166 PHE PHE A . n 
A 1 167 ASN 167 143 167 ASN ASN A . n 
A 1 168 ARG 168 144 168 ARG ARG A . n 
A 1 169 PRO 169 145 169 PRO PRO A . n 
A 1 170 GLN 170 146 170 GLN GLN A . n 
A 1 171 PHE 171 147 171 PHE PHE A . n 
A 1 172 THR 172 148 172 THR THR A . n 
A 1 173 ILE 173 149 173 ILE ILE A . n 
A 1 174 GLU 174 150 174 GLU GLU A . n 
A 1 175 TRP 175 151 175 TRP TRP A . n 
A 1 176 GLY 176 152 176 GLY GLY A . n 
# 
_pdbx_contact_author.id                 2 
_pdbx_contact_author.email              embcri@ibmb.csic.es 
_pdbx_contact_author.name_first         Enrique 
_pdbx_contact_author.name_last          Marcos 
_pdbx_contact_author.name_mi            ? 
_pdbx_contact_author.role               'principal investigator/group leader' 
_pdbx_contact_author.identifier_ORCID   0000-0001-8736-4082 
# 
loop_
_pdbx_nonpoly_scheme.asym_id 
_pdbx_nonpoly_scheme.entity_id 
_pdbx_nonpoly_scheme.mon_id 
_pdbx_nonpoly_scheme.ndb_seq_num 
_pdbx_nonpoly_scheme.pdb_seq_num 
_pdbx_nonpoly_scheme.auth_seq_num 
_pdbx_nonpoly_scheme.pdb_mon_id 
_pdbx_nonpoly_scheme.auth_mon_id 
_pdbx_nonpoly_scheme.pdb_strand_id 
_pdbx_nonpoly_scheme.pdb_ins_code 
B 2 GOL 1 201 1 GOL GOL A . 
C 3 TB  1 202 1 TB  TB  A . 
D 3 TB  1 203 2 TB  TB  A . 
E 3 TB  1 204 3 TB  TB  A . 
# 
_pdbx_struct_assembly.id                   1 
_pdbx_struct_assembly.details              author_defined_assembly 
_pdbx_struct_assembly.method_details       ? 
_pdbx_struct_assembly.oligomeric_details   monomeric 
_pdbx_struct_assembly.oligomeric_count     1 
# 
_pdbx_struct_assembly_gen.assembly_id       1 
_pdbx_struct_assembly_gen.oper_expression   1 
_pdbx_struct_assembly_gen.asym_id_list      A,B,C,D,E 
# 
loop_
_pdbx_struct_assembly_prop.biol_id 
_pdbx_struct_assembly_prop.type 
_pdbx_struct_assembly_prop.value 
_pdbx_struct_assembly_prop.details 
1 'ABSA (A^2)' 740  ? 
1 MORE         -23  ? 
1 'SSA (A^2)'  7370 ? 
# 
_pdbx_struct_oper_list.id                   1 
_pdbx_struct_oper_list.type                 'identity operation' 
_pdbx_struct_oper_list.name                 1_555 
_pdbx_struct_oper_list.symmetry_operation   x,y,z 
_pdbx_struct_oper_list.matrix[1][1]         1.0 
_pdbx_struct_oper_list.matrix[1][2]         0.0 
_pdbx_struct_oper_list.matrix[1][3]         0.0 
_pdbx_struct_oper_list.vector[1]            0.0 
_pdbx_struct_oper_list.matrix[2][1]         0.0 
_pdbx_struct_oper_list.matrix[2][2]         1.0 
_pdbx_struct_oper_list.matrix[2][3]         0.0 
_pdbx_struct_oper_list.vector[2]            0.0 
_pdbx_struct_oper_list.matrix[3][1]         0.0 
_pdbx_struct_oper_list.matrix[3][2]         0.0 
_pdbx_struct_oper_list.matrix[3][3]         1.0 
_pdbx_struct_oper_list.vector[3]            0.0 
# 
loop_
_pdbx_struct_conn_angle.id 
_pdbx_struct_conn_angle.ptnr1_label_atom_id 
_pdbx_struct_conn_angle.ptnr1_label_alt_id 
_pdbx_struct_conn_angle.ptnr1_label_asym_id 
_pdbx_struct_conn_angle.ptnr1_label_comp_id 
_pdbx_struct_conn_angle.ptnr1_label_seq_id 
_pdbx_struct_conn_angle.ptnr1_auth_atom_id 
_pdbx_struct_conn_angle.ptnr1_auth_asym_id 
_pdbx_struct_conn_angle.ptnr1_auth_comp_id 
_pdbx_struct_conn_angle.ptnr1_auth_seq_id 
_pdbx_struct_conn_angle.ptnr1_PDB_ins_code 
_pdbx_struct_conn_angle.ptnr1_symmetry 
_pdbx_struct_conn_angle.ptnr2_label_atom_id 
_pdbx_struct_conn_angle.ptnr2_label_alt_id 
_pdbx_struct_conn_angle.ptnr2_label_asym_id 
_pdbx_struct_conn_angle.ptnr2_label_comp_id 
_pdbx_struct_conn_angle.ptnr2_label_seq_id 
_pdbx_struct_conn_angle.ptnr2_auth_atom_id 
_pdbx_struct_conn_angle.ptnr2_auth_asym_id 
_pdbx_struct_conn_angle.ptnr2_auth_comp_id 
_pdbx_struct_conn_angle.ptnr2_auth_seq_id 
_pdbx_struct_conn_angle.ptnr2_PDB_ins_code 
_pdbx_struct_conn_angle.ptnr2_symmetry 
_pdbx_struct_conn_angle.ptnr3_label_atom_id 
_pdbx_struct_conn_angle.ptnr3_label_alt_id 
_pdbx_struct_conn_angle.ptnr3_label_asym_id 
_pdbx_struct_conn_angle.ptnr3_label_comp_id 
_pdbx_struct_conn_angle.ptnr3_label_seq_id 
_pdbx_struct_conn_angle.ptnr3_auth_atom_id 
_pdbx_struct_conn_angle.ptnr3_auth_asym_id 
_pdbx_struct_conn_angle.ptnr3_auth_comp_id 
_pdbx_struct_conn_angle.ptnr3_auth_seq_id 
_pdbx_struct_conn_angle.ptnr3_PDB_ins_code 
_pdbx_struct_conn_angle.ptnr3_symmetry 
_pdbx_struct_conn_angle.value 
_pdbx_struct_conn_angle.value_esd 
1  OE1 ? A GLU 32 ? A GLU 8  ? 1_555 TB ? C TB . ? A TB 202 ? 1_555 OE1 ? A GLU 34  ? A GLU 10  ? 1_555 96.1  ? 
2  OE1 ? A GLU 32 ? A GLU 8  ? 1_555 TB ? C TB . ? A TB 202 ? 1_555 OE2 ? A GLU 34  ? A GLU 10  ? 1_555 126.6 ? 
3  OE1 ? A GLU 34 ? A GLU 10 ? 1_555 TB ? C TB . ? A TB 202 ? 1_555 OE2 ? A GLU 34  ? A GLU 10  ? 1_555 49.1  ? 
4  OE1 ? A GLU 32 ? A GLU 8  ? 1_555 TB ? C TB . ? A TB 202 ? 1_555 OE1 ? A GLU 72  ? A GLU 48  ? 1_555 87.6  ? 
5  OE1 ? A GLU 34 ? A GLU 10 ? 1_555 TB ? C TB . ? A TB 202 ? 1_555 OE1 ? A GLU 72  ? A GLU 48  ? 1_555 91.3  ? 
6  OE2 ? A GLU 34 ? A GLU 10 ? 1_555 TB ? C TB . ? A TB 202 ? 1_555 OE1 ? A GLU 72  ? A GLU 48  ? 1_555 125.2 ? 
7  OE1 ? A GLU 32 ? A GLU 8  ? 1_555 TB ? C TB . ? A TB 202 ? 1_555 OE2 ? A GLU 72  ? A GLU 48  ? 1_555 84.9  ? 
8  OE1 ? A GLU 34 ? A GLU 10 ? 1_555 TB ? C TB . ? A TB 202 ? 1_555 OE2 ? A GLU 72  ? A GLU 48  ? 1_555 79.3  ? 
9  OE2 ? A GLU 34 ? A GLU 10 ? 1_555 TB ? C TB . ? A TB 202 ? 1_555 OE2 ? A GLU 72  ? A GLU 48  ? 1_555 117.6 ? 
10 OE1 ? A GLU 72 ? A GLU 48 ? 1_555 TB ? C TB . ? A TB 202 ? 1_555 OE2 ? A GLU 72  ? A GLU 48  ? 1_555 12.7  ? 
11 OE1 ? A GLU 32 ? A GLU 8  ? 1_555 TB ? C TB . ? A TB 202 ? 1_555 NH2 ? A ARG 168 ? A ARG 144 ? 1_555 46.9  ? 
12 OE1 ? A GLU 34 ? A GLU 10 ? 1_555 TB ? C TB . ? A TB 202 ? 1_555 NH2 ? A ARG 168 ? A ARG 144 ? 1_555 110.4 ? 
13 OE2 ? A GLU 34 ? A GLU 10 ? 1_555 TB ? C TB . ? A TB 202 ? 1_555 NH2 ? A ARG 168 ? A ARG 144 ? 1_555 102.0 ? 
14 OE1 ? A GLU 72 ? A GLU 48 ? 1_555 TB ? C TB . ? A TB 202 ? 1_555 NH2 ? A ARG 168 ? A ARG 144 ? 1_555 129.8 ? 
15 OE2 ? A GLU 72 ? A GLU 48 ? 1_555 TB ? C TB . ? A TB 202 ? 1_555 NH2 ? A ARG 168 ? A ARG 144 ? 1_555 130.8 ? 
# 
_pdbx_audit_revision_history.ordinal             1 
_pdbx_audit_revision_history.data_content_type   'Structure model' 
_pdbx_audit_revision_history.major_revision      1 
_pdbx_audit_revision_history.minor_revision      0 
_pdbx_audit_revision_history.revision_date       2023-10-04 
# 
_pdbx_audit_revision_details.ordinal             1 
_pdbx_audit_revision_details.revision_ordinal    1 
_pdbx_audit_revision_details.data_content_type   'Structure model' 
_pdbx_audit_revision_details.provider            repository 
_pdbx_audit_revision_details.type                'Initial release' 
_pdbx_audit_revision_details.description         ? 
_pdbx_audit_revision_details.details             ? 
# 
loop_
_software.citation_id 
_software.classification 
_software.compiler_name 
_software.compiler_version 
_software.contact_author 
_software.contact_author_email 
_software.date 
_software.description 
_software.dependencies 
_software.hardware 
_software.language 
_software.location 
_software.mods 
_software.name 
_software.os 
_software.os_version 
_software.type 
_software.version 
_software.pdbx_ordinal 
? refinement        ? ? ? ? ? ? ? ? ? ? ? REFMAC      ? ? ? 5.8.0258 1 
? 'data reduction'  ? ? ? ? ? ? ? ? ? ? ? XDS         ? ? ? .        2 
? 'data scaling'    ? ? ? ? ? ? ? ? ? ? ? Aimless     ? ? ? .        3 
? 'data extraction' ? ? ? ? ? ? ? ? ? ? ? PDB_EXTRACT ? ? ? 3.27     4 
? phasing           ? ? ? ? ? ? ? ? ? ? ? MOLREP      ? ? ? .        5 
# 
_pdbx_entry_details.entry_id                 8BL6 
_pdbx_entry_details.nonpolymer_details       ? 
_pdbx_entry_details.sequence_details         ? 
_pdbx_entry_details.compound_details         ? 
_pdbx_entry_details.source_details           ? 
_pdbx_entry_details.has_ligand_of_interest   N 
# 
_pdbx_validate_close_contact.id               1 
_pdbx_validate_close_contact.PDB_model_num    1 
_pdbx_validate_close_contact.auth_atom_id_1   OE2 
_pdbx_validate_close_contact.auth_asym_id_1   A 
_pdbx_validate_close_contact.auth_comp_id_1   GLU 
_pdbx_validate_close_contact.auth_seq_id_1    27 
_pdbx_validate_close_contact.PDB_ins_code_1   ? 
_pdbx_validate_close_contact.label_alt_id_1   ? 
_pdbx_validate_close_contact.auth_atom_id_2   TB 
_pdbx_validate_close_contact.auth_asym_id_2   A 
_pdbx_validate_close_contact.auth_comp_id_2   TB 
_pdbx_validate_close_contact.auth_seq_id_2    203 
_pdbx_validate_close_contact.PDB_ins_code_2   ? 
_pdbx_validate_close_contact.label_alt_id_2   ? 
_pdbx_validate_close_contact.dist             1.92 
# 
loop_
_pdbx_validate_torsion.id 
_pdbx_validate_torsion.PDB_model_num 
_pdbx_validate_torsion.auth_comp_id 
_pdbx_validate_torsion.auth_asym_id 
_pdbx_validate_torsion.auth_seq_id 
_pdbx_validate_torsion.PDB_ins_code 
_pdbx_validate_torsion.label_alt_id 
_pdbx_validate_torsion.phi 
_pdbx_validate_torsion.psi 
1 1 GLU A 10  ? ? -57.19  83.29   
2 1 ALA A 53  ? ? -162.55 119.17  
3 1 PHE A 59  ? ? -96.31  30.94   
4 1 PRO A 139 ? ? -55.44  -4.45   
5 1 TRP A 151 ? ? -126.71 -113.48 
# 
loop_
_pdbx_unobs_or_zero_occ_residues.id 
_pdbx_unobs_or_zero_occ_residues.PDB_model_num 
_pdbx_unobs_or_zero_occ_residues.polymer_flag 
_pdbx_unobs_or_zero_occ_residues.occupancy_flag 
_pdbx_unobs_or_zero_occ_residues.auth_asym_id 
_pdbx_unobs_or_zero_occ_residues.auth_comp_id 
_pdbx_unobs_or_zero_occ_residues.auth_seq_id 
_pdbx_unobs_or_zero_occ_residues.PDB_ins_code 
_pdbx_unobs_or_zero_occ_residues.label_asym_id 
_pdbx_unobs_or_zero_occ_residues.label_comp_id 
_pdbx_unobs_or_zero_occ_residues.label_seq_id 
1  1 Y 1 A MET -23 ? A MET 1   
2  1 Y 1 A GLY -22 ? A GLY 2   
3  1 Y 1 A SER -21 ? A SER 3   
4  1 Y 1 A SER -20 ? A SER 4   
5  1 Y 1 A HIS -19 ? A HIS 5   
6  1 Y 1 A HIS -18 ? A HIS 6   
7  1 Y 1 A HIS -17 ? A HIS 7   
8  1 Y 1 A HIS -16 ? A HIS 8   
9  1 Y 1 A HIS -15 ? A HIS 9   
10 1 Y 1 A HIS -14 ? A HIS 10  
11 1 Y 1 A SER -13 ? A SER 11  
12 1 Y 1 A SER -12 ? A SER 12  
13 1 Y 1 A GLY -11 ? A GLY 13  
14 1 Y 1 A GLU -10 ? A GLU 14  
15 1 Y 1 A ASN -9  ? A ASN 15  
16 1 Y 1 A LEU -8  ? A LEU 16  
17 1 Y 1 A TYR -7  ? A TYR 17  
18 1 Y 1 A PHE -6  ? A PHE 18  
19 1 Y 1 A GLN -5  ? A GLN 19  
20 1 Y 1 A GLY -4  ? A GLY 20  
21 1 Y 1 A HIS -3  ? A HIS 21  
22 1 Y 1 A MET -2  ? A MET 22  
23 1 Y 1 A GLY -1  ? A GLY 23  
24 1 Y 1 A SER 0   ? A SER 24  
25 1 Y 1 A ASP 70  ? A ASP 94  
26 1 Y 1 A ASP 71  ? A ASP 95  
27 1 Y 1 A LYS 72  ? A LYS 96  
28 1 Y 1 A ASP 73  ? A ASP 97  
29 1 Y 1 A GLY 74  ? A GLY 98  
30 1 Y 1 A ASP 75  ? A ASP 99  
31 1 Y 1 A GLY 76  ? A GLY 100 
32 1 Y 1 A TYR 77  ? A TYR 101 
33 1 Y 1 A ILE 78  ? A ILE 102 
34 1 Y 1 A SER 79  ? A SER 103 
35 1 Y 1 A ALA 80  ? A ALA 104 
36 1 Y 1 A ALA 81  ? A ALA 105 
37 1 Y 1 A GLU 82  ? A GLU 106 
# 
loop_
_chem_comp_atom.comp_id 
_chem_comp_atom.atom_id 
_chem_comp_atom.type_symbol 
_chem_comp_atom.pdbx_aromatic_flag 
_chem_comp_atom.pdbx_stereo_config 
_chem_comp_atom.pdbx_ordinal 
ALA N    N  N N 1   
ALA CA   C  N S 2   
ALA C    C  N N 3   
ALA O    O  N N 4   
ALA CB   C  N N 5   
ALA OXT  O  N N 6   
ALA H    H  N N 7   
ALA H2   H  N N 8   
ALA HA   H  N N 9   
ALA HB1  H  N N 10  
ALA HB2  H  N N 11  
ALA HB3  H  N N 12  
ALA HXT  H  N N 13  
ARG N    N  N N 14  
ARG CA   C  N S 15  
ARG C    C  N N 16  
ARG O    O  N N 17  
ARG CB   C  N N 18  
ARG CG   C  N N 19  
ARG CD   C  N N 20  
ARG NE   N  N N 21  
ARG CZ   C  N N 22  
ARG NH1  N  N N 23  
ARG NH2  N  N N 24  
ARG OXT  O  N N 25  
ARG H    H  N N 26  
ARG H2   H  N N 27  
ARG HA   H  N N 28  
ARG HB2  H  N N 29  
ARG HB3  H  N N 30  
ARG HG2  H  N N 31  
ARG HG3  H  N N 32  
ARG HD2  H  N N 33  
ARG HD3  H  N N 34  
ARG HE   H  N N 35  
ARG HH11 H  N N 36  
ARG HH12 H  N N 37  
ARG HH21 H  N N 38  
ARG HH22 H  N N 39  
ARG HXT  H  N N 40  
ASN N    N  N N 41  
ASN CA   C  N S 42  
ASN C    C  N N 43  
ASN O    O  N N 44  
ASN CB   C  N N 45  
ASN CG   C  N N 46  
ASN OD1  O  N N 47  
ASN ND2  N  N N 48  
ASN OXT  O  N N 49  
ASN H    H  N N 50  
ASN H2   H  N N 51  
ASN HA   H  N N 52  
ASN HB2  H  N N 53  
ASN HB3  H  N N 54  
ASN HD21 H  N N 55  
ASN HD22 H  N N 56  
ASN HXT  H  N N 57  
ASP N    N  N N 58  
ASP CA   C  N S 59  
ASP C    C  N N 60  
ASP O    O  N N 61  
ASP CB   C  N N 62  
ASP CG   C  N N 63  
ASP OD1  O  N N 64  
ASP OD2  O  N N 65  
ASP OXT  O  N N 66  
ASP H    H  N N 67  
ASP H2   H  N N 68  
ASP HA   H  N N 69  
ASP HB2  H  N N 70  
ASP HB3  H  N N 71  
ASP HD2  H  N N 72  
ASP HXT  H  N N 73  
GLN N    N  N N 74  
GLN CA   C  N S 75  
GLN C    C  N N 76  
GLN O    O  N N 77  
GLN CB   C  N N 78  
GLN CG   C  N N 79  
GLN CD   C  N N 80  
GLN OE1  O  N N 81  
GLN NE2  N  N N 82  
GLN OXT  O  N N 83  
GLN H    H  N N 84  
GLN H2   H  N N 85  
GLN HA   H  N N 86  
GLN HB2  H  N N 87  
GLN HB3  H  N N 88  
GLN HG2  H  N N 89  
GLN HG3  H  N N 90  
GLN HE21 H  N N 91  
GLN HE22 H  N N 92  
GLN HXT  H  N N 93  
GLU N    N  N N 94  
GLU CA   C  N S 95  
GLU C    C  N N 96  
GLU O    O  N N 97  
GLU CB   C  N N 98  
GLU CG   C  N N 99  
GLU CD   C  N N 100 
GLU OE1  O  N N 101 
GLU OE2  O  N N 102 
GLU OXT  O  N N 103 
GLU H    H  N N 104 
GLU H2   H  N N 105 
GLU HA   H  N N 106 
GLU HB2  H  N N 107 
GLU HB3  H  N N 108 
GLU HG2  H  N N 109 
GLU HG3  H  N N 110 
GLU HE2  H  N N 111 
GLU HXT  H  N N 112 
GLY N    N  N N 113 
GLY CA   C  N N 114 
GLY C    C  N N 115 
GLY O    O  N N 116 
GLY OXT  O  N N 117 
GLY H    H  N N 118 
GLY H2   H  N N 119 
GLY HA2  H  N N 120 
GLY HA3  H  N N 121 
GLY HXT  H  N N 122 
GOL C1   C  N N 123 
GOL O1   O  N N 124 
GOL C2   C  N N 125 
GOL O2   O  N N 126 
GOL C3   C  N N 127 
GOL O3   O  N N 128 
GOL H11  H  N N 129 
GOL H12  H  N N 130 
GOL HO1  H  N N 131 
GOL H2   H  N N 132 
GOL HO2  H  N N 133 
GOL H31  H  N N 134 
GOL H32  H  N N 135 
GOL HO3  H  N N 136 
HIS N    N  N N 137 
HIS CA   C  N S 138 
HIS C    C  N N 139 
HIS O    O  N N 140 
HIS CB   C  N N 141 
HIS CG   C  Y N 142 
HIS ND1  N  Y N 143 
HIS CD2  C  Y N 144 
HIS CE1  C  Y N 145 
HIS NE2  N  Y N 146 
HIS OXT  O  N N 147 
HIS H    H  N N 148 
HIS H2   H  N N 149 
HIS HA   H  N N 150 
HIS HB2  H  N N 151 
HIS HB3  H  N N 152 
HIS HD1  H  N N 153 
HIS HD2  H  N N 154 
HIS HE1  H  N N 155 
HIS HE2  H  N N 156 
HIS HXT  H  N N 157 
ILE N    N  N N 158 
ILE CA   C  N S 159 
ILE C    C  N N 160 
ILE O    O  N N 161 
ILE CB   C  N S 162 
ILE CG1  C  N N 163 
ILE CG2  C  N N 164 
ILE CD1  C  N N 165 
ILE OXT  O  N N 166 
ILE H    H  N N 167 
ILE H2   H  N N 168 
ILE HA   H  N N 169 
ILE HB   H  N N 170 
ILE HG12 H  N N 171 
ILE HG13 H  N N 172 
ILE HG21 H  N N 173 
ILE HG22 H  N N 174 
ILE HG23 H  N N 175 
ILE HD11 H  N N 176 
ILE HD12 H  N N 177 
ILE HD13 H  N N 178 
ILE HXT  H  N N 179 
LEU N    N  N N 180 
LEU CA   C  N S 181 
LEU C    C  N N 182 
LEU O    O  N N 183 
LEU CB   C  N N 184 
LEU CG   C  N N 185 
LEU CD1  C  N N 186 
LEU CD2  C  N N 187 
LEU OXT  O  N N 188 
LEU H    H  N N 189 
LEU H2   H  N N 190 
LEU HA   H  N N 191 
LEU HB2  H  N N 192 
LEU HB3  H  N N 193 
LEU HG   H  N N 194 
LEU HD11 H  N N 195 
LEU HD12 H  N N 196 
LEU HD13 H  N N 197 
LEU HD21 H  N N 198 
LEU HD22 H  N N 199 
LEU HD23 H  N N 200 
LEU HXT  H  N N 201 
LYS N    N  N N 202 
LYS CA   C  N S 203 
LYS C    C  N N 204 
LYS O    O  N N 205 
LYS CB   C  N N 206 
LYS CG   C  N N 207 
LYS CD   C  N N 208 
LYS CE   C  N N 209 
LYS NZ   N  N N 210 
LYS OXT  O  N N 211 
LYS H    H  N N 212 
LYS H2   H  N N 213 
LYS HA   H  N N 214 
LYS HB2  H  N N 215 
LYS HB3  H  N N 216 
LYS HG2  H  N N 217 
LYS HG3  H  N N 218 
LYS HD2  H  N N 219 
LYS HD3  H  N N 220 
LYS HE2  H  N N 221 
LYS HE3  H  N N 222 
LYS HZ1  H  N N 223 
LYS HZ2  H  N N 224 
LYS HZ3  H  N N 225 
LYS HXT  H  N N 226 
MET N    N  N N 227 
MET CA   C  N S 228 
MET C    C  N N 229 
MET O    O  N N 230 
MET CB   C  N N 231 
MET CG   C  N N 232 
MET SD   S  N N 233 
MET CE   C  N N 234 
MET OXT  O  N N 235 
MET H    H  N N 236 
MET H2   H  N N 237 
MET HA   H  N N 238 
MET HB2  H  N N 239 
MET HB3  H  N N 240 
MET HG2  H  N N 241 
MET HG3  H  N N 242 
MET HE1  H  N N 243 
MET HE2  H  N N 244 
MET HE3  H  N N 245 
MET HXT  H  N N 246 
PHE N    N  N N 247 
PHE CA   C  N S 248 
PHE C    C  N N 249 
PHE O    O  N N 250 
PHE CB   C  N N 251 
PHE CG   C  Y N 252 
PHE CD1  C  Y N 253 
PHE CD2  C  Y N 254 
PHE CE1  C  Y N 255 
PHE CE2  C  Y N 256 
PHE CZ   C  Y N 257 
PHE OXT  O  N N 258 
PHE H    H  N N 259 
PHE H2   H  N N 260 
PHE HA   H  N N 261 
PHE HB2  H  N N 262 
PHE HB3  H  N N 263 
PHE HD1  H  N N 264 
PHE HD2  H  N N 265 
PHE HE1  H  N N 266 
PHE HE2  H  N N 267 
PHE HZ   H  N N 268 
PHE HXT  H  N N 269 
PRO N    N  N N 270 
PRO CA   C  N S 271 
PRO C    C  N N 272 
PRO O    O  N N 273 
PRO CB   C  N N 274 
PRO CG   C  N N 275 
PRO CD   C  N N 276 
PRO OXT  O  N N 277 
PRO H    H  N N 278 
PRO HA   H  N N 279 
PRO HB2  H  N N 280 
PRO HB3  H  N N 281 
PRO HG2  H  N N 282 
PRO HG3  H  N N 283 
PRO HD2  H  N N 284 
PRO HD3  H  N N 285 
PRO HXT  H  N N 286 
SER N    N  N N 287 
SER CA   C  N S 288 
SER C    C  N N 289 
SER O    O  N N 290 
SER CB   C  N N 291 
SER OG   O  N N 292 
SER OXT  O  N N 293 
SER H    H  N N 294 
SER H2   H  N N 295 
SER HA   H  N N 296 
SER HB2  H  N N 297 
SER HB3  H  N N 298 
SER HG   H  N N 299 
SER HXT  H  N N 300 
TB  TB   TB N N 301 
THR N    N  N N 302 
THR CA   C  N S 303 
THR C    C  N N 304 
THR O    O  N N 305 
THR CB   C  N R 306 
THR OG1  O  N N 307 
THR CG2  C  N N 308 
THR OXT  O  N N 309 
THR H    H  N N 310 
THR H2   H  N N 311 
THR HA   H  N N 312 
THR HB   H  N N 313 
THR HG1  H  N N 314 
THR HG21 H  N N 315 
THR HG22 H  N N 316 
THR HG23 H  N N 317 
THR HXT  H  N N 318 
TRP N    N  N N 319 
TRP CA   C  N S 320 
TRP C    C  N N 321 
TRP O    O  N N 322 
TRP CB   C  N N 323 
TRP CG   C  Y N 324 
TRP CD1  C  Y N 325 
TRP CD2  C  Y N 326 
TRP NE1  N  Y N 327 
TRP CE2  C  Y N 328 
TRP CE3  C  Y N 329 
TRP CZ2  C  Y N 330 
TRP CZ3  C  Y N 331 
TRP CH2  C  Y N 332 
TRP OXT  O  N N 333 
TRP H    H  N N 334 
TRP H2   H  N N 335 
TRP HA   H  N N 336 
TRP HB2  H  N N 337 
TRP HB3  H  N N 338 
TRP HD1  H  N N 339 
TRP HE1  H  N N 340 
TRP HE3  H  N N 341 
TRP HZ2  H  N N 342 
TRP HZ3  H  N N 343 
TRP HH2  H  N N 344 
TRP HXT  H  N N 345 
TYR N    N  N N 346 
TYR CA   C  N S 347 
TYR C    C  N N 348 
TYR O    O  N N 349 
TYR CB   C  N N 350 
TYR CG   C  Y N 351 
TYR CD1  C  Y N 352 
TYR CD2  C  Y N 353 
TYR CE1  C  Y N 354 
TYR CE2  C  Y N 355 
TYR CZ   C  Y N 356 
TYR OH   O  N N 357 
TYR OXT  O  N N 358 
TYR H    H  N N 359 
TYR H2   H  N N 360 
TYR HA   H  N N 361 
TYR HB2  H  N N 362 
TYR HB3  H  N N 363 
TYR HD1  H  N N 364 
TYR HD2  H  N N 365 
TYR HE1  H  N N 366 
TYR HE2  H  N N 367 
TYR HH   H  N N 368 
TYR HXT  H  N N 369 
VAL N    N  N N 370 
VAL CA   C  N S 371 
VAL C    C  N N 372 
VAL O    O  N N 373 
VAL CB   C  N N 374 
VAL CG1  C  N N 375 
VAL CG2  C  N N 376 
VAL OXT  O  N N 377 
VAL H    H  N N 378 
VAL H2   H  N N 379 
VAL HA   H  N N 380 
VAL HB   H  N N 381 
VAL HG11 H  N N 382 
VAL HG12 H  N N 383 
VAL HG13 H  N N 384 
VAL HG21 H  N N 385 
VAL HG22 H  N N 386 
VAL HG23 H  N N 387 
VAL HXT  H  N N 388 
# 
loop_
_chem_comp_bond.comp_id 
_chem_comp_bond.atom_id_1 
_chem_comp_bond.atom_id_2 
_chem_comp_bond.value_order 
_chem_comp_bond.pdbx_aromatic_flag 
_chem_comp_bond.pdbx_stereo_config 
_chem_comp_bond.pdbx_ordinal 
ALA N   CA   sing N N 1   
ALA N   H    sing N N 2   
ALA N   H2   sing N N 3   
ALA CA  C    sing N N 4   
ALA CA  CB   sing N N 5   
ALA CA  HA   sing N N 6   
ALA C   O    doub N N 7   
ALA C   OXT  sing N N 8   
ALA CB  HB1  sing N N 9   
ALA CB  HB2  sing N N 10  
ALA CB  HB3  sing N N 11  
ALA OXT HXT  sing N N 12  
ARG N   CA   sing N N 13  
ARG N   H    sing N N 14  
ARG N   H2   sing N N 15  
ARG CA  C    sing N N 16  
ARG CA  CB   sing N N 17  
ARG CA  HA   sing N N 18  
ARG C   O    doub N N 19  
ARG C   OXT  sing N N 20  
ARG CB  CG   sing N N 21  
ARG CB  HB2  sing N N 22  
ARG CB  HB3  sing N N 23  
ARG CG  CD   sing N N 24  
ARG CG  HG2  sing N N 25  
ARG CG  HG3  sing N N 26  
ARG CD  NE   sing N N 27  
ARG CD  HD2  sing N N 28  
ARG CD  HD3  sing N N 29  
ARG NE  CZ   sing N N 30  
ARG NE  HE   sing N N 31  
ARG CZ  NH1  sing N N 32  
ARG CZ  NH2  doub N N 33  
ARG NH1 HH11 sing N N 34  
ARG NH1 HH12 sing N N 35  
ARG NH2 HH21 sing N N 36  
ARG NH2 HH22 sing N N 37  
ARG OXT HXT  sing N N 38  
ASN N   CA   sing N N 39  
ASN N   H    sing N N 40  
ASN N   H2   sing N N 41  
ASN CA  C    sing N N 42  
ASN CA  CB   sing N N 43  
ASN CA  HA   sing N N 44  
ASN C   O    doub N N 45  
ASN C   OXT  sing N N 46  
ASN CB  CG   sing N N 47  
ASN CB  HB2  sing N N 48  
ASN CB  HB3  sing N N 49  
ASN CG  OD1  doub N N 50  
ASN CG  ND2  sing N N 51  
ASN ND2 HD21 sing N N 52  
ASN ND2 HD22 sing N N 53  
ASN OXT HXT  sing N N 54  
ASP N   CA   sing N N 55  
ASP N   H    sing N N 56  
ASP N   H2   sing N N 57  
ASP CA  C    sing N N 58  
ASP CA  CB   sing N N 59  
ASP CA  HA   sing N N 60  
ASP C   O    doub N N 61  
ASP C   OXT  sing N N 62  
ASP CB  CG   sing N N 63  
ASP CB  HB2  sing N N 64  
ASP CB  HB3  sing N N 65  
ASP CG  OD1  doub N N 66  
ASP CG  OD2  sing N N 67  
ASP OD2 HD2  sing N N 68  
ASP OXT HXT  sing N N 69  
GLN N   CA   sing N N 70  
GLN N   H    sing N N 71  
GLN N   H2   sing N N 72  
GLN CA  C    sing N N 73  
GLN CA  CB   sing N N 74  
GLN CA  HA   sing N N 75  
GLN C   O    doub N N 76  
GLN C   OXT  sing N N 77  
GLN CB  CG   sing N N 78  
GLN CB  HB2  sing N N 79  
GLN CB  HB3  sing N N 80  
GLN CG  CD   sing N N 81  
GLN CG  HG2  sing N N 82  
GLN CG  HG3  sing N N 83  
GLN CD  OE1  doub N N 84  
GLN CD  NE2  sing N N 85  
GLN NE2 HE21 sing N N 86  
GLN NE2 HE22 sing N N 87  
GLN OXT HXT  sing N N 88  
GLU N   CA   sing N N 89  
GLU N   H    sing N N 90  
GLU N   H2   sing N N 91  
GLU CA  C    sing N N 92  
GLU CA  CB   sing N N 93  
GLU CA  HA   sing N N 94  
GLU C   O    doub N N 95  
GLU C   OXT  sing N N 96  
GLU CB  CG   sing N N 97  
GLU CB  HB2  sing N N 98  
GLU CB  HB3  sing N N 99  
GLU CG  CD   sing N N 100 
GLU CG  HG2  sing N N 101 
GLU CG  HG3  sing N N 102 
GLU CD  OE1  doub N N 103 
GLU CD  OE2  sing N N 104 
GLU OE2 HE2  sing N N 105 
GLU OXT HXT  sing N N 106 
GLY N   CA   sing N N 107 
GLY N   H    sing N N 108 
GLY N   H2   sing N N 109 
GLY CA  C    sing N N 110 
GLY CA  HA2  sing N N 111 
GLY CA  HA3  sing N N 112 
GLY C   O    doub N N 113 
GLY C   OXT  sing N N 114 
GLY OXT HXT  sing N N 115 
GOL C1  O1   sing N N 116 
GOL C1  C2   sing N N 117 
GOL C1  H11  sing N N 118 
GOL C1  H12  sing N N 119 
GOL O1  HO1  sing N N 120 
GOL C2  O2   sing N N 121 
GOL C2  C3   sing N N 122 
GOL C2  H2   sing N N 123 
GOL O2  HO2  sing N N 124 
GOL C3  O3   sing N N 125 
GOL C3  H31  sing N N 126 
GOL C3  H32  sing N N 127 
GOL O3  HO3  sing N N 128 
HIS N   CA   sing N N 129 
HIS N   H    sing N N 130 
HIS N   H2   sing N N 131 
HIS CA  C    sing N N 132 
HIS CA  CB   sing N N 133 
HIS CA  HA   sing N N 134 
HIS C   O    doub N N 135 
HIS C   OXT  sing N N 136 
HIS CB  CG   sing N N 137 
HIS CB  HB2  sing N N 138 
HIS CB  HB3  sing N N 139 
HIS CG  ND1  sing Y N 140 
HIS CG  CD2  doub Y N 141 
HIS ND1 CE1  doub Y N 142 
HIS ND1 HD1  sing N N 143 
HIS CD2 NE2  sing Y N 144 
HIS CD2 HD2  sing N N 145 
HIS CE1 NE2  sing Y N 146 
HIS CE1 HE1  sing N N 147 
HIS NE2 HE2  sing N N 148 
HIS OXT HXT  sing N N 149 
ILE N   CA   sing N N 150 
ILE N   H    sing N N 151 
ILE N   H2   sing N N 152 
ILE CA  C    sing N N 153 
ILE CA  CB   sing N N 154 
ILE CA  HA   sing N N 155 
ILE C   O    doub N N 156 
ILE C   OXT  sing N N 157 
ILE CB  CG1  sing N N 158 
ILE CB  CG2  sing N N 159 
ILE CB  HB   sing N N 160 
ILE CG1 CD1  sing N N 161 
ILE CG1 HG12 sing N N 162 
ILE CG1 HG13 sing N N 163 
ILE CG2 HG21 sing N N 164 
ILE CG2 HG22 sing N N 165 
ILE CG2 HG23 sing N N 166 
ILE CD1 HD11 sing N N 167 
ILE CD1 HD12 sing N N 168 
ILE CD1 HD13 sing N N 169 
ILE OXT HXT  sing N N 170 
LEU N   CA   sing N N 171 
LEU N   H    sing N N 172 
LEU N   H2   sing N N 173 
LEU CA  C    sing N N 174 
LEU CA  CB   sing N N 175 
LEU CA  HA   sing N N 176 
LEU C   O    doub N N 177 
LEU C   OXT  sing N N 178 
LEU CB  CG   sing N N 179 
LEU CB  HB2  sing N N 180 
LEU CB  HB3  sing N N 181 
LEU CG  CD1  sing N N 182 
LEU CG  CD2  sing N N 183 
LEU CG  HG   sing N N 184 
LEU CD1 HD11 sing N N 185 
LEU CD1 HD12 sing N N 186 
LEU CD1 HD13 sing N N 187 
LEU CD2 HD21 sing N N 188 
LEU CD2 HD22 sing N N 189 
LEU CD2 HD23 sing N N 190 
LEU OXT HXT  sing N N 191 
LYS N   CA   sing N N 192 
LYS N   H    sing N N 193 
LYS N   H2   sing N N 194 
LYS CA  C    sing N N 195 
LYS CA  CB   sing N N 196 
LYS CA  HA   sing N N 197 
LYS C   O    doub N N 198 
LYS C   OXT  sing N N 199 
LYS CB  CG   sing N N 200 
LYS CB  HB2  sing N N 201 
LYS CB  HB3  sing N N 202 
LYS CG  CD   sing N N 203 
LYS CG  HG2  sing N N 204 
LYS CG  HG3  sing N N 205 
LYS CD  CE   sing N N 206 
LYS CD  HD2  sing N N 207 
LYS CD  HD3  sing N N 208 
LYS CE  NZ   sing N N 209 
LYS CE  HE2  sing N N 210 
LYS CE  HE3  sing N N 211 
LYS NZ  HZ1  sing N N 212 
LYS NZ  HZ2  sing N N 213 
LYS NZ  HZ3  sing N N 214 
LYS OXT HXT  sing N N 215 
MET N   CA   sing N N 216 
MET N   H    sing N N 217 
MET N   H2   sing N N 218 
MET CA  C    sing N N 219 
MET CA  CB   sing N N 220 
MET CA  HA   sing N N 221 
MET C   O    doub N N 222 
MET C   OXT  sing N N 223 
MET CB  CG   sing N N 224 
MET CB  HB2  sing N N 225 
MET CB  HB3  sing N N 226 
MET CG  SD   sing N N 227 
MET CG  HG2  sing N N 228 
MET CG  HG3  sing N N 229 
MET SD  CE   sing N N 230 
MET CE  HE1  sing N N 231 
MET CE  HE2  sing N N 232 
MET CE  HE3  sing N N 233 
MET OXT HXT  sing N N 234 
PHE N   CA   sing N N 235 
PHE N   H    sing N N 236 
PHE N   H2   sing N N 237 
PHE CA  C    sing N N 238 
PHE CA  CB   sing N N 239 
PHE CA  HA   sing N N 240 
PHE C   O    doub N N 241 
PHE C   OXT  sing N N 242 
PHE CB  CG   sing N N 243 
PHE CB  HB2  sing N N 244 
PHE CB  HB3  sing N N 245 
PHE CG  CD1  doub Y N 246 
PHE CG  CD2  sing Y N 247 
PHE CD1 CE1  sing Y N 248 
PHE CD1 HD1  sing N N 249 
PHE CD2 CE2  doub Y N 250 
PHE CD2 HD2  sing N N 251 
PHE CE1 CZ   doub Y N 252 
PHE CE1 HE1  sing N N 253 
PHE CE2 CZ   sing Y N 254 
PHE CE2 HE2  sing N N 255 
PHE CZ  HZ   sing N N 256 
PHE OXT HXT  sing N N 257 
PRO N   CA   sing N N 258 
PRO N   CD   sing N N 259 
PRO N   H    sing N N 260 
PRO CA  C    sing N N 261 
PRO CA  CB   sing N N 262 
PRO CA  HA   sing N N 263 
PRO C   O    doub N N 264 
PRO C   OXT  sing N N 265 
PRO CB  CG   sing N N 266 
PRO CB  HB2  sing N N 267 
PRO CB  HB3  sing N N 268 
PRO CG  CD   sing N N 269 
PRO CG  HG2  sing N N 270 
PRO CG  HG3  sing N N 271 
PRO CD  HD2  sing N N 272 
PRO CD  HD3  sing N N 273 
PRO OXT HXT  sing N N 274 
SER N   CA   sing N N 275 
SER N   H    sing N N 276 
SER N   H2   sing N N 277 
SER CA  C    sing N N 278 
SER CA  CB   sing N N 279 
SER CA  HA   sing N N 280 
SER C   O    doub N N 281 
SER C   OXT  sing N N 282 
SER CB  OG   sing N N 283 
SER CB  HB2  sing N N 284 
SER CB  HB3  sing N N 285 
SER OG  HG   sing N N 286 
SER OXT HXT  sing N N 287 
THR N   CA   sing N N 288 
THR N   H    sing N N 289 
THR N   H2   sing N N 290 
THR CA  C    sing N N 291 
THR CA  CB   sing N N 292 
THR CA  HA   sing N N 293 
THR C   O    doub N N 294 
THR C   OXT  sing N N 295 
THR CB  OG1  sing N N 296 
THR CB  CG2  sing N N 297 
THR CB  HB   sing N N 298 
THR OG1 HG1  sing N N 299 
THR CG2 HG21 sing N N 300 
THR CG2 HG22 sing N N 301 
THR CG2 HG23 sing N N 302 
THR OXT HXT  sing N N 303 
TRP N   CA   sing N N 304 
TRP N   H    sing N N 305 
TRP N   H2   sing N N 306 
TRP CA  C    sing N N 307 
TRP CA  CB   sing N N 308 
TRP CA  HA   sing N N 309 
TRP C   O    doub N N 310 
TRP C   OXT  sing N N 311 
TRP CB  CG   sing N N 312 
TRP CB  HB2  sing N N 313 
TRP CB  HB3  sing N N 314 
TRP CG  CD1  doub Y N 315 
TRP CG  CD2  sing Y N 316 
TRP CD1 NE1  sing Y N 317 
TRP CD1 HD1  sing N N 318 
TRP CD2 CE2  doub Y N 319 
TRP CD2 CE3  sing Y N 320 
TRP NE1 CE2  sing Y N 321 
TRP NE1 HE1  sing N N 322 
TRP CE2 CZ2  sing Y N 323 
TRP CE3 CZ3  doub Y N 324 
TRP CE3 HE3  sing N N 325 
TRP CZ2 CH2  doub Y N 326 
TRP CZ2 HZ2  sing N N 327 
TRP CZ3 CH2  sing Y N 328 
TRP CZ3 HZ3  sing N N 329 
TRP CH2 HH2  sing N N 330 
TRP OXT HXT  sing N N 331 
TYR N   CA   sing N N 332 
TYR N   H    sing N N 333 
TYR N   H2   sing N N 334 
TYR CA  C    sing N N 335 
TYR CA  CB   sing N N 336 
TYR CA  HA   sing N N 337 
TYR C   O    doub N N 338 
TYR C   OXT  sing N N 339 
TYR CB  CG   sing N N 340 
TYR CB  HB2  sing N N 341 
TYR CB  HB3  sing N N 342 
TYR CG  CD1  doub Y N 343 
TYR CG  CD2  sing Y N 344 
TYR CD1 CE1  sing Y N 345 
TYR CD1 HD1  sing N N 346 
TYR CD2 CE2  doub Y N 347 
TYR CD2 HD2  sing N N 348 
TYR CE1 CZ   doub Y N 349 
TYR CE1 HE1  sing N N 350 
TYR CE2 CZ   sing Y N 351 
TYR CE2 HE2  sing N N 352 
TYR CZ  OH   sing N N 353 
TYR OH  HH   sing N N 354 
TYR OXT HXT  sing N N 355 
VAL N   CA   sing N N 356 
VAL N   H    sing N N 357 
VAL N   H2   sing N N 358 
VAL CA  C    sing N N 359 
VAL CA  CB   sing N N 360 
VAL CA  HA   sing N N 361 
VAL C   O    doub N N 362 
VAL C   OXT  sing N N 363 
VAL CB  CG1  sing N N 364 
VAL CB  CG2  sing N N 365 
VAL CB  HB   sing N N 366 
VAL CG1 HG11 sing N N 367 
VAL CG1 HG12 sing N N 368 
VAL CG1 HG13 sing N N 369 
VAL CG2 HG21 sing N N 370 
VAL CG2 HG22 sing N N 371 
VAL CG2 HG23 sing N N 372 
VAL OXT HXT  sing N N 373 
# 
loop_
_pdbx_audit_support.funding_organization 
_pdbx_audit_support.country 
_pdbx_audit_support.grant_number 
_pdbx_audit_support.ordinal 
'European Molecular Biology Organization (EMBO)'            'European Union' 'ALTF 145-2021' 1 
'Spanish Ministry of Science, Innovation, and Universities' Spain            ?               2 
# 
loop_
_pdbx_entity_nonpoly.entity_id 
_pdbx_entity_nonpoly.name 
_pdbx_entity_nonpoly.comp_id 
2 GLYCEROL           GOL 
3 'TERBIUM(III) ION' TB  
# 
_pdbx_struct_assembly_auth_evidence.id                     1 
_pdbx_struct_assembly_auth_evidence.assembly_id            1 
_pdbx_struct_assembly_auth_evidence.experimental_support   'gel filtration' 
_pdbx_struct_assembly_auth_evidence.details                ? 
# 
